data_4YB4
#
_entry.id   4YB4
#
_cell.length_a   159.663
_cell.length_b   159.663
_cell.length_c   148.517
_cell.angle_alpha   90.00
_cell.angle_beta   90.00
_cell.angle_gamma   90.00
#
_symmetry.space_group_name_H-M   'P 43 21 2'
#
loop_
_entity.id
_entity.type
_entity.pdbx_description
1 polymer 'Homoisocitrate dehydrogenase'
2 non-polymer 'MAGNESIUM ION'
3 non-polymer '(1R,2S)-1-hydroxybutane-1,2,4-tricarboxylic acid'
4 non-polymer '1,4-DIHYDRONICOTINAMIDE ADENINE DINUCLEOTIDE'
5 non-polymer GLYCEROL
6 non-polymer 'SULFATE ION'
7 water water
#
_entity_poly.entity_id   1
_entity_poly.type   'polypeptide(L)'
_entity_poly.pdbx_seq_one_letter_code
;MAYRICLIEGDGIGHEVIPAARRVLEATGLPLEFVEAEAGWETFERRGTSVPEETVEKILSCHATLFGAATSPTRKVPGF
FGAIRYLRRRLDLYANVRPAKSRPVPGSRPGVDLVIVRENTEGLYVEQERRYLDVAIADAVISKKASERIGRAALRIAEG
RPRKTLHIAHKANVLPLTQGLFLDTVKEVAKDFPLVNVQDIIVDNCAMQLVMRPERFDVIVTTNLLGDILSDLAAGLVGG
LGLAPSGNIGDTTAVFEPVHGSAPDIAGKGIANPTAAILSAAMMLDYLGEKEAAKRVEKAVDLVLERGPRTPDLGGDATT
EAFTEAVVEALKSL
;
_entity_poly.pdbx_strand_id   A,B,C,D
#
# COMPACT_ATOMS: atom_id res chain seq x y z
N ALA A 2 -32.80 -32.44 17.36
CA ALA A 2 -32.10 -31.46 18.25
C ALA A 2 -31.30 -30.44 17.45
N TYR A 3 -30.97 -29.33 18.11
CA TYR A 3 -29.99 -28.39 17.59
C TYR A 3 -28.60 -28.82 18.01
N ARG A 4 -27.66 -28.85 17.08
CA ARG A 4 -26.25 -29.09 17.39
C ARG A 4 -25.57 -27.75 17.64
N ILE A 5 -25.04 -27.59 18.86
CA ILE A 5 -24.42 -26.35 19.33
C ILE A 5 -22.95 -26.59 19.59
N CYS A 6 -22.08 -25.88 18.88
CA CYS A 6 -20.66 -26.04 19.08
C CYS A 6 -20.20 -25.08 20.20
N LEU A 7 -19.41 -25.61 21.13
CA LEU A 7 -18.96 -24.87 22.30
C LEU A 7 -17.47 -24.79 22.30
N ILE A 8 -16.95 -23.57 22.32
CA ILE A 8 -15.52 -23.35 22.37
C ILE A 8 -15.22 -22.42 23.52
N GLU A 9 -14.36 -22.89 24.41
CA GLU A 9 -14.06 -22.18 25.64
C GLU A 9 -13.04 -21.08 25.40
N GLY A 10 -11.97 -21.41 24.72
CA GLY A 10 -10.89 -20.48 24.54
C GLY A 10 -9.99 -20.47 25.76
N ASP A 11 -9.50 -19.28 26.11
CA ASP A 11 -8.57 -19.10 27.21
C ASP A 11 -9.19 -18.28 28.33
N GLY A 12 -8.50 -18.22 29.47
CA GLY A 12 -8.93 -17.40 30.60
C GLY A 12 -10.37 -17.61 31.01
N ILE A 13 -11.11 -16.54 31.25
CA ILE A 13 -12.48 -16.68 31.77
C ILE A 13 -13.46 -17.38 30.81
N GLY A 14 -13.04 -17.67 29.60
CA GLY A 14 -13.85 -18.52 28.71
C GLY A 14 -14.09 -19.90 29.30
N HIS A 15 -13.09 -20.44 29.98
CA HIS A 15 -13.22 -21.70 30.73
C HIS A 15 -14.22 -21.65 31.89
N GLU A 16 -14.71 -20.47 32.23
CA GLU A 16 -15.66 -20.31 33.34
C GLU A 16 -17.05 -19.92 32.86
N VAL A 17 -17.13 -18.99 31.89
CA VAL A 17 -18.42 -18.46 31.42
C VAL A 17 -19.12 -19.34 30.37
N ILE A 18 -18.36 -20.11 29.61
CA ILE A 18 -18.97 -21.03 28.63
C ILE A 18 -19.66 -22.24 29.31
N PRO A 19 -19.00 -22.93 30.25
CA PRO A 19 -19.72 -23.97 31.01
C PRO A 19 -21.00 -23.44 31.71
N ALA A 20 -20.93 -22.20 32.20
CA ALA A 20 -22.10 -21.52 32.78
C ALA A 20 -23.25 -21.38 31.78
N ALA A 21 -22.95 -20.88 30.59
CA ALA A 21 -23.96 -20.66 29.57
C ALA A 21 -24.60 -21.99 29.13
N ARG A 22 -23.76 -23.02 29.04
CA ARG A 22 -24.23 -24.37 28.77
C ARG A 22 -25.23 -24.82 29.82
N ARG A 23 -24.87 -24.64 31.08
CA ARG A 23 -25.76 -25.00 32.17
C ARG A 23 -27.14 -24.34 31.99
N VAL A 24 -27.17 -23.06 31.63
CA VAL A 24 -28.45 -22.34 31.45
C VAL A 24 -29.21 -22.81 30.20
N LEU A 25 -28.46 -23.15 29.15
CA LEU A 25 -29.08 -23.72 27.96
C LEU A 25 -29.75 -25.04 28.29
N GLU A 26 -29.02 -25.93 28.97
CA GLU A 26 -29.57 -27.21 29.45
C GLU A 26 -30.88 -27.00 30.20
N ALA A 27 -30.90 -26.00 31.06
CA ALA A 27 -32.08 -25.74 31.87
C ALA A 27 -33.27 -25.14 31.10
N THR A 28 -33.15 -24.92 29.79
CA THR A 28 -34.27 -24.37 29.01
C THR A 28 -35.28 -25.45 28.70
N GLY A 29 -34.82 -26.70 28.65
CA GLY A 29 -35.65 -27.83 28.30
C GLY A 29 -35.79 -28.04 26.80
N LEU A 30 -34.75 -27.68 26.05
CA LEU A 30 -34.75 -27.84 24.58
C LEU A 30 -33.82 -28.99 24.16
N PRO A 31 -34.18 -29.68 23.06
CA PRO A 31 -33.30 -30.73 22.56
C PRO A 31 -31.98 -30.14 22.01
N LEU A 32 -30.90 -30.32 22.75
CA LEU A 32 -29.60 -29.75 22.42
C LEU A 32 -28.48 -30.76 22.56
N GLU A 33 -27.75 -30.99 21.48
CA GLU A 33 -26.52 -31.77 21.53
C GLU A 33 -25.38 -30.77 21.49
N PHE A 34 -24.44 -30.91 22.40
CA PHE A 34 -23.33 -30.00 22.44
C PHE A 34 -22.13 -30.69 21.87
N VAL A 35 -21.30 -29.95 21.14
CA VAL A 35 -20.13 -30.50 20.49
C VAL A 35 -18.90 -29.66 20.83
N GLU A 36 -18.00 -30.25 21.60
CA GLU A 36 -16.88 -29.51 22.11
C GLU A 36 -15.82 -29.34 21.07
N ALA A 37 -15.04 -28.27 21.20
CA ALA A 37 -14.01 -27.92 20.22
C ALA A 37 -13.12 -26.90 20.89
N GLU A 38 -11.89 -26.77 20.40
CA GLU A 38 -10.94 -25.92 21.05
C GLU A 38 -10.35 -24.90 20.11
N ALA A 39 -9.94 -23.76 20.67
CA ALA A 39 -9.28 -22.72 19.93
C ALA A 39 -8.58 -21.75 20.90
N GLY A 40 -7.59 -21.04 20.39
CA GLY A 40 -6.95 -20.00 21.16
C GLY A 40 -5.48 -20.23 21.37
N TRP A 41 -4.96 -19.55 22.40
CA TRP A 41 -3.54 -19.49 22.68
C TRP A 41 -2.99 -20.79 23.32
N GLU A 42 -3.69 -21.35 24.30
CA GLU A 42 -3.28 -22.65 24.82
C GLU A 42 -3.32 -23.66 23.67
N THR A 43 -4.42 -23.64 22.92
CA THR A 43 -4.55 -24.46 21.73
C THR A 43 -3.40 -24.29 20.76
N PHE A 44 -2.92 -23.06 20.55
CA PHE A 44 -1.74 -22.83 19.71
C PHE A 44 -0.52 -23.54 20.30
N GLU A 45 -0.36 -23.47 21.62
CA GLU A 45 0.81 -24.05 22.29
C GLU A 45 0.84 -25.56 22.23
N ARG A 46 -0.31 -26.20 22.42
CA ARG A 46 -0.42 -27.66 22.27
C ARG A 46 -0.28 -28.13 20.81
N ARG A 47 -1.13 -27.62 19.91
CA ARG A 47 -1.30 -28.19 18.57
C ARG A 47 -0.58 -27.41 17.45
N GLY A 48 0.14 -26.34 17.76
CA GLY A 48 0.84 -25.54 16.74
C GLY A 48 -0.01 -24.55 15.93
N THR A 49 -1.33 -24.53 16.16
CA THR A 49 -2.24 -23.55 15.52
C THR A 49 -3.36 -23.13 16.47
N SER A 50 -3.77 -21.86 16.39
CA SER A 50 -4.84 -21.34 17.26
C SER A 50 -6.20 -21.90 16.87
N VAL A 51 -6.38 -22.30 15.61
CA VAL A 51 -7.63 -22.90 15.15
C VAL A 51 -7.36 -24.16 14.31
N PRO A 52 -7.36 -25.34 14.95
CA PRO A 52 -7.29 -26.63 14.23
C PRO A 52 -8.43 -26.79 13.21
N GLU A 53 -8.15 -27.46 12.09
CA GLU A 53 -9.18 -27.71 11.06
C GLU A 53 -10.36 -28.41 11.66
N GLU A 54 -10.07 -29.26 12.63
CA GLU A 54 -11.11 -30.02 13.32
C GLU A 54 -12.17 -29.08 13.92
N THR A 55 -11.71 -27.92 14.42
CA THR A 55 -12.62 -26.95 15.03
C THR A 55 -13.55 -26.25 14.01
N VAL A 56 -12.99 -25.89 12.86
CA VAL A 56 -13.76 -25.30 11.77
C VAL A 56 -14.83 -26.25 11.27
N GLU A 57 -14.41 -27.49 11.14
CA GLU A 57 -15.27 -28.59 10.74
C GLU A 57 -16.43 -28.77 11.72
N LYS A 58 -16.12 -28.75 13.01
CA LYS A 58 -17.16 -28.85 14.03
C LYS A 58 -18.12 -27.66 13.95
N ILE A 59 -17.57 -26.45 13.79
CA ILE A 59 -18.41 -25.26 13.69
C ILE A 59 -19.38 -25.45 12.54
N LEU A 60 -18.83 -25.82 11.37
CA LEU A 60 -19.64 -25.93 10.17
C LEU A 60 -20.58 -27.12 10.21
N SER A 61 -20.41 -28.03 11.16
CA SER A 61 -21.30 -29.17 11.30
C SER A 61 -22.42 -28.95 12.31
N CYS A 62 -22.42 -27.81 13.00
CA CYS A 62 -23.45 -27.50 14.01
C CYS A 62 -24.36 -26.38 13.52
N HIS A 63 -25.51 -26.23 14.17
CA HIS A 63 -26.45 -25.17 13.82
C HIS A 63 -25.97 -23.78 14.27
N ALA A 64 -25.21 -23.73 15.37
CA ALA A 64 -24.54 -22.50 15.78
C ALA A 64 -23.41 -22.80 16.76
N THR A 65 -22.58 -21.80 16.98
CA THR A 65 -21.43 -21.89 17.83
C THR A 65 -21.44 -20.82 18.90
N LEU A 66 -21.00 -21.19 20.08
CA LEU A 66 -20.89 -20.34 21.22
C LEU A 66 -19.47 -20.37 21.68
N PHE A 67 -18.81 -19.23 21.54
CA PHE A 67 -17.40 -19.06 21.72
C PHE A 67 -17.09 -18.30 22.98
N GLY A 68 -16.01 -18.68 23.63
CA GLY A 68 -15.62 -18.04 24.86
C GLY A 68 -14.86 -16.76 24.69
N ALA A 69 -13.56 -16.87 24.52
CA ALA A 69 -12.70 -15.76 24.27
C ALA A 69 -11.33 -16.35 24.19
N ALA A 70 -10.44 -15.74 23.43
CA ALA A 70 -9.10 -16.25 23.31
C ALA A 70 -8.06 -15.17 23.43
N THR A 71 -6.96 -15.50 24.06
CA THR A 71 -5.87 -14.61 24.25
C THR A 71 -5.01 -14.43 23.02
N SER A 72 -4.54 -13.24 22.80
CA SER A 72 -3.59 -13.01 21.72
C SER A 72 -2.48 -12.08 22.21
N PRO A 73 -1.25 -12.29 21.72
CA PRO A 73 -0.12 -11.47 22.15
C PRO A 73 -0.12 -10.09 21.48
N THR A 74 0.78 -9.21 21.92
CA THR A 74 0.96 -7.90 21.33
C THR A 74 2.21 -7.79 20.42
N ARG A 75 2.68 -8.93 19.91
CA ARG A 75 3.83 -8.96 19.00
C ARG A 75 3.67 -10.15 18.08
N LYS A 76 4.32 -10.09 16.92
CA LYS A 76 4.37 -11.24 16.00
C LYS A 76 4.87 -12.50 16.71
N VAL A 77 4.18 -13.60 16.47
CA VAL A 77 4.59 -14.92 16.95
C VAL A 77 4.46 -15.90 15.78
N PRO A 78 5.60 -16.37 15.24
CA PRO A 78 5.50 -17.20 14.02
C PRO A 78 4.54 -18.34 14.25
N GLY A 79 3.58 -18.49 13.33
CA GLY A 79 2.58 -19.54 13.41
C GLY A 79 1.29 -19.14 14.09
N PHE A 80 1.28 -18.02 14.81
CA PHE A 80 0.08 -17.64 15.54
C PHE A 80 -0.76 -16.61 14.81
N PHE A 81 -2.05 -16.88 14.73
CA PHE A 81 -3.04 -15.90 14.28
C PHE A 81 -4.18 -15.87 15.30
N GLY A 82 -4.78 -14.69 15.44
CA GLY A 82 -5.86 -14.48 16.38
C GLY A 82 -7.03 -15.35 15.99
N ALA A 83 -7.57 -16.06 16.98
CA ALA A 83 -8.50 -17.15 16.71
C ALA A 83 -9.82 -16.67 16.17
N ILE A 84 -10.49 -15.78 16.91
CA ILE A 84 -11.81 -15.31 16.51
C ILE A 84 -11.72 -14.54 15.19
N ARG A 85 -10.64 -13.81 15.00
CA ARG A 85 -10.47 -13.07 13.77
C ARG A 85 -10.29 -14.01 12.59
N TYR A 86 -9.60 -15.12 12.80
CA TYR A 86 -9.50 -16.14 11.76
C TYR A 86 -10.88 -16.67 11.40
N LEU A 87 -11.65 -17.07 12.40
CA LEU A 87 -12.99 -17.60 12.16
C LEU A 87 -13.91 -16.58 11.46
N ARG A 88 -13.83 -15.33 11.90
CA ARG A 88 -14.61 -14.25 11.26
C ARG A 88 -14.36 -14.15 9.76
N ARG A 89 -13.09 -14.13 9.37
CA ARG A 89 -12.71 -14.03 7.95
C ARG A 89 -12.95 -15.33 7.18
N ARG A 90 -12.52 -16.46 7.73
CA ARG A 90 -12.63 -17.72 7.02
C ARG A 90 -14.09 -18.14 6.84
N LEU A 91 -14.92 -17.96 7.86
CA LEU A 91 -16.34 -18.30 7.75
C LEU A 91 -17.18 -17.11 7.23
N ASP A 92 -16.53 -15.98 6.95
CA ASP A 92 -17.24 -14.84 6.39
C ASP A 92 -18.43 -14.39 7.27
N LEU A 93 -18.15 -14.23 8.55
CA LEU A 93 -19.14 -13.83 9.53
C LEU A 93 -19.22 -12.32 9.54
N TYR A 94 -19.80 -11.77 8.50
CA TYR A 94 -19.55 -10.37 8.15
C TYR A 94 -20.24 -9.35 9.09
N ALA A 95 -21.34 -9.73 9.74
CA ALA A 95 -22.02 -8.83 10.65
C ALA A 95 -21.76 -9.18 12.12
N ASN A 96 -21.15 -8.25 12.85
CA ASN A 96 -20.95 -8.37 14.27
C ASN A 96 -22.03 -7.52 14.93
N VAL A 97 -23.05 -8.19 15.46
CA VAL A 97 -24.20 -7.54 16.06
C VAL A 97 -23.99 -7.43 17.57
N ARG A 98 -24.05 -6.22 18.08
CA ARG A 98 -23.59 -5.92 19.42
C ARG A 98 -24.59 -4.98 20.15
N PRO A 99 -25.63 -5.56 20.79
CA PRO A 99 -26.63 -4.76 21.49
C PRO A 99 -26.17 -4.25 22.86
N ALA A 100 -26.63 -3.05 23.20
CA ALA A 100 -26.34 -2.42 24.47
C ALA A 100 -27.66 -1.98 25.03
N LYS A 101 -28.07 -2.62 26.12
CA LYS A 101 -29.35 -2.34 26.74
C LYS A 101 -29.23 -2.17 28.27
N SER A 102 -29.94 -1.18 28.79
CA SER A 102 -29.99 -0.95 30.21
C SER A 102 -30.46 -2.18 30.95
N ARG A 103 -29.74 -2.50 32.03
CA ARG A 103 -30.06 -3.60 32.92
C ARG A 103 -30.17 -3.06 34.36
N PRO A 104 -30.98 -3.71 35.21
CA PRO A 104 -31.21 -3.18 36.56
C PRO A 104 -30.04 -3.48 37.50
N VAL A 105 -28.93 -2.75 37.33
CA VAL A 105 -27.74 -2.95 38.15
C VAL A 105 -27.11 -1.59 38.47
N PRO A 106 -26.25 -1.53 39.50
CA PRO A 106 -25.65 -0.25 39.92
C PRO A 106 -24.89 0.52 38.82
N GLY A 107 -24.02 -0.15 38.07
CA GLY A 107 -23.20 0.54 37.06
C GLY A 107 -23.87 0.88 35.72
N SER A 108 -25.21 0.99 35.71
CA SER A 108 -25.96 1.08 34.46
C SER A 108 -26.72 2.38 34.31
N ARG A 109 -26.49 3.07 33.19
CA ARG A 109 -27.36 4.16 32.76
C ARG A 109 -28.69 3.57 32.36
N PRO A 110 -29.78 4.23 32.75
CA PRO A 110 -31.11 3.80 32.32
C PRO A 110 -31.41 4.36 30.96
N GLY A 111 -32.42 3.79 30.30
CA GLY A 111 -32.95 4.30 29.05
C GLY A 111 -32.08 4.06 27.82
N VAL A 112 -31.15 3.13 27.94
CA VAL A 112 -30.32 2.73 26.81
C VAL A 112 -30.85 1.46 26.14
N ASP A 113 -31.05 1.56 24.83
CA ASP A 113 -31.42 0.42 24.03
C ASP A 113 -30.96 0.67 22.59
N LEU A 114 -29.79 0.14 22.25
CA LEU A 114 -29.19 0.40 20.95
C LEU A 114 -28.48 -0.84 20.44
N VAL A 115 -28.25 -0.87 19.13
CA VAL A 115 -27.48 -1.93 18.53
C VAL A 115 -26.40 -1.37 17.65
N ILE A 116 -25.17 -1.81 17.92
CA ILE A 116 -24.05 -1.52 17.08
C ILE A 116 -23.87 -2.70 16.13
N VAL A 117 -23.86 -2.39 14.85
CA VAL A 117 -23.65 -3.37 13.82
C VAL A 117 -22.29 -3.07 13.22
N ARG A 118 -21.29 -3.91 13.51
CA ARG A 118 -19.97 -3.62 13.00
C ARG A 118 -19.54 -4.53 11.87
N GLU A 119 -18.99 -3.91 10.82
CA GLU A 119 -18.46 -4.67 9.69
C GLU A 119 -17.32 -5.50 10.23
N ASN A 120 -17.38 -6.81 9.97
CA ASN A 120 -16.63 -7.82 10.74
C ASN A 120 -15.51 -8.51 9.93
N THR A 121 -15.17 -7.92 8.80
CA THR A 121 -14.45 -8.63 7.74
C THR A 121 -13.20 -7.88 7.20
N GLU A 122 -13.27 -6.55 7.10
CA GLU A 122 -12.27 -5.77 6.39
C GLU A 122 -11.81 -4.55 7.20
N GLY A 123 -11.59 -3.42 6.58
CA GLY A 123 -11.01 -2.27 7.24
C GLY A 123 -9.57 -2.58 7.60
N LEU A 124 -9.19 -2.21 8.82
CA LEU A 124 -7.85 -2.46 9.33
C LEU A 124 -7.63 -3.92 9.72
N TYR A 125 -8.70 -4.73 9.73
CA TYR A 125 -8.62 -6.15 10.16
C TYR A 125 -8.26 -7.10 9.02
N VAL A 126 -7.97 -6.51 7.88
CA VAL A 126 -7.58 -7.24 6.70
C VAL A 126 -6.22 -7.94 6.90
N GLU A 127 -5.45 -7.51 7.90
CA GLU A 127 -4.22 -8.21 8.29
C GLU A 127 -3.16 -8.18 7.20
N GLN A 128 -2.82 -6.99 6.73
CA GLN A 128 -1.82 -6.82 5.67
C GLN A 128 -0.83 -5.74 6.06
N GLU A 129 0.03 -6.07 7.01
CA GLU A 129 1.07 -5.15 7.49
C GLU A 129 2.45 -5.51 6.91
N ARG A 130 3.28 -4.48 6.76
CA ARG A 130 4.65 -4.63 6.33
C ARG A 130 5.50 -3.69 7.15
N ARG A 131 6.76 -4.03 7.32
CA ARG A 131 7.70 -3.21 8.05
C ARG A 131 8.95 -3.05 7.16
N TYR A 132 9.26 -1.81 6.81
CA TYR A 132 10.39 -1.47 5.96
C TYR A 132 11.28 -0.52 6.76
N LEU A 133 12.48 -0.97 7.13
CA LEU A 133 13.36 -0.22 8.04
C LEU A 133 12.57 0.18 9.29
N ASP A 134 12.46 1.47 9.61
CA ASP A 134 11.72 1.86 10.80
C ASP A 134 10.37 2.53 10.49
N VAL A 135 9.72 2.03 9.44
CA VAL A 135 8.40 2.48 9.04
C VAL A 135 7.50 1.24 8.87
N ALA A 136 6.40 1.20 9.60
CA ALA A 136 5.43 0.12 9.41
C ALA A 136 4.15 0.63 8.74
N ILE A 137 3.58 -0.17 7.85
CA ILE A 137 2.39 0.22 7.10
C ILE A 137 1.37 -0.90 7.15
N ALA A 138 0.14 -0.54 7.49
CA ALA A 138 -0.98 -1.47 7.34
C ALA A 138 -1.99 -1.03 6.28
N ASP A 139 -2.58 -1.99 5.57
CA ASP A 139 -3.72 -1.70 4.70
C ASP A 139 -4.98 -1.46 5.52
N ALA A 140 -5.70 -0.41 5.16
CA ALA A 140 -7.07 -0.27 5.64
C ALA A 140 -7.94 -0.34 4.41
N VAL A 141 -8.74 -1.39 4.29
CA VAL A 141 -9.48 -1.64 3.07
C VAL A 141 -10.98 -1.57 3.25
N ILE A 142 -11.63 -0.80 2.39
CA ILE A 142 -13.08 -0.74 2.32
C ILE A 142 -13.55 -1.03 0.89
N SER A 143 -14.41 -2.04 0.77
CA SER A 143 -14.99 -2.42 -0.51
C SER A 143 -16.49 -2.08 -0.57
N LYS A 144 -16.96 -1.76 -1.76
CA LYS A 144 -18.38 -1.48 -1.97
C LYS A 144 -19.20 -2.69 -1.58
N LYS A 145 -18.72 -3.89 -1.90
CA LYS A 145 -19.47 -5.12 -1.62
C LYS A 145 -19.65 -5.34 -0.11
N ALA A 146 -18.56 -5.26 0.64
CA ALA A 146 -18.66 -5.51 2.06
C ALA A 146 -19.53 -4.44 2.71
N SER A 147 -19.46 -3.22 2.17
CA SER A 147 -20.24 -2.11 2.66
C SER A 147 -21.75 -2.26 2.38
N GLU A 148 -22.11 -2.72 1.19
CA GLU A 148 -23.50 -3.03 0.86
C GLU A 148 -24.05 -4.04 1.84
N ARG A 149 -23.26 -5.07 2.08
CA ARG A 149 -23.66 -6.20 2.89
C ARG A 149 -23.95 -5.79 4.35
N ILE A 150 -23.02 -5.06 4.94
CA ILE A 150 -23.16 -4.64 6.32
C ILE A 150 -24.25 -3.58 6.40
N GLY A 151 -24.32 -2.74 5.37
CA GLY A 151 -25.37 -1.75 5.28
C GLY A 151 -26.75 -2.38 5.32
N ARG A 152 -26.98 -3.36 4.46
CA ARG A 152 -28.27 -4.03 4.42
C ARG A 152 -28.58 -4.77 5.72
N ALA A 153 -27.56 -5.33 6.38
CA ALA A 153 -27.80 -6.01 7.65
C ALA A 153 -28.32 -5.04 8.72
N ALA A 154 -27.68 -3.88 8.79
CA ALA A 154 -28.03 -2.86 9.75
C ALA A 154 -29.38 -2.24 9.40
N LEU A 155 -29.65 -2.03 8.11
CA LEU A 155 -30.94 -1.50 7.67
C LEU A 155 -32.10 -2.43 8.05
N ARG A 156 -31.91 -3.74 7.91
CA ARG A 156 -32.95 -4.73 8.25
C ARG A 156 -33.23 -4.72 9.74
N ILE A 157 -32.19 -4.71 10.54
CA ILE A 157 -32.34 -4.62 11.99
C ILE A 157 -33.06 -3.30 12.36
N ALA A 158 -32.67 -2.19 11.76
CA ALA A 158 -33.36 -0.93 12.06
C ALA A 158 -34.84 -1.01 11.64
N GLU A 159 -35.11 -1.57 10.47
CA GLU A 159 -36.49 -1.70 10.00
C GLU A 159 -37.36 -2.53 10.96
N GLY A 160 -36.74 -3.52 11.60
CA GLY A 160 -37.42 -4.41 12.51
C GLY A 160 -37.64 -3.82 13.90
N ARG A 161 -37.14 -2.61 14.15
CA ARG A 161 -37.25 -2.02 15.48
C ARG A 161 -38.20 -0.83 15.44
N PRO A 162 -38.76 -0.46 16.60
CA PRO A 162 -39.81 0.57 16.56
C PRO A 162 -39.34 1.96 16.17
N ARG A 163 -38.15 2.39 16.60
CA ARG A 163 -37.67 3.76 16.32
C ARG A 163 -37.14 3.98 14.90
N LYS A 164 -36.91 2.89 14.16
CA LYS A 164 -36.60 2.95 12.71
C LYS A 164 -35.50 3.93 12.34
N THR A 165 -34.43 3.97 13.13
CA THR A 165 -33.39 4.94 12.94
C THR A 165 -32.05 4.23 12.88
N LEU A 166 -31.24 4.63 11.90
CA LEU A 166 -29.89 4.13 11.74
C LEU A 166 -28.93 5.30 11.72
N HIS A 167 -27.86 5.24 12.52
CA HIS A 167 -26.75 6.19 12.40
C HIS A 167 -25.54 5.49 11.77
N ILE A 168 -24.90 6.17 10.83
CA ILE A 168 -23.67 5.68 10.19
C ILE A 168 -22.49 6.45 10.80
N ALA A 169 -21.71 5.78 11.64
CA ALA A 169 -20.54 6.38 12.27
C ALA A 169 -19.34 6.15 11.36
N HIS A 170 -18.64 7.22 11.04
CA HIS A 170 -17.57 7.20 10.07
C HIS A 170 -16.56 8.30 10.30
N LYS A 171 -15.48 8.27 9.51
CA LYS A 171 -14.48 9.34 9.51
C LYS A 171 -14.13 9.74 8.06
N ALA A 172 -15.17 9.97 7.28
CA ALA A 172 -15.01 10.28 5.86
C ALA A 172 -14.51 11.71 5.65
N ASN A 173 -14.53 12.50 6.71
CA ASN A 173 -13.93 13.83 6.64
C ASN A 173 -12.40 13.76 6.53
N VAL A 174 -11.77 12.76 7.15
CA VAL A 174 -10.33 12.54 7.03
C VAL A 174 -10.00 11.52 5.94
N LEU A 175 -10.88 10.53 5.75
CA LEU A 175 -10.61 9.46 4.78
C LEU A 175 -11.76 9.36 3.79
N PRO A 176 -11.84 10.33 2.89
CA PRO A 176 -12.98 10.37 2.00
C PRO A 176 -13.09 9.17 1.02
N LEU A 177 -11.97 8.53 0.65
CA LEU A 177 -12.07 7.43 -0.28
C LEU A 177 -12.51 6.14 0.42
N THR A 178 -11.92 5.83 1.57
CA THR A 178 -12.26 4.55 2.23
C THR A 178 -13.53 4.71 3.07
N GLN A 179 -13.46 5.56 4.09
CA GLN A 179 -14.62 5.84 4.92
C GLN A 179 -15.75 6.50 4.09
N GLY A 180 -15.39 7.30 3.08
CA GLY A 180 -16.40 7.87 2.17
C GLY A 180 -17.18 6.83 1.38
N LEU A 181 -16.47 5.82 0.87
CA LEU A 181 -17.07 4.72 0.12
C LEU A 181 -18.07 3.97 1.02
N PHE A 182 -17.68 3.74 2.27
CA PHE A 182 -18.54 3.14 3.29
C PHE A 182 -19.82 3.96 3.48
N LEU A 183 -19.65 5.21 3.87
CA LEU A 183 -20.77 6.14 4.04
C LEU A 183 -21.73 6.11 2.85
N ASP A 184 -21.19 6.35 1.65
CA ASP A 184 -22.02 6.52 0.45
C ASP A 184 -22.74 5.23 0.09
N THR A 185 -22.10 4.10 0.31
CA THR A 185 -22.68 2.83 -0.07
C THR A 185 -23.83 2.50 0.85
N VAL A 186 -23.64 2.70 2.15
CA VAL A 186 -24.71 2.43 3.10
C VAL A 186 -25.90 3.33 2.75
N LYS A 187 -25.63 4.57 2.37
CA LYS A 187 -26.70 5.48 1.92
C LYS A 187 -27.41 4.99 0.65
N GLU A 188 -26.66 4.45 -0.29
CA GLU A 188 -27.26 3.88 -1.50
C GLU A 188 -28.23 2.79 -1.17
N VAL A 189 -27.79 1.80 -0.42
CA VAL A 189 -28.66 0.67 -0.07
C VAL A 189 -29.83 1.14 0.79
N ALA A 190 -29.67 2.23 1.53
CA ALA A 190 -30.79 2.81 2.27
C ALA A 190 -32.01 3.18 1.41
N LYS A 191 -31.82 3.41 0.12
CA LYS A 191 -32.96 3.71 -0.76
C LYS A 191 -34.00 2.57 -0.87
N ASP A 192 -33.57 1.33 -0.70
CA ASP A 192 -34.49 0.19 -0.56
C ASP A 192 -35.20 0.08 0.81
N PHE A 193 -34.95 0.98 1.75
CA PHE A 193 -35.52 0.88 3.10
C PHE A 193 -36.11 2.22 3.43
N PRO A 194 -37.14 2.62 2.68
CA PRO A 194 -37.70 3.96 2.86
C PRO A 194 -38.23 4.21 4.26
N LEU A 195 -38.63 3.13 4.95
CA LEU A 195 -39.11 3.24 6.34
C LEU A 195 -38.04 3.72 7.34
N VAL A 196 -36.76 3.53 7.04
CA VAL A 196 -35.70 3.84 8.01
C VAL A 196 -35.23 5.30 7.89
N ASN A 197 -35.14 6.01 8.99
CA ASN A 197 -34.49 7.30 9.01
C ASN A 197 -32.98 7.07 9.13
N VAL A 198 -32.22 7.54 8.15
CA VAL A 198 -30.78 7.30 8.12
C VAL A 198 -30.00 8.60 8.34
N GLN A 199 -29.14 8.62 9.35
CA GLN A 199 -28.31 9.78 9.69
C GLN A 199 -26.84 9.40 9.63
N ASP A 200 -25.97 10.36 9.39
CA ASP A 200 -24.54 10.10 9.50
C ASP A 200 -23.93 10.95 10.61
N ILE A 201 -22.88 10.41 11.21
CA ILE A 201 -22.26 11.06 12.33
C ILE A 201 -20.78 10.73 12.32
N ILE A 202 -19.96 11.74 12.58
CA ILE A 202 -18.51 11.52 12.63
C ILE A 202 -18.20 10.75 13.92
N VAL A 203 -17.44 9.68 13.79
CA VAL A 203 -17.23 8.75 14.90
C VAL A 203 -16.76 9.36 16.22
N ASP A 204 -15.97 10.42 16.20
CA ASP A 204 -15.54 11.04 17.47
C ASP A 204 -16.73 11.69 18.18
N ASN A 205 -17.47 12.53 17.47
CA ASN A 205 -18.74 13.05 17.95
C ASN A 205 -19.66 11.92 18.42
N CYS A 206 -19.69 10.83 17.68
CA CYS A 206 -20.51 9.68 18.07
C CYS A 206 -20.11 9.12 19.44
N ALA A 207 -18.82 9.02 19.71
CA ALA A 207 -18.36 8.55 21.01
C ALA A 207 -18.83 9.50 22.13
N MET A 208 -18.77 10.81 21.88
CA MET A 208 -19.18 11.80 22.90
C MET A 208 -20.68 11.75 23.13
N GLN A 209 -21.45 11.61 22.05
CA GLN A 209 -22.89 11.47 22.15
C GLN A 209 -23.31 10.19 22.88
N LEU A 210 -22.57 9.11 22.70
CA LEU A 210 -22.86 7.88 23.42
C LEU A 210 -22.63 8.08 24.93
N VAL A 211 -21.62 8.89 25.28
CA VAL A 211 -21.34 9.18 26.68
C VAL A 211 -22.44 10.06 27.27
N MET A 212 -22.87 11.09 26.54
CA MET A 212 -23.84 12.06 27.08
C MET A 212 -25.32 11.72 26.89
N ARG A 213 -25.69 11.19 25.73
CA ARG A 213 -27.09 10.87 25.51
C ARG A 213 -27.30 9.62 24.69
N PRO A 214 -26.88 8.47 25.23
CA PRO A 214 -26.99 7.18 24.55
C PRO A 214 -28.44 6.80 24.21
N GLU A 215 -29.39 7.38 24.93
CA GLU A 215 -30.80 7.13 24.66
C GLU A 215 -31.26 7.64 23.28
N ARG A 216 -30.45 8.44 22.62
CA ARG A 216 -30.79 8.90 21.27
C ARG A 216 -30.54 7.90 20.16
N PHE A 217 -29.86 6.80 20.46
CA PHE A 217 -29.45 5.89 19.42
C PHE A 217 -30.34 4.66 19.36
N ASP A 218 -30.57 4.20 18.15
CA ASP A 218 -31.30 2.97 17.91
C ASP A 218 -30.27 2.00 17.33
N VAL A 219 -29.99 2.10 16.04
CA VAL A 219 -28.98 1.27 15.43
C VAL A 219 -27.83 2.14 14.94
N ILE A 220 -26.61 1.65 15.15
CA ILE A 220 -25.42 2.29 14.69
C ILE A 220 -24.62 1.31 13.86
N VAL A 221 -24.34 1.69 12.61
CA VAL A 221 -23.50 0.88 11.74
C VAL A 221 -22.17 1.59 11.51
N THR A 222 -21.10 0.80 11.52
CA THR A 222 -19.75 1.34 11.36
C THR A 222 -18.73 0.26 10.94
N THR A 223 -17.52 0.71 10.66
CA THR A 223 -16.49 -0.18 10.16
C THR A 223 -15.81 -0.95 11.29
N ASN A 224 -14.81 -1.74 10.96
CA ASN A 224 -14.35 -2.81 11.84
C ASN A 224 -13.73 -2.32 13.17
N LEU A 225 -12.63 -1.57 13.09
CA LEU A 225 -11.97 -1.06 14.28
C LEU A 225 -12.84 -0.05 15.06
N LEU A 226 -13.59 0.75 14.33
CA LEU A 226 -14.43 1.78 14.94
C LEU A 226 -15.47 1.09 15.76
N GLY A 227 -16.02 0.01 15.24
CA GLY A 227 -17.11 -0.67 15.91
C GLY A 227 -16.59 -1.34 17.15
N ASP A 228 -15.34 -1.80 17.09
CA ASP A 228 -14.67 -2.41 18.23
C ASP A 228 -14.62 -1.44 19.40
N ILE A 229 -14.17 -0.22 19.12
CA ILE A 229 -14.06 0.79 20.16
C ILE A 229 -15.45 1.20 20.65
N LEU A 230 -16.38 1.49 19.74
CA LEU A 230 -17.66 2.02 20.14
C LEU A 230 -18.44 0.99 20.96
N SER A 231 -18.26 -0.30 20.68
CA SER A 231 -19.01 -1.34 21.40
C SER A 231 -18.50 -1.59 22.81
N ASP A 232 -17.18 -1.47 23.07
CA ASP A 232 -16.69 -1.50 24.46
C ASP A 232 -17.12 -0.24 25.24
N LEU A 233 -17.15 0.89 24.54
CA LEU A 233 -17.66 2.14 25.14
C LEU A 233 -19.09 1.91 25.62
N ALA A 234 -19.94 1.40 24.74
CA ALA A 234 -21.35 1.18 25.09
C ALA A 234 -21.55 0.14 26.21
N ALA A 235 -20.71 -0.88 26.29
CA ALA A 235 -20.77 -1.81 27.41
C ALA A 235 -20.58 -1.10 28.73
N GLY A 236 -19.64 -0.15 28.78
CA GLY A 236 -19.43 0.68 29.96
C GLY A 236 -20.70 1.39 30.44
N LEU A 237 -21.55 1.79 29.49
CA LEU A 237 -22.73 2.57 29.81
C LEU A 237 -23.77 1.77 30.57
N VAL A 238 -23.82 0.46 30.32
CA VAL A 238 -24.91 -0.36 30.82
C VAL A 238 -24.43 -1.50 31.70
N GLY A 239 -23.38 -1.26 32.49
CA GLY A 239 -22.94 -2.23 33.48
C GLY A 239 -21.61 -2.89 33.20
N GLY A 240 -21.07 -2.71 31.99
CA GLY A 240 -19.73 -3.19 31.70
C GLY A 240 -19.67 -4.49 30.92
N LEU A 241 -18.45 -4.96 30.69
CA LEU A 241 -18.19 -6.12 29.85
C LEU A 241 -18.67 -7.42 30.46
N GLY A 242 -19.02 -7.42 31.75
CA GLY A 242 -19.66 -8.57 32.37
C GLY A 242 -20.99 -8.94 31.75
N LEU A 243 -21.59 -8.00 31.02
CA LEU A 243 -22.94 -8.15 30.54
C LEU A 243 -23.13 -8.14 29.02
N ALA A 244 -22.12 -7.70 28.26
CA ALA A 244 -22.32 -7.39 26.86
C ALA A 244 -22.17 -8.61 25.93
N PRO A 245 -23.24 -8.98 25.18
CA PRO A 245 -23.25 -10.12 24.28
C PRO A 245 -23.04 -9.76 22.81
N SER A 246 -22.73 -10.76 21.98
CA SER A 246 -22.58 -10.54 20.55
C SER A 246 -22.79 -11.78 19.69
N GLY A 247 -23.08 -11.52 18.42
CA GLY A 247 -23.12 -12.55 17.40
C GLY A 247 -22.29 -12.16 16.18
N ASN A 248 -21.47 -13.09 15.71
CA ASN A 248 -20.81 -12.97 14.43
C ASN A 248 -21.65 -13.74 13.40
N ILE A 249 -22.51 -13.02 12.67
CA ILE A 249 -23.50 -13.65 11.79
C ILE A 249 -23.03 -13.60 10.33
N GLY A 250 -22.93 -14.76 9.69
CA GLY A 250 -22.70 -14.86 8.24
C GLY A 250 -23.97 -15.31 7.53
N ASP A 251 -23.88 -15.64 6.25
CA ASP A 251 -25.09 -16.07 5.52
C ASP A 251 -25.52 -17.49 5.88
N THR A 252 -24.57 -18.35 6.17
CA THR A 252 -24.86 -19.77 6.42
C THR A 252 -24.48 -20.26 7.83
N THR A 253 -23.70 -19.50 8.57
CA THR A 253 -23.42 -19.85 9.97
C THR A 253 -23.21 -18.63 10.87
N ALA A 254 -23.12 -18.89 12.17
CA ALA A 254 -22.99 -17.84 13.16
C ALA A 254 -22.23 -18.30 14.40
N VAL A 255 -21.34 -17.44 14.89
CA VAL A 255 -20.63 -17.69 16.14
C VAL A 255 -20.99 -16.60 17.17
N PHE A 256 -21.72 -16.99 18.21
CA PHE A 256 -22.04 -16.09 19.30
C PHE A 256 -20.97 -16.09 20.40
N GLU A 257 -20.70 -14.92 20.96
CA GLU A 257 -19.64 -14.74 21.93
C GLU A 257 -19.83 -13.43 22.68
N PRO A 258 -19.38 -13.39 23.94
CA PRO A 258 -19.33 -12.12 24.66
C PRO A 258 -18.46 -11.13 23.92
N VAL A 259 -18.73 -9.86 24.12
CA VAL A 259 -17.81 -8.81 23.68
C VAL A 259 -16.46 -8.91 24.38
N HIS A 260 -16.44 -9.41 25.60
CA HIS A 260 -15.21 -9.43 26.41
C HIS A 260 -14.17 -10.45 25.96
N GLY A 261 -12.95 -10.21 26.39
CA GLY A 261 -11.82 -11.10 26.13
C GLY A 261 -11.63 -12.10 27.25
N SER A 262 -10.41 -12.65 27.32
CA SER A 262 -10.11 -13.73 28.24
C SER A 262 -9.92 -13.25 29.68
N ALA A 263 -9.80 -11.95 29.87
CA ALA A 263 -9.77 -11.31 31.18
C ALA A 263 -8.76 -11.97 32.12
N PRO A 264 -7.47 -11.93 31.74
CA PRO A 264 -6.42 -12.60 32.50
C PRO A 264 -6.24 -12.07 33.92
N ASP A 265 -6.73 -10.88 34.20
CA ASP A 265 -6.61 -10.31 35.53
C ASP A 265 -7.51 -11.05 36.56
N ILE A 266 -8.61 -11.65 36.11
CA ILE A 266 -9.50 -12.41 37.01
C ILE A 266 -9.70 -13.87 36.61
N ALA A 267 -9.01 -14.32 35.57
CA ALA A 267 -9.11 -15.71 35.16
C ALA A 267 -8.59 -16.60 36.30
N GLY A 268 -9.34 -17.66 36.62
CA GLY A 268 -8.96 -18.59 37.67
C GLY A 268 -9.67 -18.40 39.00
N LYS A 269 -10.22 -17.21 39.23
CA LYS A 269 -10.79 -16.84 40.53
C LYS A 269 -12.27 -17.20 40.67
N GLY A 270 -12.85 -17.79 39.64
CA GLY A 270 -14.25 -18.21 39.73
C GLY A 270 -15.18 -17.08 40.10
N ILE A 271 -14.87 -15.87 39.65
CA ILE A 271 -15.75 -14.72 39.87
C ILE A 271 -16.26 -14.02 38.61
N ALA A 272 -15.78 -14.43 37.43
CA ALA A 272 -16.21 -13.77 36.21
C ALA A 272 -17.72 -13.77 36.09
N ASN A 273 -18.25 -12.65 35.66
CA ASN A 273 -19.69 -12.53 35.38
C ASN A 273 -19.99 -13.29 34.09
N PRO A 274 -20.86 -14.30 34.17
CA PRO A 274 -21.24 -15.09 33.00
C PRO A 274 -22.43 -14.53 32.21
N THR A 275 -22.92 -13.35 32.58
CA THR A 275 -24.12 -12.78 31.95
C THR A 275 -23.92 -12.55 30.44
N ALA A 276 -22.78 -11.98 30.07
CA ALA A 276 -22.45 -11.74 28.65
C ALA A 276 -22.55 -13.02 27.81
N ALA A 277 -21.98 -14.11 28.33
CA ALA A 277 -22.01 -15.41 27.65
C ALA A 277 -23.44 -15.96 27.59
N ILE A 278 -24.17 -15.82 28.69
CA ILE A 278 -25.55 -16.30 28.76
C ILE A 278 -26.47 -15.51 27.85
N LEU A 279 -26.25 -14.20 27.79
CA LEU A 279 -27.03 -13.37 26.88
C LEU A 279 -26.65 -13.62 25.39
N SER A 280 -25.41 -14.01 25.13
CA SER A 280 -24.98 -14.39 23.79
C SER A 280 -25.66 -15.70 23.41
N ALA A 281 -25.84 -16.59 24.38
CA ALA A 281 -26.61 -17.83 24.16
C ALA A 281 -28.07 -17.55 23.88
N ALA A 282 -28.61 -16.53 24.53
CA ALA A 282 -29.97 -16.09 24.25
C ALA A 282 -30.08 -15.52 22.83
N MET A 283 -29.09 -14.73 22.41
CA MET A 283 -29.09 -14.24 21.01
C MET A 283 -29.05 -15.45 20.03
N MET A 284 -28.29 -16.48 20.40
CA MET A 284 -28.17 -17.70 19.59
C MET A 284 -29.50 -18.45 19.50
N LEU A 285 -30.25 -18.51 20.60
CA LEU A 285 -31.57 -19.15 20.59
C LEU A 285 -32.53 -18.42 19.66
N ASP A 286 -32.45 -17.10 19.69
CA ASP A 286 -33.23 -16.28 18.78
C ASP A 286 -32.91 -16.67 17.34
N TYR A 287 -31.61 -16.76 17.07
CA TYR A 287 -31.12 -17.06 15.73
C TYR A 287 -31.60 -18.42 15.26
N LEU A 288 -31.72 -19.38 16.17
CA LEU A 288 -32.14 -20.72 15.84
C LEU A 288 -33.66 -20.87 15.68
N GLY A 289 -34.42 -19.80 15.91
CA GLY A 289 -35.87 -19.84 15.83
C GLY A 289 -36.58 -20.07 17.18
N GLU A 290 -35.83 -20.26 18.25
CA GLU A 290 -36.40 -20.43 19.58
C GLU A 290 -36.54 -19.08 20.27
N LYS A 291 -37.35 -18.23 19.68
CA LYS A 291 -37.55 -16.87 20.15
C LYS A 291 -38.05 -16.80 21.60
N GLU A 292 -38.91 -17.74 21.99
CA GLU A 292 -39.55 -17.66 23.29
C GLU A 292 -38.60 -18.12 24.40
N ALA A 293 -37.81 -19.16 24.14
CA ALA A 293 -36.78 -19.57 25.07
C ALA A 293 -35.73 -18.47 25.29
N ALA A 294 -35.48 -17.68 24.26
CA ALA A 294 -34.56 -16.55 24.35
C ALA A 294 -35.07 -15.53 25.34
N LYS A 295 -36.32 -15.13 25.14
CA LYS A 295 -36.99 -14.18 26.03
C LYS A 295 -37.02 -14.67 27.49
N ARG A 296 -37.15 -15.98 27.69
CA ARG A 296 -37.12 -16.52 29.05
C ARG A 296 -35.72 -16.42 29.67
N VAL A 297 -34.69 -16.81 28.90
CA VAL A 297 -33.31 -16.68 29.36
C VAL A 297 -32.97 -15.20 29.69
N GLU A 298 -33.42 -14.28 28.85
CA GLU A 298 -33.20 -12.87 29.12
C GLU A 298 -33.94 -12.45 30.39
N LYS A 299 -35.17 -12.90 30.57
CA LYS A 299 -35.93 -12.54 31.78
C LYS A 299 -35.31 -13.11 33.05
N ALA A 300 -34.81 -14.33 32.97
CA ALA A 300 -34.12 -14.94 34.10
C ALA A 300 -32.90 -14.14 34.54
N VAL A 301 -32.07 -13.76 33.57
CA VAL A 301 -30.89 -12.96 33.84
C VAL A 301 -31.27 -11.64 34.53
N ASP A 302 -32.28 -10.94 34.01
CA ASP A 302 -32.74 -9.68 34.58
C ASP A 302 -33.23 -9.82 36.02
N LEU A 303 -33.98 -10.88 36.31
CA LEU A 303 -34.42 -11.13 37.69
C LEU A 303 -33.23 -11.25 38.64
N VAL A 304 -32.20 -11.99 38.24
CA VAL A 304 -31.04 -12.19 39.10
C VAL A 304 -30.19 -10.92 39.22
N LEU A 305 -30.05 -10.18 38.12
CA LEU A 305 -29.31 -8.93 38.16
C LEU A 305 -30.01 -7.95 39.09
N GLU A 306 -31.35 -7.93 39.04
CA GLU A 306 -32.12 -7.03 39.87
C GLU A 306 -32.14 -7.42 41.35
N ARG A 307 -32.35 -8.71 41.64
CA ARG A 307 -32.56 -9.18 43.01
C ARG A 307 -31.29 -9.73 43.68
N GLY A 308 -30.24 -9.97 42.91
CA GLY A 308 -29.03 -10.62 43.44
C GLY A 308 -29.17 -12.13 43.39
N PRO A 309 -28.09 -12.87 43.67
CA PRO A 309 -26.74 -12.42 44.02
C PRO A 309 -26.00 -11.81 42.82
N ARG A 310 -24.91 -11.09 43.09
CA ARG A 310 -24.17 -10.40 42.06
C ARG A 310 -22.69 -10.67 42.19
N THR A 311 -22.03 -10.80 41.05
CA THR A 311 -20.58 -10.90 41.00
C THR A 311 -19.89 -9.57 41.35
N PRO A 312 -18.59 -9.62 41.68
CA PRO A 312 -17.81 -8.43 42.07
C PRO A 312 -17.86 -7.24 41.09
N ASP A 313 -17.80 -7.51 39.79
CA ASP A 313 -17.91 -6.45 38.78
C ASP A 313 -19.21 -5.64 38.93
N LEU A 314 -20.23 -6.29 39.49
CA LEU A 314 -21.52 -5.65 39.83
C LEU A 314 -21.63 -5.28 41.32
N GLY A 315 -20.51 -5.28 42.04
CA GLY A 315 -20.45 -4.84 43.43
C GLY A 315 -20.88 -5.87 44.46
N GLY A 316 -20.98 -7.13 44.07
CA GLY A 316 -21.36 -8.19 44.99
C GLY A 316 -20.20 -9.13 45.29
N ASP A 317 -20.51 -10.25 45.92
CA ASP A 317 -19.49 -11.23 46.33
C ASP A 317 -19.73 -12.62 45.77
N ALA A 318 -20.79 -12.79 44.98
CA ALA A 318 -21.13 -14.10 44.42
C ALA A 318 -20.09 -14.64 43.44
N THR A 319 -19.96 -15.96 43.42
CA THR A 319 -19.12 -16.64 42.46
C THR A 319 -19.87 -16.77 41.14
N THR A 320 -19.12 -17.16 40.12
CA THR A 320 -19.70 -17.46 38.81
C THR A 320 -20.77 -18.57 38.94
N GLU A 321 -20.46 -19.63 39.70
CA GLU A 321 -21.39 -20.75 39.88
C GLU A 321 -22.64 -20.32 40.64
N ALA A 322 -22.44 -19.54 41.70
CA ALA A 322 -23.56 -19.12 42.53
C ALA A 322 -24.53 -18.31 41.68
N PHE A 323 -23.99 -17.31 40.98
CA PHE A 323 -24.78 -16.51 40.04
C PHE A 323 -25.49 -17.38 39.00
N THR A 324 -24.75 -18.33 38.44
CA THR A 324 -25.29 -19.23 37.45
C THR A 324 -26.47 -20.01 38.00
N GLU A 325 -26.28 -20.64 39.16
CA GLU A 325 -27.34 -21.44 39.79
C GLU A 325 -28.61 -20.63 40.05
N ALA A 326 -28.45 -19.37 40.43
CA ALA A 326 -29.60 -18.48 40.58
C ALA A 326 -30.29 -18.24 39.25
N VAL A 327 -29.52 -18.10 38.19
CA VAL A 327 -30.14 -17.87 36.88
C VAL A 327 -30.92 -19.13 36.46
N VAL A 328 -30.33 -20.29 36.69
CA VAL A 328 -31.00 -21.55 36.37
C VAL A 328 -32.31 -21.67 37.15
N GLU A 329 -32.27 -21.31 38.44
CA GLU A 329 -33.45 -21.41 39.30
C GLU A 329 -34.54 -20.43 38.87
N ALA A 330 -34.15 -19.23 38.47
CA ALA A 330 -35.10 -18.26 37.94
C ALA A 330 -35.67 -18.66 36.58
N LEU A 331 -34.83 -19.23 35.72
CA LEU A 331 -35.32 -19.76 34.45
C LEU A 331 -36.37 -20.87 34.67
N LYS A 332 -36.08 -21.79 35.59
CA LYS A 332 -36.96 -22.95 35.86
C LYS A 332 -38.32 -22.53 36.40
N SER A 333 -38.39 -21.44 37.17
CA SER A 333 -39.65 -20.95 37.72
C SER A 333 -40.50 -20.11 36.75
N LEU A 334 -39.97 -19.80 35.58
CA LEU A 334 -40.70 -18.94 34.64
C LEU A 334 -41.70 -19.74 33.83
N ALA B 2 5.98 42.47 23.87
CA ALA B 2 4.61 41.91 23.69
C ALA B 2 4.70 40.52 23.08
N TYR B 3 3.89 39.58 23.57
CA TYR B 3 3.69 38.31 22.88
C TYR B 3 2.85 38.55 21.64
N ARG B 4 3.30 38.07 20.49
CA ARG B 4 2.46 38.03 19.29
C ARG B 4 1.64 36.73 19.26
N ILE B 5 0.33 36.91 19.13
CA ILE B 5 -0.62 35.81 19.13
C ILE B 5 -1.35 35.82 17.80
N CYS B 6 -1.21 34.75 17.02
CA CYS B 6 -1.97 34.61 15.78
C CYS B 6 -3.40 34.10 16.10
N LEU B 7 -4.41 34.80 15.62
CA LEU B 7 -5.80 34.39 15.82
C LEU B 7 -6.34 33.94 14.51
N ILE B 8 -6.88 32.73 14.48
CA ILE B 8 -7.54 32.18 13.30
C ILE B 8 -8.91 31.66 13.70
N GLU B 9 -9.96 32.29 13.19
CA GLU B 9 -11.31 31.95 13.58
C GLU B 9 -11.75 30.63 12.94
N GLY B 10 -11.54 30.52 11.63
CA GLY B 10 -12.03 29.38 10.87
C GLY B 10 -13.49 29.49 10.50
N ASP B 11 -14.22 28.38 10.58
CA ASP B 11 -15.63 28.31 10.16
C ASP B 11 -16.59 28.17 11.33
N GLY B 12 -17.87 28.36 11.03
CA GLY B 12 -18.95 28.11 11.99
C GLY B 12 -18.77 28.84 13.31
N ILE B 13 -18.76 28.10 14.41
CA ILE B 13 -18.66 28.71 15.73
C ILE B 13 -17.26 29.22 16.07
N GLY B 14 -16.29 28.97 15.21
CA GLY B 14 -14.98 29.60 15.32
C GLY B 14 -15.10 31.12 15.28
N HIS B 15 -16.03 31.60 14.46
CA HIS B 15 -16.32 33.02 14.37
C HIS B 15 -16.86 33.60 15.66
N GLU B 16 -17.32 32.74 16.57
CA GLU B 16 -18.00 33.15 17.78
C GLU B 16 -17.14 32.99 19.00
N VAL B 17 -16.46 31.83 19.11
CA VAL B 17 -15.67 31.52 20.31
C VAL B 17 -14.25 32.15 20.35
N ILE B 18 -13.67 32.40 19.19
CA ILE B 18 -12.34 33.00 19.12
C ILE B 18 -12.36 34.48 19.55
N PRO B 19 -13.30 35.29 19.02
CA PRO B 19 -13.41 36.66 19.56
C PRO B 19 -13.66 36.70 21.07
N ALA B 20 -14.39 35.72 21.58
CA ALA B 20 -14.63 35.61 23.01
C ALA B 20 -13.33 35.31 23.73
N ALA B 21 -12.55 34.37 23.22
CA ALA B 21 -11.28 34.04 23.87
C ALA B 21 -10.31 35.24 23.82
N ARG B 22 -10.32 35.96 22.71
CA ARG B 22 -9.53 37.21 22.61
C ARG B 22 -9.89 38.17 23.73
N ARG B 23 -11.19 38.34 23.97
CA ARG B 23 -11.62 39.26 25.00
C ARG B 23 -11.12 38.83 26.36
N VAL B 24 -11.05 37.52 26.61
CA VAL B 24 -10.59 37.06 27.92
C VAL B 24 -9.07 37.27 28.02
N LEU B 25 -8.36 37.03 26.93
CA LEU B 25 -6.92 37.31 26.91
C LEU B 25 -6.65 38.79 27.15
N GLU B 26 -7.44 39.66 26.52
CA GLU B 26 -7.28 41.11 26.73
C GLU B 26 -7.47 41.53 28.20
N ALA B 27 -8.36 40.88 28.93
CA ALA B 27 -8.55 41.16 30.34
C ALA B 27 -7.50 40.58 31.31
N THR B 28 -6.48 39.87 30.81
CA THR B 28 -5.37 39.40 31.69
C THR B 28 -4.43 40.53 32.11
N GLY B 29 -4.40 41.60 31.32
CA GLY B 29 -3.47 42.69 31.50
C GLY B 29 -2.15 42.50 30.79
N LEU B 30 -1.92 41.33 30.19
CA LEU B 30 -0.65 41.05 29.56
C LEU B 30 -0.46 41.88 28.28
N PRO B 31 0.81 42.12 27.89
CA PRO B 31 1.09 42.76 26.61
C PRO B 31 0.94 41.77 25.45
N LEU B 32 -0.13 41.93 24.68
CA LEU B 32 -0.44 41.01 23.61
C LEU B 32 -0.70 41.78 22.32
N GLU B 33 0.04 41.43 21.26
CA GLU B 33 -0.23 41.92 19.91
C GLU B 33 -0.91 40.76 19.16
N PHE B 34 -2.11 41.02 18.64
CA PHE B 34 -2.87 39.99 17.95
C PHE B 34 -2.73 40.14 16.44
N VAL B 35 -2.45 39.03 15.77
CA VAL B 35 -2.27 39.02 14.33
C VAL B 35 -3.31 38.07 13.71
N GLU B 36 -4.19 38.62 12.89
CA GLU B 36 -5.27 37.82 12.32
C GLU B 36 -4.82 37.07 11.08
N ALA B 37 -5.20 35.81 10.94
CA ALA B 37 -4.94 35.05 9.72
C ALA B 37 -6.15 34.19 9.39
N GLU B 38 -6.19 33.64 8.19
CA GLU B 38 -7.35 32.92 7.69
C GLU B 38 -7.05 31.45 7.42
N ALA B 39 -7.96 30.58 7.83
CA ALA B 39 -7.95 29.21 7.32
C ALA B 39 -9.35 28.61 7.36
N GLY B 40 -9.54 27.55 6.57
CA GLY B 40 -10.75 26.74 6.62
C GLY B 40 -11.50 26.70 5.31
N TRP B 41 -12.77 26.30 5.39
CA TRP B 41 -13.63 26.15 4.21
C TRP B 41 -13.95 27.49 3.56
N GLU B 42 -14.34 28.45 4.39
CA GLU B 42 -14.68 29.78 3.89
C GLU B 42 -13.45 30.43 3.23
N THR B 43 -12.25 30.15 3.77
CA THR B 43 -11.01 30.64 3.15
C THR B 43 -10.80 29.99 1.77
N PHE B 44 -11.04 28.67 1.68
CA PHE B 44 -10.96 27.96 0.39
C PHE B 44 -11.88 28.56 -0.67
N GLU B 45 -13.12 28.86 -0.31
CA GLU B 45 -14.07 29.51 -1.23
C GLU B 45 -13.58 30.91 -1.66
N ARG B 46 -13.03 31.65 -0.73
CA ARG B 46 -12.64 33.01 -1.02
C ARG B 46 -11.30 33.04 -1.78
N ARG B 47 -10.31 32.24 -1.36
CA ARG B 47 -8.93 32.38 -1.82
C ARG B 47 -8.44 31.21 -2.68
N GLY B 48 -9.22 30.14 -2.82
CA GLY B 48 -8.81 29.01 -3.63
C GLY B 48 -7.99 27.97 -2.90
N THR B 49 -7.63 28.23 -1.64
CA THR B 49 -6.98 27.25 -0.75
C THR B 49 -7.42 27.47 0.69
N SER B 50 -7.56 26.39 1.45
CA SER B 50 -7.96 26.46 2.85
C SER B 50 -6.87 26.96 3.78
N VAL B 51 -5.61 26.86 3.37
CA VAL B 51 -4.53 27.46 4.14
C VAL B 51 -3.63 28.25 3.20
N PRO B 52 -3.85 29.57 3.09
CA PRO B 52 -2.93 30.36 2.26
C PRO B 52 -1.54 30.39 2.86
N GLU B 53 -0.51 30.50 2.03
CA GLU B 53 0.87 30.58 2.51
C GLU B 53 1.06 31.72 3.52
N GLU B 54 0.39 32.85 3.28
CA GLU B 54 0.36 33.97 4.22
C GLU B 54 0.02 33.52 5.66
N THR B 55 -0.98 32.66 5.81
CA THR B 55 -1.37 32.13 7.12
C THR B 55 -0.24 31.37 7.77
N VAL B 56 0.49 30.58 6.98
CA VAL B 56 1.64 29.83 7.52
C VAL B 56 2.73 30.79 8.02
N GLU B 57 2.99 31.85 7.27
CA GLU B 57 4.00 32.84 7.62
C GLU B 57 3.64 33.59 8.88
N LYS B 58 2.38 34.04 8.95
CA LYS B 58 1.86 34.68 10.16
C LYS B 58 1.96 33.82 11.41
N ILE B 59 1.58 32.55 11.29
CA ILE B 59 1.73 31.62 12.41
C ILE B 59 3.20 31.56 12.86
N LEU B 60 4.11 31.42 11.90
CA LEU B 60 5.53 31.29 12.24
C LEU B 60 6.15 32.59 12.77
N SER B 61 5.58 33.73 12.37
CA SER B 61 6.03 35.02 12.86
C SER B 61 5.48 35.38 14.24
N CYS B 62 4.75 34.47 14.89
CA CYS B 62 4.16 34.71 16.22
C CYS B 62 4.66 33.72 17.26
N HIS B 63 4.50 34.05 18.54
CA HIS B 63 4.95 33.17 19.61
C HIS B 63 4.02 31.96 19.75
N ALA B 64 2.77 32.14 19.36
CA ALA B 64 1.76 31.08 19.45
C ALA B 64 0.52 31.49 18.68
N THR B 65 -0.30 30.50 18.38
CA THR B 65 -1.52 30.68 17.62
C THR B 65 -2.71 30.08 18.34
N LEU B 66 -3.85 30.72 18.21
CA LEU B 66 -5.10 30.24 18.74
C LEU B 66 -6.06 30.11 17.58
N PHE B 67 -6.59 28.90 17.39
CA PHE B 67 -7.40 28.54 16.22
C PHE B 67 -8.77 28.13 16.69
N GLY B 68 -9.78 28.50 15.92
CA GLY B 68 -11.15 28.12 16.21
C GLY B 68 -11.41 26.69 15.79
N ALA B 69 -11.87 26.55 14.55
CA ALA B 69 -12.22 25.25 13.98
C ALA B 69 -12.58 25.46 12.52
N ALA B 70 -12.61 24.40 11.75
CA ALA B 70 -12.91 24.51 10.32
C ALA B 70 -13.73 23.32 9.86
N THR B 71 -14.69 23.56 8.96
CA THR B 71 -15.48 22.48 8.40
C THR B 71 -14.71 21.78 7.29
N SER B 72 -14.86 20.46 7.25
CA SER B 72 -14.31 19.60 6.19
C SER B 72 -15.46 18.84 5.53
N PRO B 73 -15.46 18.75 4.19
CA PRO B 73 -16.44 17.87 3.51
C PRO B 73 -16.21 16.41 3.86
N THR B 74 -17.19 15.57 3.57
CA THR B 74 -17.04 14.12 3.72
C THR B 74 -16.84 13.46 2.36
N ARG B 75 -16.09 14.12 1.48
CA ARG B 75 -15.89 13.66 0.11
C ARG B 75 -14.78 14.48 -0.48
N LYS B 76 -14.22 14.03 -1.61
CA LYS B 76 -13.25 14.81 -2.38
C LYS B 76 -13.90 16.07 -2.93
N VAL B 77 -13.20 17.19 -2.78
CA VAL B 77 -13.59 18.45 -3.41
C VAL B 77 -12.33 19.05 -4.02
N PRO B 78 -12.27 19.15 -5.36
CA PRO B 78 -11.06 19.65 -6.03
C PRO B 78 -10.46 20.90 -5.41
N GLY B 79 -9.17 20.82 -5.09
CA GLY B 79 -8.46 21.94 -4.48
C GLY B 79 -8.58 22.00 -2.97
N PHE B 80 -9.54 21.29 -2.37
CA PHE B 80 -9.72 21.37 -0.93
C PHE B 80 -8.92 20.30 -0.18
N PHE B 81 -8.19 20.73 0.85
CA PHE B 81 -7.62 19.80 1.83
C PHE B 81 -7.96 20.33 3.20
N GLY B 82 -8.06 19.42 4.17
CA GLY B 82 -8.33 19.77 5.55
C GLY B 82 -7.31 20.73 6.11
N ALA B 83 -7.79 21.85 6.65
CA ALA B 83 -6.93 22.96 7.03
C ALA B 83 -6.13 22.63 8.26
N ILE B 84 -6.81 22.22 9.34
CA ILE B 84 -6.10 21.99 10.57
C ILE B 84 -5.13 20.84 10.40
N ARG B 85 -5.52 19.80 9.66
CA ARG B 85 -4.62 18.67 9.41
C ARG B 85 -3.39 19.05 8.58
N TYR B 86 -3.56 19.97 7.62
CA TYR B 86 -2.43 20.48 6.86
C TYR B 86 -1.42 21.21 7.76
N LEU B 87 -1.93 22.04 8.64
CA LEU B 87 -1.09 22.79 9.55
C LEU B 87 -0.33 21.83 10.49
N ARG B 88 -0.99 20.77 10.94
CA ARG B 88 -0.36 19.82 11.85
C ARG B 88 0.83 19.13 11.18
N ARG B 89 0.67 18.76 9.90
CA ARG B 89 1.69 18.00 9.21
C ARG B 89 2.79 18.97 8.79
N ARG B 90 2.41 20.09 8.17
CA ARG B 90 3.40 21.03 7.64
C ARG B 90 4.29 21.66 8.72
N LEU B 91 3.70 22.04 9.86
CA LEU B 91 4.43 22.68 10.95
C LEU B 91 4.92 21.67 11.98
N ASP B 92 4.71 20.39 11.70
CA ASP B 92 5.20 19.30 12.54
C ASP B 92 4.79 19.42 14.02
N LEU B 93 3.50 19.56 14.25
CA LEU B 93 2.96 19.76 15.57
C LEU B 93 2.57 18.42 16.12
N TYR B 94 3.58 17.63 16.43
CA TYR B 94 3.42 16.22 16.60
C TYR B 94 2.66 15.75 17.82
N ALA B 95 2.57 16.60 18.85
CA ALA B 95 1.89 16.25 20.09
C ALA B 95 0.58 17.01 20.23
N ASN B 96 -0.52 16.28 20.30
CA ASN B 96 -1.83 16.87 20.50
C ASN B 96 -2.20 16.60 21.95
N VAL B 97 -2.11 17.65 22.76
CA VAL B 97 -2.30 17.56 24.20
C VAL B 97 -3.70 18.00 24.59
N ARG B 98 -4.46 17.03 25.12
CA ARG B 98 -5.91 17.13 25.32
C ARG B 98 -6.34 16.74 26.74
N PRO B 99 -6.38 17.72 27.65
CA PRO B 99 -6.71 17.38 29.02
C PRO B 99 -8.22 17.28 29.26
N ALA B 100 -8.59 16.42 30.20
CA ALA B 100 -9.97 16.21 30.59
C ALA B 100 -10.08 16.25 32.12
N LYS B 101 -10.78 17.27 32.61
CA LYS B 101 -10.76 17.64 34.02
C LYS B 101 -12.18 17.93 34.49
N SER B 102 -12.55 17.37 35.63
CA SER B 102 -13.87 17.65 36.19
C SER B 102 -14.08 19.17 36.40
N ARG B 103 -15.30 19.64 36.14
CA ARG B 103 -15.68 21.02 36.34
C ARG B 103 -17.00 21.04 37.10
N PRO B 104 -17.31 22.15 37.77
CA PRO B 104 -18.54 22.22 38.57
C PRO B 104 -19.78 22.53 37.73
N VAL B 105 -20.18 21.58 36.90
CA VAL B 105 -21.37 21.70 36.07
C VAL B 105 -22.13 20.39 36.14
N PRO B 106 -23.46 20.42 35.95
CA PRO B 106 -24.26 19.20 36.13
C PRO B 106 -23.86 18.02 35.23
N GLY B 107 -23.37 18.30 34.03
CA GLY B 107 -23.03 17.22 33.10
C GLY B 107 -21.73 16.44 33.36
N SER B 108 -21.12 16.61 34.54
CA SER B 108 -19.71 16.25 34.72
C SER B 108 -19.49 15.25 35.84
N ARG B 109 -18.69 14.23 35.56
CA ARG B 109 -18.26 13.28 36.58
C ARG B 109 -17.21 13.97 37.44
N PRO B 110 -17.23 13.71 38.75
CA PRO B 110 -16.20 14.30 39.60
C PRO B 110 -14.99 13.38 39.66
N GLY B 111 -13.87 13.91 40.15
CA GLY B 111 -12.68 13.10 40.42
C GLY B 111 -11.87 12.74 39.18
N VAL B 112 -12.08 13.47 38.10
CA VAL B 112 -11.42 13.19 36.84
C VAL B 112 -10.38 14.23 36.55
N ASP B 113 -9.16 13.77 36.30
CA ASP B 113 -8.07 14.65 35.92
C ASP B 113 -7.08 13.85 35.09
N LEU B 114 -7.19 13.95 33.77
CA LEU B 114 -6.37 13.18 32.88
C LEU B 114 -5.93 13.95 31.66
N VAL B 115 -4.90 13.45 30.99
CA VAL B 115 -4.40 14.08 29.78
C VAL B 115 -4.24 13.01 28.70
N ILE B 116 -4.91 13.23 27.60
CA ILE B 116 -4.70 12.41 26.43
C ILE B 116 -3.67 13.09 25.54
N VAL B 117 -2.60 12.35 25.22
CA VAL B 117 -1.51 12.86 24.39
C VAL B 117 -1.61 12.10 23.09
N ARG B 118 -2.03 12.77 22.02
CA ARG B 118 -2.29 12.05 20.78
C ARG B 118 -1.26 12.39 19.71
N GLU B 119 -0.67 11.35 19.12
CA GLU B 119 0.25 11.52 18.01
C GLU B 119 -0.53 12.24 16.90
N ASN B 120 0.07 13.26 16.32
CA ASN B 120 -0.67 14.23 15.56
C ASN B 120 -0.22 14.34 14.09
N THR B 121 0.47 13.32 13.62
CA THR B 121 1.24 13.43 12.39
C THR B 121 1.05 12.27 11.41
N GLU B 122 0.80 11.05 11.91
CA GLU B 122 0.79 9.88 11.06
C GLU B 122 -0.37 8.96 11.45
N GLY B 123 -0.16 7.65 11.43
CA GLY B 123 -1.25 6.71 11.51
C GLY B 123 -2.07 6.80 10.25
N LEU B 124 -3.38 6.67 10.41
CA LEU B 124 -4.31 6.80 9.29
C LEU B 124 -4.29 8.21 8.74
N TYR B 125 -3.81 9.18 9.52
CA TYR B 125 -3.87 10.60 9.09
C TYR B 125 -2.79 11.03 8.10
N VAL B 126 -1.95 10.12 7.62
CA VAL B 126 -1.02 10.46 6.51
C VAL B 126 -1.84 10.72 5.26
N GLU B 127 -3.08 10.23 5.28
CA GLU B 127 -4.04 10.38 4.21
C GLU B 127 -3.45 10.03 2.86
N GLN B 128 -3.15 8.77 2.70
CA GLN B 128 -2.69 8.24 1.45
C GLN B 128 -3.66 7.14 1.03
N GLU B 129 -4.68 7.55 0.30
CA GLU B 129 -5.76 6.67 -0.11
C GLU B 129 -5.75 6.51 -1.60
N ARG B 130 -6.20 5.33 -2.04
CA ARG B 130 -6.36 5.03 -3.44
C ARG B 130 -7.69 4.33 -3.65
N ARG B 131 -8.32 4.51 -4.81
CA ARG B 131 -9.50 3.72 -5.18
C ARG B 131 -9.28 3.01 -6.50
N TYR B 132 -9.45 1.68 -6.52
CA TYR B 132 -9.28 0.85 -7.70
C TYR B 132 -10.55 0.05 -7.90
N LEU B 133 -11.29 0.36 -8.97
CA LEU B 133 -12.62 -0.18 -9.18
C LEU B 133 -13.46 0.05 -7.92
N ASP B 134 -14.05 -0.98 -7.34
CA ASP B 134 -14.86 -0.82 -6.14
C ASP B 134 -14.11 -1.23 -4.85
N VAL B 135 -12.81 -1.06 -4.85
CA VAL B 135 -11.98 -1.29 -3.65
C VAL B 135 -11.18 -0.03 -3.30
N ALA B 136 -11.20 0.39 -2.05
CA ALA B 136 -10.46 1.58 -1.62
C ALA B 136 -9.49 1.19 -0.52
N ILE B 137 -8.26 1.67 -0.62
CA ILE B 137 -7.23 1.35 0.35
C ILE B 137 -6.67 2.64 0.91
N ALA B 138 -6.37 2.61 2.19
CA ALA B 138 -5.66 3.69 2.84
C ALA B 138 -4.49 3.11 3.60
N ASP B 139 -3.38 3.83 3.56
CA ASP B 139 -2.22 3.55 4.39
C ASP B 139 -2.48 3.93 5.86
N ALA B 140 -2.11 3.04 6.77
CA ALA B 140 -1.99 3.42 8.17
C ALA B 140 -0.52 3.25 8.55
N VAL B 141 0.17 4.37 8.73
CA VAL B 141 1.62 4.38 8.91
C VAL B 141 2.05 4.71 10.34
N ILE B 142 2.87 3.84 10.92
CA ILE B 142 3.55 4.14 12.18
C ILE B 142 5.06 4.02 12.01
N SER B 143 5.77 5.08 12.36
CA SER B 143 7.23 5.07 12.29
C SER B 143 7.82 5.08 13.70
N LYS B 144 8.98 4.43 13.86
CA LYS B 144 9.71 4.47 15.10
C LYS B 144 9.93 5.90 15.60
N LYS B 145 10.37 6.78 14.71
CA LYS B 145 10.66 8.18 15.07
C LYS B 145 9.45 8.94 15.62
N ALA B 146 8.31 8.87 14.96
CA ALA B 146 7.15 9.59 15.44
C ALA B 146 6.67 9.02 16.78
N SER B 147 6.77 7.70 16.92
CA SER B 147 6.45 7.05 18.19
C SER B 147 7.43 7.46 19.32
N GLU B 148 8.71 7.65 19.00
CA GLU B 148 9.66 8.12 20.02
C GLU B 148 9.28 9.52 20.49
N ARG B 149 8.95 10.41 19.56
CA ARG B 149 8.65 11.80 19.94
C ARG B 149 7.37 11.91 20.77
N ILE B 150 6.32 11.19 20.35
CA ILE B 150 5.07 11.24 21.09
C ILE B 150 5.23 10.55 22.45
N GLY B 151 5.98 9.45 22.49
CA GLY B 151 6.30 8.79 23.75
C GLY B 151 6.99 9.71 24.75
N ARG B 152 8.05 10.40 24.31
CA ARG B 152 8.75 11.36 25.16
C ARG B 152 7.86 12.50 25.60
N ALA B 153 7.10 13.07 24.67
CA ALA B 153 6.19 14.16 25.03
C ALA B 153 5.26 13.73 26.18
N ALA B 154 4.71 12.52 26.08
CA ALA B 154 3.75 12.00 27.06
C ALA B 154 4.40 11.62 28.40
N LEU B 155 5.62 11.10 28.36
CA LEU B 155 6.37 10.78 29.58
C LEU B 155 6.79 12.05 30.33
N ARG B 156 7.20 13.09 29.60
CA ARG B 156 7.53 14.38 30.21
C ARG B 156 6.32 14.98 30.90
N ILE B 157 5.17 14.91 30.24
CA ILE B 157 3.95 15.43 30.83
C ILE B 157 3.60 14.61 32.07
N ALA B 158 3.69 13.29 32.01
CA ALA B 158 3.36 12.47 33.16
C ALA B 158 4.35 12.71 34.32
N GLU B 159 5.65 12.74 34.02
CA GLU B 159 6.67 13.01 35.01
C GLU B 159 6.40 14.29 35.84
N GLY B 160 5.79 15.31 35.24
CA GLY B 160 5.52 16.58 35.91
C GLY B 160 4.16 16.69 36.61
N ARG B 161 3.41 15.61 36.70
CA ARG B 161 2.11 15.64 37.33
C ARG B 161 2.15 14.83 38.62
N PRO B 162 1.14 14.99 39.47
CA PRO B 162 1.28 14.34 40.76
C PRO B 162 1.38 12.82 40.71
N ARG B 163 0.64 12.15 39.84
CA ARG B 163 0.53 10.67 39.96
C ARG B 163 1.56 9.93 39.10
N LYS B 164 2.16 10.65 38.16
CA LYS B 164 3.26 10.08 37.36
C LYS B 164 2.92 8.72 36.74
N THR B 165 1.75 8.61 36.14
CA THR B 165 1.29 7.36 35.55
C THR B 165 0.95 7.56 34.07
N LEU B 166 1.46 6.65 33.23
CA LEU B 166 1.23 6.72 31.80
C LEU B 166 0.63 5.40 31.35
N HIS B 167 -0.47 5.52 30.60
CA HIS B 167 -1.11 4.38 29.93
C HIS B 167 -0.95 4.55 28.45
N ILE B 168 -0.42 3.50 27.82
CA ILE B 168 -0.28 3.40 26.38
C ILE B 168 -1.47 2.66 25.83
N ALA B 169 -2.33 3.36 25.12
CA ALA B 169 -3.53 2.77 24.54
C ALA B 169 -3.23 2.38 23.11
N HIS B 170 -3.53 1.14 22.73
CA HIS B 170 -3.08 0.55 21.46
C HIS B 170 -3.97 -0.62 21.00
N LYS B 171 -3.75 -1.06 19.76
CA LYS B 171 -4.31 -2.31 19.21
C LYS B 171 -3.23 -3.24 18.61
N ALA B 172 -2.09 -3.33 19.28
CA ALA B 172 -0.99 -4.25 18.89
C ALA B 172 -1.44 -5.68 18.71
N ASN B 173 -2.43 -6.09 19.50
CA ASN B 173 -3.03 -7.42 19.40
C ASN B 173 -3.56 -7.72 17.99
N VAL B 174 -4.21 -6.79 17.30
CA VAL B 174 -4.61 -7.12 15.93
C VAL B 174 -3.64 -6.57 14.88
N LEU B 175 -2.87 -5.54 15.24
CA LEU B 175 -1.90 -4.90 14.34
C LEU B 175 -0.50 -4.84 14.96
N PRO B 176 0.16 -6.01 15.04
CA PRO B 176 1.44 -6.11 15.71
C PRO B 176 2.58 -5.35 15.06
N LEU B 177 2.55 -5.16 13.74
CA LEU B 177 3.65 -4.42 13.11
C LEU B 177 3.45 -2.90 13.26
N THR B 178 2.24 -2.40 13.13
CA THR B 178 2.06 -0.94 13.25
C THR B 178 1.85 -0.53 14.70
N GLN B 179 0.79 -1.06 15.30
CA GLN B 179 0.47 -0.73 16.68
C GLN B 179 1.52 -1.28 17.63
N GLY B 180 2.04 -2.46 17.34
CA GLY B 180 3.17 -3.02 18.09
C GLY B 180 4.43 -2.18 18.09
N LEU B 181 4.80 -1.60 16.94
CA LEU B 181 5.94 -0.69 16.87
C LEU B 181 5.70 0.50 17.78
N PHE B 182 4.47 1.03 17.74
CA PHE B 182 4.12 2.16 18.60
C PHE B 182 4.30 1.76 20.05
N LEU B 183 3.68 0.64 20.41
CA LEU B 183 3.72 0.10 21.77
C LEU B 183 5.16 -0.08 22.24
N ASP B 184 5.96 -0.81 21.45
CA ASP B 184 7.34 -1.16 21.85
C ASP B 184 8.21 0.08 21.97
N THR B 185 8.06 1.01 21.04
CA THR B 185 8.88 2.21 21.02
C THR B 185 8.62 3.10 22.22
N VAL B 186 7.35 3.35 22.52
CA VAL B 186 7.02 4.12 23.72
C VAL B 186 7.56 3.43 24.99
N LYS B 187 7.46 2.12 25.07
CA LYS B 187 8.06 1.38 26.20
C LYS B 187 9.59 1.51 26.27
N GLU B 188 10.24 1.62 25.12
CA GLU B 188 11.67 1.73 25.05
C GLU B 188 12.15 3.11 25.55
N VAL B 189 11.52 4.18 25.07
CA VAL B 189 11.85 5.53 25.56
C VAL B 189 11.50 5.67 27.05
N ALA B 190 10.51 4.91 27.53
CA ALA B 190 10.13 4.92 28.95
C ALA B 190 11.29 4.55 29.90
N LYS B 191 12.26 3.79 29.39
CA LYS B 191 13.44 3.45 30.17
C LYS B 191 14.21 4.69 30.65
N ASP B 192 14.12 5.81 29.93
CA ASP B 192 14.72 7.06 30.39
C ASP B 192 13.85 7.83 31.37
N PHE B 193 12.69 7.30 31.74
CA PHE B 193 11.78 8.00 32.65
C PHE B 193 11.36 7.10 33.81
N PRO B 194 12.33 6.64 34.61
CA PRO B 194 12.05 5.75 35.75
C PRO B 194 11.05 6.33 36.76
N LEU B 195 10.87 7.64 36.75
CA LEU B 195 9.86 8.29 37.60
C LEU B 195 8.41 7.90 37.30
N VAL B 196 8.14 7.35 36.11
CA VAL B 196 6.77 7.16 35.64
C VAL B 196 6.39 5.68 35.67
N ASN B 197 5.22 5.41 36.22
CA ASN B 197 4.61 4.09 36.15
C ASN B 197 3.96 3.95 34.78
N VAL B 198 4.47 3.03 33.97
CA VAL B 198 4.00 2.84 32.61
C VAL B 198 3.20 1.57 32.51
N GLN B 199 1.96 1.70 32.03
CA GLN B 199 1.05 0.59 31.80
C GLN B 199 0.61 0.59 30.35
N ASP B 200 0.18 -0.54 29.83
CA ASP B 200 -0.43 -0.56 28.51
C ASP B 200 -1.81 -1.15 28.60
N ILE B 201 -2.65 -0.73 27.67
CA ILE B 201 -4.03 -1.12 27.69
C ILE B 201 -4.53 -1.15 26.25
N ILE B 202 -5.29 -2.18 25.93
CA ILE B 202 -5.89 -2.29 24.61
C ILE B 202 -6.97 -1.19 24.49
N VAL B 203 -7.05 -0.52 23.34
CA VAL B 203 -7.82 0.71 23.22
C VAL B 203 -9.33 0.57 23.49
N ASP B 204 -9.95 -0.53 23.07
CA ASP B 204 -11.38 -0.75 23.35
C ASP B 204 -11.65 -0.85 24.85
N ASN B 205 -10.83 -1.63 25.54
CA ASN B 205 -10.87 -1.72 26.99
C ASN B 205 -10.68 -0.33 27.59
N CYS B 206 -9.71 0.42 27.04
CA CYS B 206 -9.48 1.79 27.47
C CYS B 206 -10.77 2.63 27.40
N ALA B 207 -11.49 2.51 26.29
CA ALA B 207 -12.76 3.21 26.14
C ALA B 207 -13.77 2.79 27.21
N MET B 208 -13.87 1.49 27.49
CA MET B 208 -14.75 1.03 28.59
C MET B 208 -14.31 1.58 29.96
N GLN B 209 -13.01 1.62 30.23
CA GLN B 209 -12.53 2.10 31.53
C GLN B 209 -12.77 3.60 31.69
N LEU B 210 -12.67 4.36 30.59
CA LEU B 210 -12.95 5.79 30.64
C LEU B 210 -14.41 6.05 30.94
N VAL B 211 -15.27 5.16 30.48
CA VAL B 211 -16.69 5.29 30.78
C VAL B 211 -16.97 4.93 32.24
N MET B 212 -16.32 3.89 32.74
CA MET B 212 -16.71 3.36 34.03
C MET B 212 -15.92 3.96 35.18
N ARG B 213 -14.62 4.17 35.00
CA ARG B 213 -13.77 4.77 36.05
C ARG B 213 -12.64 5.68 35.50
N PRO B 214 -13.05 6.79 34.88
CA PRO B 214 -12.08 7.73 34.33
C PRO B 214 -11.10 8.28 35.36
N GLU B 215 -11.51 8.27 36.63
CA GLU B 215 -10.68 8.70 37.75
C GLU B 215 -9.38 7.92 37.87
N ARG B 216 -9.34 6.71 37.32
CA ARG B 216 -8.14 5.87 37.36
C ARG B 216 -6.97 6.36 36.51
N PHE B 217 -7.25 7.21 35.51
CA PHE B 217 -6.23 7.61 34.57
C PHE B 217 -5.52 8.90 34.94
N ASP B 218 -4.23 8.94 34.61
CA ASP B 218 -3.43 10.15 34.69
C ASP B 218 -3.12 10.60 33.25
N VAL B 219 -2.06 10.07 32.64
CA VAL B 219 -1.75 10.39 31.24
C VAL B 219 -1.99 9.15 30.39
N ILE B 220 -2.60 9.39 29.21
CA ILE B 220 -2.87 8.37 28.22
C ILE B 220 -2.22 8.81 26.91
N VAL B 221 -1.40 7.92 26.34
CA VAL B 221 -0.76 8.21 25.05
C VAL B 221 -1.22 7.20 24.02
N THR B 222 -1.49 7.70 22.82
CA THR B 222 -2.09 6.90 21.76
C THR B 222 -1.89 7.52 20.37
N THR B 223 -2.28 6.78 19.34
CA THR B 223 -2.04 7.13 17.94
C THR B 223 -3.13 8.09 17.44
N ASN B 224 -2.99 8.56 16.22
CA ASN B 224 -3.81 9.66 15.69
C ASN B 224 -5.31 9.46 15.77
N LEU B 225 -5.84 8.47 15.05
CA LEU B 225 -7.28 8.19 15.06
C LEU B 225 -7.77 7.73 16.42
N LEU B 226 -6.97 6.94 17.11
CA LEU B 226 -7.38 6.45 18.43
C LEU B 226 -7.60 7.60 19.39
N GLY B 227 -6.70 8.57 19.36
CA GLY B 227 -6.77 9.72 20.26
C GLY B 227 -7.88 10.68 19.88
N ASP B 228 -8.20 10.74 18.59
CA ASP B 228 -9.34 11.55 18.15
C ASP B 228 -10.60 11.06 18.82
N ILE B 229 -10.77 9.75 18.82
CA ILE B 229 -11.97 9.16 19.37
C ILE B 229 -12.01 9.27 20.87
N LEU B 230 -10.92 8.90 21.54
CA LEU B 230 -10.92 8.86 23.01
C LEU B 230 -11.05 10.26 23.61
N SER B 231 -10.61 11.28 22.87
CA SER B 231 -10.60 12.62 23.41
C SER B 231 -12.00 13.20 23.38
N ASP B 232 -12.81 12.85 22.38
CA ASP B 232 -14.23 13.26 22.35
C ASP B 232 -15.01 12.54 23.44
N LEU B 233 -14.72 11.25 23.60
CA LEU B 233 -15.30 10.46 24.67
C LEU B 233 -15.03 11.13 26.00
N ALA B 234 -13.76 11.49 26.23
CA ALA B 234 -13.37 12.06 27.51
C ALA B 234 -14.08 13.41 27.76
N ALA B 235 -14.19 14.22 26.71
CA ALA B 235 -14.90 15.50 26.84
C ALA B 235 -16.32 15.27 27.35
N GLY B 236 -16.94 14.17 26.92
CA GLY B 236 -18.31 13.89 27.30
C GLY B 236 -18.45 13.56 28.77
N LEU B 237 -17.39 13.04 29.38
CA LEU B 237 -17.39 12.72 30.79
C LEU B 237 -17.36 13.95 31.68
N VAL B 238 -16.79 15.05 31.18
CA VAL B 238 -16.56 16.23 32.04
C VAL B 238 -17.30 17.48 31.58
N GLY B 239 -18.47 17.30 31.00
CA GLY B 239 -19.31 18.43 30.64
C GLY B 239 -19.51 18.63 29.14
N GLY B 240 -18.70 17.94 28.34
CA GLY B 240 -18.87 17.96 26.91
C GLY B 240 -17.91 18.87 26.18
N LEU B 241 -18.15 19.00 24.88
CA LEU B 241 -17.26 19.70 23.98
C LEU B 241 -17.25 21.23 24.13
N GLY B 242 -18.23 21.79 24.82
CA GLY B 242 -18.19 23.20 25.13
C GLY B 242 -17.05 23.56 26.05
N LEU B 243 -16.42 22.57 26.69
CA LEU B 243 -15.39 22.82 27.71
C LEU B 243 -13.96 22.36 27.38
N ALA B 244 -13.80 21.55 26.32
CA ALA B 244 -12.56 20.76 26.11
C ALA B 244 -11.49 21.46 25.27
N PRO B 245 -10.32 21.78 25.87
CA PRO B 245 -9.23 22.49 25.18
C PRO B 245 -8.15 21.58 24.59
N SER B 246 -7.29 22.11 23.73
CA SER B 246 -6.14 21.36 23.24
C SER B 246 -5.00 22.26 22.77
N GLY B 247 -3.83 21.65 22.68
CA GLY B 247 -2.69 22.28 22.01
C GLY B 247 -2.08 21.32 21.00
N ASN B 248 -1.83 21.83 19.79
CA ASN B 248 -1.03 21.14 18.80
C ASN B 248 0.38 21.70 18.96
N ILE B 249 1.27 20.92 19.57
CA ILE B 249 2.55 21.42 20.01
C ILE B 249 3.68 20.71 19.31
N GLY B 250 4.51 21.49 18.65
CA GLY B 250 5.72 21.00 18.01
C GLY B 250 6.95 21.53 18.73
N ASP B 251 8.13 21.34 18.13
CA ASP B 251 9.39 21.72 18.76
C ASP B 251 9.61 23.23 18.77
N THR B 252 9.12 23.94 17.76
CA THR B 252 9.31 25.40 17.70
C THR B 252 8.05 26.26 17.66
N THR B 253 6.89 25.71 17.33
CA THR B 253 5.67 26.47 17.56
C THR B 253 4.49 25.62 17.96
N ALA B 254 3.35 26.27 18.18
CA ALA B 254 2.16 25.62 18.69
C ALA B 254 0.88 26.32 18.27
N VAL B 255 -0.15 25.51 18.02
CA VAL B 255 -1.49 25.99 17.69
C VAL B 255 -2.47 25.42 18.71
N PHE B 256 -3.05 26.31 19.51
CA PHE B 256 -4.06 25.95 20.49
C PHE B 256 -5.45 26.09 19.87
N GLU B 257 -6.33 25.16 20.22
CA GLU B 257 -7.65 25.12 19.65
C GLU B 257 -8.56 24.23 20.49
N PRO B 258 -9.88 24.49 20.48
CA PRO B 258 -10.82 23.56 21.09
C PRO B 258 -10.72 22.22 20.42
N VAL B 259 -11.02 21.18 21.17
CA VAL B 259 -11.23 19.85 20.60
C VAL B 259 -12.42 19.87 19.62
N HIS B 260 -13.43 20.70 19.92
CA HIS B 260 -14.64 20.73 19.12
C HIS B 260 -14.41 21.29 17.72
N GLY B 261 -15.34 21.00 16.81
CA GLY B 261 -15.30 21.52 15.46
C GLY B 261 -16.08 22.79 15.24
N SER B 262 -16.51 22.99 14.00
CA SER B 262 -17.26 24.16 13.62
C SER B 262 -18.74 24.15 14.10
N ALA B 263 -19.17 23.06 14.71
CA ALA B 263 -20.54 22.98 15.25
C ALA B 263 -21.59 23.69 14.37
N PRO B 264 -21.74 23.22 13.13
CA PRO B 264 -22.67 23.87 12.21
C PRO B 264 -24.14 23.78 12.65
N ASP B 265 -24.49 22.81 13.47
CA ASP B 265 -25.86 22.72 13.97
C ASP B 265 -26.25 23.93 14.88
N ILE B 266 -25.27 24.61 15.48
CA ILE B 266 -25.53 25.81 16.28
C ILE B 266 -24.82 27.10 15.85
N ALA B 267 -23.99 27.04 14.81
CA ALA B 267 -23.36 28.25 14.28
C ALA B 267 -24.43 29.27 13.89
N GLY B 268 -24.29 30.49 14.40
CA GLY B 268 -25.20 31.57 14.09
C GLY B 268 -26.37 31.65 15.03
N LYS B 269 -26.31 30.94 16.15
CA LYS B 269 -27.41 30.92 17.11
C LYS B 269 -27.14 31.70 18.38
N GLY B 270 -25.91 32.19 18.52
CA GLY B 270 -25.55 33.08 19.60
C GLY B 270 -25.29 32.39 20.94
N ILE B 271 -25.24 31.06 20.95
CA ILE B 271 -25.22 30.28 22.20
C ILE B 271 -24.02 29.36 22.43
N ALA B 272 -23.13 29.24 21.45
CA ALA B 272 -21.97 28.37 21.58
C ALA B 272 -21.15 28.70 22.86
N ASN B 273 -20.71 27.66 23.55
CA ASN B 273 -19.90 27.79 24.74
C ASN B 273 -18.47 28.09 24.36
N PRO B 274 -17.95 29.24 24.79
CA PRO B 274 -16.57 29.62 24.50
C PRO B 274 -15.57 29.10 25.52
N THR B 275 -16.00 28.30 26.47
CA THR B 275 -15.08 27.79 27.47
C THR B 275 -13.92 27.04 26.84
N ALA B 276 -14.22 26.13 25.92
CA ALA B 276 -13.18 25.35 25.24
C ALA B 276 -12.10 26.26 24.62
N ALA B 277 -12.54 27.28 23.90
CA ALA B 277 -11.58 28.21 23.29
C ALA B 277 -10.82 29.01 24.35
N ILE B 278 -11.51 29.37 25.42
CA ILE B 278 -10.91 30.15 26.51
C ILE B 278 -9.88 29.33 27.28
N LEU B 279 -10.20 28.07 27.56
CA LEU B 279 -9.25 27.19 28.21
C LEU B 279 -8.06 26.87 27.31
N SER B 280 -8.28 26.90 26.00
CA SER B 280 -7.20 26.69 25.07
C SER B 280 -6.26 27.90 25.13
N ALA B 281 -6.83 29.08 25.21
CA ALA B 281 -6.05 30.30 25.41
C ALA B 281 -5.30 30.23 26.73
N ALA B 282 -5.91 29.63 27.75
CA ALA B 282 -5.21 29.41 29.01
C ALA B 282 -4.02 28.48 28.81
N MET B 283 -4.22 27.39 28.07
CA MET B 283 -3.11 26.48 27.78
C MET B 283 -2.01 27.23 27.07
N MET B 284 -2.38 28.09 26.12
CA MET B 284 -1.45 28.88 25.36
C MET B 284 -0.60 29.75 26.31
N LEU B 285 -1.27 30.42 27.25
CA LEU B 285 -0.57 31.23 28.22
C LEU B 285 0.46 30.42 28.98
N ASP B 286 0.13 29.20 29.36
CA ASP B 286 1.08 28.34 30.05
C ASP B 286 2.29 28.02 29.18
N TYR B 287 2.06 27.68 27.92
CA TYR B 287 3.13 27.38 26.97
C TYR B 287 4.08 28.55 26.82
N LEU B 288 3.52 29.77 26.83
CA LEU B 288 4.29 31.00 26.71
C LEU B 288 5.07 31.39 27.99
N GLY B 289 4.87 30.65 29.09
CA GLY B 289 5.52 30.94 30.36
C GLY B 289 4.81 31.98 31.22
N GLU B 290 3.53 32.22 30.95
CA GLU B 290 2.68 33.05 31.79
C GLU B 290 1.71 32.18 32.60
N LYS B 291 2.29 31.33 33.45
CA LYS B 291 1.53 30.34 34.23
C LYS B 291 0.51 30.94 35.18
N GLU B 292 0.83 32.09 35.78
CA GLU B 292 -0.09 32.68 36.76
C GLU B 292 -1.30 33.28 36.07
N ALA B 293 -1.06 33.91 34.92
CA ALA B 293 -2.14 34.36 34.06
C ALA B 293 -3.05 33.18 33.67
N ALA B 294 -2.44 32.05 33.31
CA ALA B 294 -3.17 30.84 32.95
C ALA B 294 -4.07 30.34 34.07
N LYS B 295 -3.52 30.29 35.28
CA LYS B 295 -4.29 29.85 36.42
C LYS B 295 -5.44 30.83 36.72
N ARG B 296 -5.20 32.12 36.52
CA ARG B 296 -6.26 33.12 36.73
C ARG B 296 -7.39 32.92 35.72
N VAL B 297 -7.02 32.73 34.46
CA VAL B 297 -8.02 32.49 33.44
C VAL B 297 -8.87 31.25 33.77
N GLU B 298 -8.19 30.18 34.14
CA GLU B 298 -8.88 28.96 34.49
C GLU B 298 -9.75 29.16 35.72
N LYS B 299 -9.28 29.93 36.69
CA LYS B 299 -10.05 30.15 37.91
C LYS B 299 -11.31 30.95 37.57
N ALA B 300 -11.17 31.97 36.71
CA ALA B 300 -12.31 32.80 36.36
C ALA B 300 -13.38 31.94 35.69
N VAL B 301 -12.94 31.11 34.72
CA VAL B 301 -13.80 30.10 34.07
C VAL B 301 -14.55 29.24 35.09
N ASP B 302 -13.83 28.65 36.05
CA ASP B 302 -14.47 27.79 37.08
C ASP B 302 -15.52 28.50 37.90
N LEU B 303 -15.20 29.72 38.31
CA LEU B 303 -16.14 30.53 39.08
C LEU B 303 -17.46 30.68 38.34
N VAL B 304 -17.39 31.02 37.07
CA VAL B 304 -18.58 31.27 36.28
C VAL B 304 -19.33 29.97 36.02
N LEU B 305 -18.61 28.87 35.80
CA LEU B 305 -19.28 27.59 35.58
C LEU B 305 -20.07 27.18 36.83
N GLU B 306 -19.48 27.46 37.98
CA GLU B 306 -20.09 27.11 39.24
C GLU B 306 -21.29 27.99 39.58
N ARG B 307 -21.18 29.30 39.37
CA ARG B 307 -22.21 30.25 39.80
C ARG B 307 -23.23 30.56 38.73
N GLY B 308 -22.94 30.22 37.48
CA GLY B 308 -23.72 30.73 36.34
C GLY B 308 -23.20 32.10 35.95
N PRO B 309 -23.67 32.65 34.83
CA PRO B 309 -24.65 32.10 33.90
C PRO B 309 -24.04 31.02 33.01
N ARG B 310 -24.87 30.09 32.56
CA ARG B 310 -24.43 28.97 31.75
C ARG B 310 -25.08 28.95 30.39
N THR B 311 -24.29 28.54 29.41
CA THR B 311 -24.78 28.34 28.06
C THR B 311 -25.65 27.08 28.00
N PRO B 312 -26.50 26.96 26.97
CA PRO B 312 -27.47 25.86 26.94
C PRO B 312 -26.88 24.45 26.98
N ASP B 313 -25.65 24.28 26.52
CA ASP B 313 -24.98 22.97 26.59
C ASP B 313 -24.73 22.52 28.03
N LEU B 314 -24.76 23.46 28.97
CA LEU B 314 -24.66 23.11 30.39
C LEU B 314 -26.00 23.21 31.14
N GLY B 315 -27.11 23.25 30.41
CA GLY B 315 -28.44 23.32 31.01
C GLY B 315 -28.93 24.72 31.30
N GLY B 316 -28.17 25.74 30.92
CA GLY B 316 -28.53 27.13 31.21
C GLY B 316 -29.20 27.78 30.03
N ASP B 317 -29.28 29.09 30.03
CA ASP B 317 -29.87 29.79 28.91
C ASP B 317 -29.09 31.02 28.49
N ALA B 318 -27.83 31.11 28.87
CA ALA B 318 -27.04 32.29 28.56
C ALA B 318 -26.56 32.29 27.11
N THR B 319 -26.47 33.47 26.53
CA THR B 319 -25.78 33.66 25.28
C THR B 319 -24.28 33.54 25.50
N THR B 320 -23.56 33.33 24.40
CA THR B 320 -22.11 33.33 24.42
C THR B 320 -21.57 34.64 25.01
N GLU B 321 -22.16 35.74 24.60
CA GLU B 321 -21.78 37.09 25.07
C GLU B 321 -21.90 37.23 26.59
N ALA B 322 -23.04 36.87 27.15
CA ALA B 322 -23.25 36.95 28.60
C ALA B 322 -22.23 36.13 29.38
N PHE B 323 -22.06 34.87 28.98
CA PHE B 323 -21.08 33.99 29.58
C PHE B 323 -19.69 34.61 29.52
N THR B 324 -19.34 35.14 28.36
CA THR B 324 -18.03 35.75 28.18
C THR B 324 -17.83 36.93 29.14
N GLU B 325 -18.78 37.86 29.16
CA GLU B 325 -18.71 39.00 30.06
C GLU B 325 -18.56 38.54 31.51
N ALA B 326 -19.24 37.46 31.91
CA ALA B 326 -19.11 36.97 33.28
C ALA B 326 -17.69 36.48 33.58
N VAL B 327 -17.03 35.85 32.60
CA VAL B 327 -15.68 35.36 32.79
C VAL B 327 -14.72 36.54 32.85
N VAL B 328 -14.94 37.54 32.00
CA VAL B 328 -14.13 38.75 32.00
C VAL B 328 -14.21 39.44 33.36
N GLU B 329 -15.43 39.57 33.87
CA GLU B 329 -15.67 40.18 35.17
C GLU B 329 -15.02 39.38 36.30
N ALA B 330 -15.12 38.05 36.26
CA ALA B 330 -14.49 37.23 37.28
C ALA B 330 -12.97 37.38 37.24
N LEU B 331 -12.43 37.51 36.04
CA LEU B 331 -10.98 37.56 35.88
C LEU B 331 -10.47 38.84 36.50
N LYS B 332 -11.06 39.96 36.12
CA LYS B 332 -10.69 41.28 36.67
C LYS B 332 -10.77 41.38 38.21
N SER B 333 -11.66 40.62 38.83
CA SER B 333 -11.76 40.58 40.28
C SER B 333 -10.77 39.61 40.96
N LEU B 334 -9.83 39.03 40.22
CA LEU B 334 -8.76 38.22 40.82
C LEU B 334 -7.45 39.01 40.70
N ALA C 2 42.05 -25.54 3.24
CA ALA C 2 41.17 -25.66 2.04
C ALA C 2 40.13 -24.56 2.04
N TYR C 3 39.70 -24.11 0.87
CA TYR C 3 38.55 -23.22 0.80
C TYR C 3 37.35 -24.12 0.91
N ARG C 4 36.38 -23.71 1.72
CA ARG C 4 35.11 -24.42 1.78
C ARG C 4 34.10 -23.82 0.79
N ILE C 5 33.62 -24.65 -0.12
CA ILE C 5 32.71 -24.21 -1.15
C ILE C 5 31.41 -24.97 -1.04
N CYS C 6 30.34 -24.26 -0.76
CA CYS C 6 29.04 -24.88 -0.69
C CYS C 6 28.51 -25.08 -2.11
N LEU C 7 28.11 -26.31 -2.46
CA LEU C 7 27.50 -26.62 -3.77
C LEU C 7 26.01 -26.92 -3.63
N ILE C 8 25.19 -26.21 -4.40
CA ILE C 8 23.75 -26.40 -4.41
C ILE C 8 23.27 -26.50 -5.85
N GLU C 9 22.69 -27.65 -6.21
CA GLU C 9 22.33 -27.87 -7.59
C GLU C 9 21.00 -27.21 -7.97
N GLY C 10 20.01 -27.30 -7.07
CA GLY C 10 18.67 -26.81 -7.37
C GLY C 10 17.84 -27.80 -8.20
N ASP C 11 17.31 -27.34 -9.33
CA ASP C 11 16.41 -28.12 -10.17
C ASP C 11 16.88 -28.11 -11.63
N GLY C 12 16.30 -29.00 -12.45
CA GLY C 12 16.54 -29.02 -13.88
C GLY C 12 18.03 -29.07 -14.19
N ILE C 13 18.50 -28.17 -15.04
CA ILE C 13 19.88 -28.23 -15.51
C ILE C 13 20.89 -27.88 -14.41
N GLY C 14 20.42 -27.43 -13.26
CA GLY C 14 21.32 -27.30 -12.12
C GLY C 14 22.04 -28.60 -11.80
N HIS C 15 21.32 -29.71 -11.92
CA HIS C 15 21.90 -31.03 -11.66
C HIS C 15 22.98 -31.40 -12.68
N GLU C 16 23.00 -30.69 -13.80
CA GLU C 16 23.98 -30.94 -14.88
C GLU C 16 25.18 -29.96 -14.84
N VAL C 17 24.93 -28.68 -14.64
CA VAL C 17 25.99 -27.66 -14.79
C VAL C 17 26.85 -27.44 -13.54
N ILE C 18 26.29 -27.71 -12.36
CA ILE C 18 27.05 -27.61 -11.12
C ILE C 18 28.12 -28.69 -10.97
N PRO C 19 27.78 -29.96 -11.26
CA PRO C 19 28.84 -30.98 -11.28
C PRO C 19 29.90 -30.66 -12.32
N ALA C 20 29.50 -30.08 -13.43
CA ALA C 20 30.46 -29.68 -14.47
C ALA C 20 31.42 -28.63 -13.91
N ALA C 21 30.86 -27.63 -13.25
CA ALA C 21 31.63 -26.58 -12.65
C ALA C 21 32.50 -27.12 -11.52
N ARG C 22 31.98 -28.08 -10.75
CA ARG C 22 32.79 -28.73 -9.73
C ARG C 22 34.02 -29.40 -10.35
N ARG C 23 33.82 -30.13 -11.44
CA ARG C 23 34.92 -30.80 -12.12
C ARG C 23 35.99 -29.80 -12.60
N VAL C 24 35.57 -28.63 -13.09
CA VAL C 24 36.57 -27.62 -13.55
C VAL C 24 37.34 -26.98 -12.39
N LEU C 25 36.66 -26.74 -11.28
CA LEU C 25 37.33 -26.27 -10.08
C LEU C 25 38.33 -27.29 -9.57
N GLU C 26 37.95 -28.56 -9.58
CA GLU C 26 38.85 -29.64 -9.17
C GLU C 26 40.14 -29.64 -10.00
N ALA C 27 40.04 -29.32 -11.29
CA ALA C 27 41.20 -29.31 -12.19
C ALA C 27 42.12 -28.08 -12.05
N THR C 28 41.71 -27.07 -11.28
CA THR C 28 42.58 -25.92 -10.98
C THR C 28 43.75 -26.30 -10.08
N GLY C 29 43.63 -27.41 -9.36
CA GLY C 29 44.65 -27.83 -8.40
C GLY C 29 44.58 -27.17 -7.04
N LEU C 30 43.59 -26.30 -6.81
CA LEU C 30 43.42 -25.64 -5.51
C LEU C 30 42.88 -26.61 -4.47
N PRO C 31 43.17 -26.38 -3.17
CA PRO C 31 42.57 -27.19 -2.12
C PRO C 31 41.16 -26.71 -1.81
N LEU C 32 40.20 -27.57 -2.12
CA LEU C 32 38.79 -27.24 -2.02
C LEU C 32 38.07 -28.34 -1.33
N GLU C 33 37.26 -27.98 -0.36
CA GLU C 33 36.42 -28.91 0.33
C GLU C 33 35.01 -28.51 -0.05
N PHE C 34 34.29 -29.40 -0.70
CA PHE C 34 32.96 -29.08 -1.20
C PHE C 34 31.88 -29.58 -0.24
N VAL C 35 31.00 -28.68 0.17
CA VAL C 35 29.92 -28.99 1.08
C VAL C 35 28.59 -28.96 0.30
N GLU C 36 27.95 -30.12 0.14
CA GLU C 36 26.71 -30.21 -0.60
C GLU C 36 25.52 -29.79 0.23
N ALA C 37 24.62 -29.02 -0.37
CA ALA C 37 23.38 -28.61 0.27
C ALA C 37 22.27 -28.62 -0.75
N GLU C 38 21.04 -28.53 -0.29
CA GLU C 38 19.92 -28.62 -1.20
C GLU C 38 18.98 -27.43 -1.08
N ALA C 39 18.29 -27.15 -2.17
CA ALA C 39 17.32 -26.07 -2.21
C ALA C 39 16.53 -26.19 -3.49
N GLY C 40 15.34 -25.58 -3.50
CA GLY C 40 14.53 -25.54 -4.70
C GLY C 40 13.20 -26.21 -4.57
N TRP C 41 12.58 -26.44 -5.73
CA TRP C 41 11.23 -26.99 -5.85
C TRP C 41 11.17 -28.45 -5.42
N GLU C 42 12.14 -29.23 -5.87
CA GLU C 42 12.17 -30.63 -5.48
C GLU C 42 12.41 -30.73 -3.97
N THR C 43 13.26 -29.84 -3.45
CA THR C 43 13.53 -29.82 -2.03
C THR C 43 12.27 -29.49 -1.24
N PHE C 44 11.44 -28.60 -1.75
CA PHE C 44 10.18 -28.25 -1.10
C PHE C 44 9.21 -29.43 -1.09
N GLU C 45 9.12 -30.14 -2.20
CA GLU C 45 8.30 -31.35 -2.28
C GLU C 45 8.69 -32.36 -1.21
N ARG C 46 9.99 -32.58 -1.03
CA ARG C 46 10.38 -33.61 -0.06
C ARG C 46 10.44 -33.11 1.39
N ARG C 47 10.84 -31.86 1.60
CA ARG C 47 11.07 -31.33 2.95
C ARG C 47 10.05 -30.33 3.47
N GLY C 48 9.15 -29.85 2.61
CA GLY C 48 8.15 -28.86 2.99
C GLY C 48 8.62 -27.41 2.95
N THR C 49 9.90 -27.21 2.59
CA THR C 49 10.47 -25.88 2.44
C THR C 49 11.53 -25.86 1.32
N SER C 50 11.55 -24.80 0.51
CA SER C 50 12.54 -24.69 -0.57
C SER C 50 13.96 -24.41 -0.09
N VAL C 51 14.11 -23.92 1.13
CA VAL C 51 15.44 -23.70 1.70
C VAL C 51 15.47 -24.15 3.15
N PRO C 52 15.88 -25.41 3.38
CA PRO C 52 16.09 -25.83 4.77
C PRO C 52 17.06 -24.91 5.51
N GLU C 53 16.81 -24.74 6.80
CA GLU C 53 17.75 -24.03 7.69
C GLU C 53 19.14 -24.60 7.61
N GLU C 54 19.24 -25.91 7.48
CA GLU C 54 20.52 -26.61 7.35
C GLU C 54 21.34 -26.04 6.15
N THR C 55 20.66 -25.75 5.06
CA THR C 55 21.27 -25.19 3.89
C THR C 55 21.85 -23.80 4.19
N VAL C 56 21.07 -22.97 4.87
CA VAL C 56 21.53 -21.66 5.27
C VAL C 56 22.82 -21.78 6.11
N GLU C 57 22.81 -22.69 7.09
CA GLU C 57 23.97 -22.91 7.96
C GLU C 57 25.19 -23.38 7.19
N LYS C 58 24.98 -24.20 6.18
CA LYS C 58 26.10 -24.66 5.35
C LYS C 58 26.72 -23.54 4.50
N ILE C 59 25.86 -22.71 3.93
CA ILE C 59 26.29 -21.52 3.22
C ILE C 59 27.13 -20.61 4.12
N LEU C 60 26.62 -20.32 5.33
CA LEU C 60 27.37 -19.44 6.25
C LEU C 60 28.66 -20.08 6.75
N SER C 61 28.77 -21.41 6.71
CA SER C 61 30.00 -22.11 7.14
C SER C 61 31.04 -22.19 6.04
N CYS C 62 30.72 -21.66 4.85
CA CYS C 62 31.63 -21.75 3.71
C CYS C 62 32.16 -20.38 3.26
N HIS C 63 33.32 -20.40 2.59
CA HIS C 63 33.88 -19.17 2.03
C HIS C 63 33.02 -18.60 0.93
N ALA C 64 32.36 -19.48 0.20
CA ALA C 64 31.47 -19.08 -0.89
C ALA C 64 30.58 -20.25 -1.32
N THR C 65 29.56 -19.91 -2.09
CA THR C 65 28.57 -20.87 -2.52
C THR C 65 28.43 -20.79 -4.02
N LEU C 66 28.26 -21.95 -4.64
CA LEU C 66 27.96 -22.04 -6.05
C LEU C 66 26.60 -22.72 -6.18
N PHE C 67 25.68 -22.03 -6.87
CA PHE C 67 24.27 -22.39 -6.91
C PHE C 67 23.88 -22.58 -8.37
N GLY C 68 23.14 -23.64 -8.64
CA GLY C 68 22.66 -23.92 -9.99
C GLY C 68 21.48 -23.05 -10.34
N ALA C 69 20.29 -23.50 -10.00
CA ALA C 69 19.08 -22.80 -10.34
C ALA C 69 17.92 -23.56 -9.75
N ALA C 70 16.84 -22.86 -9.45
CA ALA C 70 15.72 -23.54 -8.84
C ALA C 70 14.47 -23.15 -9.53
N THR C 71 13.57 -24.10 -9.70
CA THR C 71 12.28 -23.84 -10.30
C THR C 71 11.32 -23.12 -9.32
N SER C 72 10.56 -22.18 -9.84
CA SER C 72 9.39 -21.62 -9.15
C SER C 72 8.14 -21.82 -9.99
N PRO C 73 6.98 -22.05 -9.33
CA PRO C 73 5.70 -22.06 -10.04
C PRO C 73 5.25 -20.64 -10.35
N THR C 74 4.28 -20.51 -11.26
CA THR C 74 3.65 -19.23 -11.59
C THR C 74 2.33 -18.99 -10.83
N ARG C 75 2.20 -19.52 -9.63
CA ARG C 75 1.00 -19.36 -8.80
C ARG C 75 1.39 -19.54 -7.36
N LYS C 76 0.57 -19.02 -6.46
CA LYS C 76 0.81 -19.17 -5.03
C LYS C 76 0.75 -20.66 -4.69
N VAL C 77 1.75 -21.17 -3.99
CA VAL C 77 1.75 -22.54 -3.48
C VAL C 77 2.03 -22.47 -1.99
N PRO C 78 1.07 -22.87 -1.15
CA PRO C 78 1.26 -22.61 0.29
C PRO C 78 2.54 -23.21 0.84
N GLY C 79 3.29 -22.42 1.60
CA GLY C 79 4.54 -22.86 2.19
C GLY C 79 5.77 -22.79 1.28
N PHE C 80 5.54 -22.51 -0.01
CA PHE C 80 6.64 -22.34 -0.93
C PHE C 80 7.01 -20.89 -1.14
N PHE C 81 8.31 -20.62 -1.00
CA PHE C 81 8.93 -19.34 -1.40
C PHE C 81 10.09 -19.66 -2.34
N GLY C 82 10.31 -18.78 -3.32
CA GLY C 82 11.39 -18.93 -4.29
C GLY C 82 12.71 -19.01 -3.57
N ALA C 83 13.53 -19.98 -3.94
CA ALA C 83 14.74 -20.31 -3.20
C ALA C 83 15.82 -19.24 -3.29
N ILE C 84 16.21 -18.82 -4.49
CA ILE C 84 17.30 -17.86 -4.59
C ILE C 84 16.86 -16.53 -3.98
N ARG C 85 15.60 -16.16 -4.15
CA ARG C 85 15.09 -14.92 -3.59
C ARG C 85 15.10 -14.92 -2.07
N TYR C 86 14.71 -16.02 -1.45
CA TYR C 86 14.84 -16.16 0.01
C TYR C 86 16.30 -15.96 0.44
N LEU C 87 17.23 -16.64 -0.23
CA LEU C 87 18.67 -16.51 0.11
C LEU C 87 19.17 -15.09 -0.03
N ARG C 88 18.79 -14.46 -1.13
CA ARG C 88 19.14 -13.07 -1.38
C ARG C 88 18.75 -12.16 -0.24
N ARG C 89 17.51 -12.29 0.25
CA ARG C 89 17.00 -11.41 1.30
C ARG C 89 17.51 -11.81 2.70
N ARG C 90 17.47 -13.10 2.99
CA ARG C 90 17.93 -13.64 4.27
C ARG C 90 19.39 -13.32 4.53
N LEU C 91 20.26 -13.62 3.57
CA LEU C 91 21.69 -13.36 3.68
C LEU C 91 22.09 -11.93 3.28
N ASP C 92 21.13 -11.13 2.87
CA ASP C 92 21.39 -9.73 2.54
C ASP C 92 22.45 -9.60 1.43
N LEU C 93 22.25 -10.35 0.37
CA LEU C 93 23.17 -10.33 -0.76
C LEU C 93 22.74 -9.21 -1.70
N TYR C 94 23.02 -7.99 -1.30
CA TYR C 94 22.36 -6.81 -1.89
C TYR C 94 22.82 -6.45 -3.30
N ALA C 95 24.00 -6.90 -3.70
CA ALA C 95 24.53 -6.62 -5.03
C ALA C 95 24.56 -7.84 -5.96
N ASN C 96 23.76 -7.79 -7.04
CA ASN C 96 23.78 -8.81 -8.06
C ASN C 96 24.67 -8.28 -9.22
N VAL C 97 25.85 -8.88 -9.41
CA VAL C 97 26.82 -8.46 -10.41
C VAL C 97 26.78 -9.37 -11.63
N ARG C 98 26.41 -8.83 -12.80
CA ARG C 98 26.18 -9.64 -14.00
C ARG C 98 27.00 -9.11 -15.18
N PRO C 99 28.21 -9.64 -15.36
CA PRO C 99 29.04 -9.20 -16.50
C PRO C 99 28.50 -9.70 -17.83
N ALA C 100 28.61 -8.85 -18.86
CA ALA C 100 28.32 -9.28 -20.23
C ALA C 100 29.49 -8.91 -21.13
N LYS C 101 30.10 -9.93 -21.72
CA LYS C 101 31.39 -9.80 -22.39
C LYS C 101 31.44 -10.65 -23.65
N SER C 102 31.74 -10.03 -24.80
CA SER C 102 31.91 -10.74 -26.07
C SER C 102 32.81 -11.95 -25.90
N ARG C 103 32.35 -13.06 -26.45
CA ARG C 103 33.04 -14.34 -26.45
C ARG C 103 33.13 -14.86 -27.89
N PRO C 104 34.09 -15.72 -28.19
CA PRO C 104 34.31 -16.13 -29.59
C PRO C 104 33.39 -17.27 -30.07
N VAL C 105 32.10 -16.96 -30.21
CA VAL C 105 31.10 -17.93 -30.66
C VAL C 105 30.24 -17.22 -31.66
N PRO C 106 29.52 -17.96 -32.50
CA PRO C 106 28.71 -17.34 -33.58
C PRO C 106 27.57 -16.42 -33.11
N GLY C 107 26.91 -16.77 -32.00
CA GLY C 107 25.79 -15.96 -31.47
C GLY C 107 26.13 -14.61 -30.80
N SER C 108 27.36 -14.10 -30.99
CA SER C 108 27.91 -13.03 -30.14
C SER C 108 28.30 -11.77 -30.88
N ARG C 109 27.85 -10.63 -30.38
CA ARG C 109 28.32 -9.35 -30.87
C ARG C 109 29.75 -9.16 -30.40
N PRO C 110 30.63 -8.63 -31.25
CA PRO C 110 31.99 -8.26 -30.80
C PRO C 110 31.97 -6.92 -30.02
N GLY C 111 33.05 -6.60 -29.31
CA GLY C 111 33.19 -5.30 -28.65
C GLY C 111 32.29 -4.99 -27.45
N VAL C 112 31.71 -6.02 -26.82
CA VAL C 112 30.87 -5.83 -25.64
C VAL C 112 31.63 -6.21 -24.38
N ASP C 113 31.67 -5.28 -23.42
CA ASP C 113 32.27 -5.51 -22.14
C ASP C 113 31.62 -4.55 -21.12
N LEU C 114 30.57 -5.04 -20.48
CA LEU C 114 29.82 -4.25 -19.52
C LEU C 114 29.48 -5.04 -18.28
N VAL C 115 29.08 -4.35 -17.22
CA VAL C 115 28.64 -5.00 -16.01
C VAL C 115 27.33 -4.37 -15.56
N ILE C 116 26.33 -5.19 -15.32
CA ILE C 116 25.07 -4.73 -14.79
C ILE C 116 25.14 -5.03 -13.29
N VAL C 117 24.97 -3.98 -12.51
CA VAL C 117 24.90 -4.09 -11.08
C VAL C 117 23.46 -3.89 -10.66
N ARG C 118 22.85 -4.98 -10.23
CA ARG C 118 21.42 -5.04 -9.98
C ARG C 118 21.14 -5.04 -8.49
N GLU C 119 20.42 -4.03 -8.01
CA GLU C 119 19.93 -4.07 -6.62
C GLU C 119 19.14 -5.35 -6.39
N ASN C 120 19.47 -6.06 -5.32
CA ASN C 120 19.12 -7.47 -5.24
C ASN C 120 18.23 -7.83 -4.07
N THR C 121 17.56 -6.83 -3.53
CA THR C 121 16.97 -6.92 -2.21
C THR C 121 15.53 -6.37 -2.10
N GLU C 122 15.21 -5.32 -2.84
CA GLU C 122 13.94 -4.63 -2.71
C GLU C 122 13.27 -4.39 -4.08
N GLY C 123 12.77 -3.19 -4.34
CA GLY C 123 11.91 -2.97 -5.48
C GLY C 123 10.65 -3.81 -5.37
N LEU C 124 10.25 -4.39 -6.49
CA LEU C 124 9.12 -5.28 -6.57
C LEU C 124 9.39 -6.60 -5.84
N TYR C 125 10.66 -6.93 -5.56
CA TYR C 125 11.05 -8.26 -4.99
C TYR C 125 10.86 -8.33 -3.48
N VAL C 126 10.20 -7.32 -2.97
CA VAL C 126 9.88 -7.22 -1.58
C VAL C 126 8.78 -8.23 -1.28
N GLU C 127 8.06 -8.66 -2.32
CA GLU C 127 6.99 -9.62 -2.19
C GLU C 127 6.02 -9.33 -1.06
N GLN C 128 5.29 -8.25 -1.23
CA GLN C 128 4.21 -7.88 -0.37
C GLN C 128 3.01 -7.66 -1.27
N GLU C 129 2.44 -8.77 -1.76
CA GLU C 129 1.24 -8.73 -2.58
C GLU C 129 -0.03 -9.02 -1.78
N ARG C 130 -1.14 -8.49 -2.30
CA ARG C 130 -2.45 -8.63 -1.68
C ARG C 130 -3.49 -8.72 -2.76
N ARG C 131 -4.56 -9.45 -2.50
CA ARG C 131 -5.66 -9.47 -3.42
C ARG C 131 -6.96 -9.20 -2.69
N TYR C 132 -7.71 -8.26 -3.21
CA TYR C 132 -8.96 -7.81 -2.67
C TYR C 132 -9.97 -7.93 -3.81
N LEU C 133 -10.92 -8.86 -3.67
CA LEU C 133 -11.88 -9.15 -4.73
C LEU C 133 -11.11 -9.35 -6.04
N ASP C 134 -11.34 -8.55 -7.07
CA ASP C 134 -10.63 -8.76 -8.35
C ASP C 134 -9.53 -7.74 -8.66
N VAL C 135 -8.96 -7.15 -7.61
CA VAL C 135 -7.83 -6.24 -7.74
C VAL C 135 -6.68 -6.78 -6.93
N ALA C 136 -5.51 -6.89 -7.55
CA ALA C 136 -4.30 -7.30 -6.86
C ALA C 136 -3.31 -6.14 -6.78
N ILE C 137 -2.56 -6.07 -5.69
CA ILE C 137 -1.65 -4.95 -5.42
C ILE C 137 -0.35 -5.50 -4.86
N ALA C 138 0.77 -5.10 -5.47
CA ALA C 138 2.10 -5.39 -4.93
C ALA C 138 2.81 -4.09 -4.56
N ASP C 139 3.63 -4.13 -3.50
CA ASP C 139 4.49 -3.03 -3.13
C ASP C 139 5.74 -3.03 -4.01
N ALA C 140 6.13 -1.85 -4.49
CA ALA C 140 7.43 -1.62 -5.07
C ALA C 140 8.10 -0.62 -4.13
N VAL C 141 9.13 -1.07 -3.44
CA VAL C 141 9.77 -0.28 -2.39
C VAL C 141 11.20 0.09 -2.74
N ILE C 142 11.52 1.36 -2.56
CA ILE C 142 12.87 1.89 -2.75
C ILE C 142 13.24 2.65 -1.51
N SER C 143 14.37 2.28 -0.92
CA SER C 143 14.84 2.94 0.29
C SER C 143 16.17 3.62 -0.01
N LYS C 144 16.43 4.72 0.70
CA LYS C 144 17.68 5.45 0.62
C LYS C 144 18.84 4.54 0.97
N LYS C 145 18.72 3.78 2.07
CA LYS C 145 19.79 2.89 2.49
C LYS C 145 20.19 1.90 1.40
N ALA C 146 19.24 1.12 0.90
CA ALA C 146 19.56 0.11 -0.10
C ALA C 146 20.12 0.74 -1.37
N SER C 147 19.58 1.89 -1.75
CA SER C 147 20.07 2.60 -2.92
C SER C 147 21.50 3.12 -2.69
N GLU C 148 21.83 3.55 -1.47
CA GLU C 148 23.20 3.97 -1.17
C GLU C 148 24.15 2.81 -1.40
N ARG C 149 23.81 1.65 -0.83
CA ARG C 149 24.68 0.49 -0.86
C ARG C 149 24.94 -0.01 -2.28
N ILE C 150 23.89 -0.11 -3.08
CA ILE C 150 24.02 -0.62 -4.42
C ILE C 150 24.75 0.40 -5.29
N GLY C 151 24.47 1.68 -5.06
CA GLY C 151 25.18 2.78 -5.73
C GLY C 151 26.68 2.76 -5.45
N ARG C 152 27.05 2.49 -4.19
CA ARG C 152 28.46 2.41 -3.82
C ARG C 152 29.11 1.21 -4.46
N ALA C 153 28.41 0.08 -4.44
CA ALA C 153 28.96 -1.10 -5.06
C ALA C 153 29.23 -0.87 -6.55
N ALA C 154 28.29 -0.23 -7.25
CA ALA C 154 28.43 0.00 -8.69
C ALA C 154 29.51 1.03 -8.99
N LEU C 155 29.59 2.07 -8.18
CA LEU C 155 30.68 3.03 -8.28
C LEU C 155 32.06 2.43 -8.02
N ARG C 156 32.19 1.51 -7.07
CA ARG C 156 33.48 0.83 -6.81
C ARG C 156 33.92 0.03 -8.03
N ILE C 157 32.97 -0.67 -8.65
CA ILE C 157 33.28 -1.49 -9.81
C ILE C 157 33.65 -0.60 -10.98
N ALA C 158 32.90 0.49 -11.19
CA ALA C 158 33.22 1.43 -12.25
C ALA C 158 34.61 2.06 -12.03
N GLU C 159 34.87 2.56 -10.83
CA GLU C 159 36.19 3.11 -10.49
C GLU C 159 37.36 2.15 -10.79
N GLY C 160 37.14 0.85 -10.57
CA GLY C 160 38.16 -0.15 -10.82
C GLY C 160 38.35 -0.55 -12.29
N ARG C 161 37.56 -0.01 -13.20
CA ARG C 161 37.59 -0.41 -14.58
C ARG C 161 38.11 0.78 -15.37
N PRO C 162 38.82 0.54 -16.49
CA PRO C 162 39.50 1.65 -17.21
C PRO C 162 38.59 2.79 -17.73
N ARG C 163 37.37 2.48 -18.15
CA ARG C 163 36.52 3.49 -18.79
C ARG C 163 35.75 4.37 -17.80
N LYS C 164 35.79 4.01 -16.53
CA LYS C 164 35.30 4.88 -15.47
C LYS C 164 33.94 5.50 -15.78
N THR C 165 33.01 4.67 -16.24
CA THR C 165 31.69 5.14 -16.58
C THR C 165 30.58 4.33 -15.90
N LEU C 166 29.60 5.03 -15.33
CA LEU C 166 28.43 4.39 -14.73
C LEU C 166 27.17 4.97 -15.34
N HIS C 167 26.27 4.10 -15.80
CA HIS C 167 24.93 4.53 -16.22
C HIS C 167 23.93 4.07 -15.16
N ILE C 168 23.03 4.97 -14.77
CA ILE C 168 21.97 4.66 -13.84
C ILE C 168 20.70 4.49 -14.68
N ALA C 169 20.23 3.24 -14.83
CA ALA C 169 18.99 2.97 -15.55
C ALA C 169 17.81 3.03 -14.60
N HIS C 170 16.78 3.79 -14.96
CA HIS C 170 15.67 4.05 -14.08
C HIS C 170 14.39 4.43 -14.87
N LYS C 171 13.28 4.62 -14.16
CA LYS C 171 12.05 5.08 -14.75
C LYS C 171 11.40 6.16 -13.88
N ALA C 172 12.18 7.20 -13.61
CA ALA C 172 11.84 8.23 -12.63
C ALA C 172 10.90 9.28 -13.22
N ASN C 173 10.83 9.30 -14.55
CA ASN C 173 9.84 10.11 -15.24
C ASN C 173 8.43 9.64 -14.99
N VAL C 174 8.20 8.35 -14.72
CA VAL C 174 6.84 7.94 -14.34
C VAL C 174 6.69 7.66 -12.86
N LEU C 175 7.80 7.36 -12.19
CA LEU C 175 7.80 7.01 -10.77
C LEU C 175 8.83 7.87 -10.02
N PRO C 176 8.52 9.17 -9.89
CA PRO C 176 9.50 10.10 -9.33
C PRO C 176 9.79 9.89 -7.82
N LEU C 177 8.87 9.33 -7.05
CA LEU C 177 9.17 9.10 -5.64
C LEU C 177 10.06 7.87 -5.41
N THR C 178 9.74 6.74 -6.05
CA THR C 178 10.54 5.52 -5.83
C THR C 178 11.78 5.43 -6.73
N GLN C 179 11.56 5.46 -8.03
CA GLN C 179 12.66 5.46 -8.97
C GLN C 179 13.48 6.76 -8.87
N GLY C 180 12.81 7.86 -8.53
CA GLY C 180 13.52 9.12 -8.34
C GLY C 180 14.45 9.13 -7.15
N LEU C 181 14.04 8.53 -6.04
CA LEU C 181 14.90 8.37 -4.87
C LEU C 181 16.15 7.56 -5.21
N PHE C 182 15.94 6.47 -5.94
CA PHE C 182 17.04 5.65 -6.41
C PHE C 182 18.03 6.47 -7.22
N LEU C 183 17.53 7.13 -8.26
CA LEU C 183 18.34 8.00 -9.12
C LEU C 183 19.11 9.01 -8.28
N ASP C 184 18.42 9.76 -7.42
CA ASP C 184 19.07 10.85 -6.69
C ASP C 184 20.11 10.37 -5.69
N THR C 185 19.80 9.28 -5.01
CA THR C 185 20.70 8.73 -4.02
C THR C 185 21.98 8.27 -4.67
N VAL C 186 21.89 7.55 -5.79
CA VAL C 186 23.11 7.11 -6.48
C VAL C 186 23.95 8.33 -6.91
N LYS C 187 23.28 9.38 -7.41
CA LYS C 187 23.99 10.60 -7.84
C LYS C 187 24.70 11.30 -6.68
N GLU C 188 24.09 11.23 -5.52
CA GLU C 188 24.63 11.77 -4.31
C GLU C 188 25.87 11.01 -3.92
N VAL C 189 25.78 9.69 -3.81
CA VAL C 189 26.93 8.92 -3.37
C VAL C 189 28.07 9.02 -4.38
N ALA C 190 27.75 9.24 -5.65
CA ALA C 190 28.77 9.45 -6.68
C ALA C 190 29.69 10.63 -6.42
N LYS C 191 29.31 11.51 -5.50
CA LYS C 191 30.20 12.60 -5.08
C LYS C 191 31.47 12.12 -4.41
N ASP C 192 31.49 10.93 -3.82
CA ASP C 192 32.74 10.40 -3.26
C ASP C 192 33.59 9.73 -4.34
N PHE C 193 33.13 9.77 -5.58
CA PHE C 193 33.82 9.06 -6.66
C PHE C 193 34.00 10.02 -7.83
N PRO C 194 34.82 11.06 -7.63
CA PRO C 194 35.05 12.08 -8.66
C PRO C 194 35.60 11.54 -9.98
N LEU C 195 36.40 10.47 -9.93
CA LEU C 195 36.96 9.85 -11.14
C LEU C 195 35.90 9.18 -12.03
N VAL C 196 34.69 8.94 -11.53
CA VAL C 196 33.67 8.22 -12.32
C VAL C 196 32.73 9.18 -13.05
N ASN C 197 32.57 8.95 -14.36
CA ASN C 197 31.61 9.67 -15.16
C ASN C 197 30.24 8.99 -15.00
N VAL C 198 29.31 9.68 -14.35
CA VAL C 198 28.00 9.10 -14.02
C VAL C 198 26.95 9.68 -14.94
N GLN C 199 26.25 8.83 -15.69
CA GLN C 199 25.19 9.24 -16.62
C GLN C 199 23.87 8.59 -16.17
N ASP C 200 22.74 9.17 -16.54
CA ASP C 200 21.46 8.53 -16.26
C ASP C 200 20.67 8.31 -17.54
N ILE C 201 19.87 7.26 -17.55
CA ILE C 201 19.23 6.85 -18.77
C ILE C 201 17.94 6.13 -18.42
N ILE C 202 16.91 6.45 -19.16
CA ILE C 202 15.61 5.86 -18.91
C ILE C 202 15.66 4.43 -19.42
N VAL C 203 15.07 3.53 -18.67
CA VAL C 203 15.33 2.11 -18.84
C VAL C 203 14.85 1.58 -20.20
N ASP C 204 13.77 2.12 -20.75
CA ASP C 204 13.34 1.69 -22.08
C ASP C 204 14.39 2.09 -23.13
N ASN C 205 14.88 3.32 -23.04
CA ASN C 205 15.95 3.77 -23.91
C ASN C 205 17.25 2.94 -23.70
N CYS C 206 17.56 2.58 -22.46
CA CYS C 206 18.70 1.73 -22.18
C CYS C 206 18.59 0.39 -22.91
N ALA C 207 17.40 -0.21 -22.86
CA ALA C 207 17.18 -1.47 -23.56
C ALA C 207 17.43 -1.36 -25.08
N MET C 208 16.95 -0.30 -25.72
CA MET C 208 17.24 -0.03 -27.15
C MET C 208 18.75 0.20 -27.39
N GLN C 209 19.41 0.91 -26.48
CA GLN C 209 20.83 1.22 -26.63
C GLN C 209 21.66 -0.06 -26.51
N LEU C 210 21.25 -0.95 -25.60
CA LEU C 210 21.96 -2.24 -25.48
C LEU C 210 21.88 -3.09 -26.74
N VAL C 211 20.72 -3.05 -27.38
CA VAL C 211 20.50 -3.76 -28.63
C VAL C 211 21.33 -3.12 -29.75
N MET C 212 21.37 -1.79 -29.82
CA MET C 212 21.99 -1.11 -30.96
C MET C 212 23.48 -0.83 -30.80
N ARG C 213 23.90 -0.43 -29.60
CA ARG C 213 25.29 -0.05 -29.38
C ARG C 213 25.76 -0.42 -27.96
N PRO C 214 25.74 -1.73 -27.65
CA PRO C 214 26.17 -2.21 -26.31
C PRO C 214 27.63 -1.84 -25.96
N GLU C 215 28.47 -1.66 -26.97
CA GLU C 215 29.86 -1.22 -26.78
C GLU C 215 30.01 0.11 -26.06
N ARG C 216 28.99 0.94 -26.07
CA ARG C 216 29.11 2.20 -25.37
C ARG C 216 28.94 2.10 -23.84
N PHE C 217 28.56 0.94 -23.29
CA PHE C 217 28.33 0.83 -21.85
C PHE C 217 29.52 0.23 -21.10
N ASP C 218 29.77 0.75 -19.91
CA ASP C 218 30.80 0.25 -19.03
C ASP C 218 30.10 -0.45 -17.86
N VAL C 219 29.67 0.29 -16.86
CA VAL C 219 28.89 -0.28 -15.77
C VAL C 219 27.49 0.32 -15.80
N ILE C 220 26.50 -0.52 -15.49
CA ILE C 220 25.11 -0.07 -15.41
C ILE C 220 24.55 -0.48 -14.07
N VAL C 221 23.98 0.47 -13.36
CA VAL C 221 23.30 0.17 -12.10
C VAL C 221 21.81 0.43 -12.23
N THR C 222 21.02 -0.46 -11.65
CA THR C 222 19.58 -0.34 -11.73
C THR C 222 18.89 -1.13 -10.63
N THR C 223 17.58 -1.04 -10.58
CA THR C 223 16.81 -1.64 -9.50
C THR C 223 16.48 -3.08 -9.87
N ASN C 224 15.72 -3.76 -9.00
CA ASN C 224 15.66 -5.22 -8.99
C ASN C 224 15.06 -5.86 -10.24
N LEU C 225 13.80 -5.58 -10.53
CA LEU C 225 13.17 -6.11 -11.72
C LEU C 225 13.83 -5.57 -13.01
N LEU C 226 14.20 -4.30 -13.01
CA LEU C 226 14.80 -3.69 -14.20
C LEU C 226 16.08 -4.42 -14.59
N GLY C 227 16.87 -4.79 -13.59
CA GLY C 227 18.14 -5.48 -13.81
C GLY C 227 17.95 -6.92 -14.20
N ASP C 228 16.87 -7.52 -13.73
CA ASP C 228 16.49 -8.85 -14.16
C ASP C 228 16.35 -8.85 -15.67
N ILE C 229 15.55 -7.92 -16.17
CA ILE C 229 15.28 -7.83 -17.60
C ILE C 229 16.51 -7.41 -18.43
N LEU C 230 17.18 -6.33 -18.04
CA LEU C 230 18.34 -5.87 -18.80
C LEU C 230 19.43 -6.94 -18.88
N SER C 231 19.62 -7.74 -17.82
CA SER C 231 20.69 -8.73 -17.83
C SER C 231 20.42 -9.99 -18.68
N ASP C 232 19.15 -10.38 -18.89
CA ASP C 232 18.85 -11.44 -19.89
C ASP C 232 18.96 -10.85 -21.29
N LEU C 233 18.53 -9.62 -21.45
CA LEU C 233 18.77 -8.91 -22.69
C LEU C 233 20.24 -9.01 -23.04
N ALA C 234 21.09 -8.63 -22.08
CA ALA C 234 22.52 -8.51 -22.33
C ALA C 234 23.17 -9.89 -22.59
N ALA C 235 22.65 -10.93 -21.96
CA ALA C 235 23.13 -12.28 -22.21
C ALA C 235 22.93 -12.65 -23.69
N GLY C 236 21.81 -12.23 -24.27
CA GLY C 236 21.53 -12.50 -25.68
C GLY C 236 22.52 -11.87 -26.66
N LEU C 237 23.09 -10.74 -26.28
CA LEU C 237 24.05 -10.05 -27.09
C LEU C 237 25.35 -10.82 -27.24
N VAL C 238 25.69 -11.65 -26.25
CA VAL C 238 27.02 -12.24 -26.23
C VAL C 238 27.00 -13.75 -26.15
N GLY C 239 26.06 -14.35 -26.86
CA GLY C 239 26.03 -15.80 -27.03
C GLY C 239 24.92 -16.51 -26.29
N GLY C 240 24.28 -15.85 -25.34
CA GLY C 240 23.09 -16.39 -24.66
C GLY C 240 23.29 -16.83 -23.23
N LEU C 241 22.19 -17.29 -22.64
CA LEU C 241 22.15 -17.75 -21.26
C LEU C 241 23.04 -18.97 -20.97
N GLY C 242 23.51 -19.63 -22.02
CA GLY C 242 24.52 -20.67 -21.87
C GLY C 242 25.87 -20.16 -21.37
N LEU C 243 26.11 -18.85 -21.44
CA LEU C 243 27.42 -18.27 -21.11
C LEU C 243 27.46 -17.26 -19.96
N ALA C 244 26.30 -16.79 -19.47
CA ALA C 244 26.23 -15.62 -18.59
C ALA C 244 26.37 -15.92 -17.07
N PRO C 245 27.45 -15.41 -16.45
CA PRO C 245 27.66 -15.63 -15.03
C PRO C 245 27.13 -14.47 -14.15
N SER C 246 27.03 -14.70 -12.85
CA SER C 246 26.63 -13.67 -11.92
C SER C 246 27.13 -13.96 -10.51
N GLY C 247 27.17 -12.90 -9.70
CA GLY C 247 27.41 -13.03 -8.29
C GLY C 247 26.37 -12.28 -7.47
N ASN C 248 25.86 -12.95 -6.43
CA ASN C 248 25.03 -12.36 -5.41
C ASN C 248 25.97 -12.09 -4.22
N ILE C 249 26.25 -10.82 -3.94
CA ILE C 249 27.35 -10.48 -3.03
C ILE C 249 26.87 -9.54 -1.96
N GLY C 250 26.98 -10.00 -0.72
CA GLY C 250 26.74 -9.18 0.45
C GLY C 250 28.04 -8.81 1.16
N ASP C 251 27.93 -8.26 2.36
CA ASP C 251 29.12 -7.80 3.08
C ASP C 251 29.95 -8.94 3.63
N THR C 252 29.31 -10.06 3.93
CA THR C 252 29.98 -11.22 4.54
C THR C 252 29.96 -12.52 3.73
N THR C 253 28.95 -12.76 2.89
CA THR C 253 29.00 -13.86 1.93
C THR C 253 28.63 -13.50 0.52
N ALA C 254 28.76 -14.52 -0.33
CA ALA C 254 28.43 -14.45 -1.72
C ALA C 254 27.96 -15.83 -2.20
N VAL C 255 26.94 -15.79 -3.08
CA VAL C 255 26.44 -16.96 -3.76
C VAL C 255 26.54 -16.69 -5.26
N PHE C 256 27.38 -17.47 -5.93
CA PHE C 256 27.61 -17.35 -7.35
C PHE C 256 26.72 -18.35 -8.09
N GLU C 257 26.21 -17.94 -9.25
CA GLU C 257 25.24 -18.71 -9.95
C GLU C 257 25.11 -18.21 -11.39
N PRO C 258 24.70 -19.10 -12.29
CA PRO C 258 24.37 -18.59 -13.61
C PRO C 258 23.17 -17.64 -13.57
N VAL C 259 23.11 -16.73 -14.53
CA VAL C 259 21.95 -15.90 -14.73
C VAL C 259 20.74 -16.78 -15.09
N HIS C 260 21.01 -17.87 -15.80
CA HIS C 260 19.95 -18.79 -16.24
C HIS C 260 19.20 -19.55 -15.12
N GLY C 261 18.03 -20.06 -15.49
CA GLY C 261 17.20 -20.86 -14.60
C GLY C 261 17.40 -22.35 -14.80
N SER C 262 16.39 -23.12 -14.42
CA SER C 262 16.46 -24.59 -14.42
C SER C 262 16.26 -25.22 -15.81
N ALA C 263 15.87 -24.40 -16.77
CA ALA C 263 15.73 -24.78 -18.17
C ALA C 263 15.04 -26.13 -18.36
N PRO C 264 13.78 -26.22 -17.96
CA PRO C 264 13.09 -27.51 -18.03
C PRO C 264 12.90 -28.05 -19.44
N ASP C 265 12.96 -27.20 -20.47
CA ASP C 265 12.84 -27.67 -21.85
C ASP C 265 14.03 -28.51 -22.25
N ILE C 266 15.18 -28.34 -21.59
CA ILE C 266 16.33 -29.19 -21.89
C ILE C 266 16.83 -29.99 -20.68
N ALA C 267 16.20 -29.88 -19.53
CA ALA C 267 16.68 -30.62 -18.36
C ALA C 267 16.72 -32.13 -18.63
N GLY C 268 17.80 -32.76 -18.20
CA GLY C 268 17.97 -34.20 -18.31
C GLY C 268 18.52 -34.72 -19.63
N LYS C 269 18.68 -33.85 -20.63
CA LYS C 269 19.08 -34.30 -21.95
C LYS C 269 20.60 -34.31 -22.11
N GLY C 270 21.34 -33.91 -21.09
CA GLY C 270 22.80 -33.92 -21.16
C GLY C 270 23.42 -32.92 -22.13
N ILE C 271 22.70 -31.87 -22.49
CA ILE C 271 23.20 -30.91 -23.48
C ILE C 271 23.34 -29.45 -23.02
N ALA C 272 22.92 -29.14 -21.80
CA ALA C 272 23.00 -27.76 -21.31
C ALA C 272 24.43 -27.26 -21.37
N ASN C 273 24.59 -26.00 -21.72
CA ASN C 273 25.91 -25.37 -21.70
C ASN C 273 26.29 -25.07 -20.27
N PRO C 274 27.43 -25.62 -19.80
CA PRO C 274 27.85 -25.37 -18.43
C PRO C 274 28.74 -24.15 -18.29
N THR C 275 28.99 -23.43 -19.38
CA THR C 275 29.85 -22.24 -19.35
C THR C 275 29.39 -21.18 -18.34
N ALA C 276 28.12 -20.90 -18.28
CA ALA C 276 27.61 -19.95 -17.30
C ALA C 276 27.98 -20.37 -15.87
N ALA C 277 27.74 -21.62 -15.51
CA ALA C 277 28.15 -22.10 -14.18
C ALA C 277 29.66 -22.04 -13.97
N ILE C 278 30.43 -22.45 -14.98
CA ILE C 278 31.90 -22.43 -14.91
C ILE C 278 32.46 -21.03 -14.73
N LEU C 279 31.95 -20.09 -15.53
CA LEU C 279 32.35 -18.67 -15.38
C LEU C 279 31.88 -18.06 -14.07
N SER C 280 30.76 -18.53 -13.53
CA SER C 280 30.36 -18.14 -12.19
C SER C 280 31.32 -18.67 -11.14
N ALA C 281 31.86 -19.86 -11.35
CA ALA C 281 32.93 -20.38 -10.48
C ALA C 281 34.21 -19.54 -10.62
N ALA C 282 34.48 -19.03 -11.82
CA ALA C 282 35.59 -18.11 -12.02
C ALA C 282 35.37 -16.82 -11.26
N MET C 283 34.16 -16.28 -11.31
CA MET C 283 33.85 -15.11 -10.48
C MET C 283 34.08 -15.44 -9.00
N MET C 284 33.72 -16.66 -8.58
CA MET C 284 33.91 -17.04 -7.19
C MET C 284 35.40 -17.10 -6.84
N LEU C 285 36.19 -17.71 -7.72
CA LEU C 285 37.61 -17.78 -7.48
C LEU C 285 38.20 -16.37 -7.29
N ASP C 286 37.74 -15.43 -8.09
CA ASP C 286 38.17 -14.04 -7.95
C ASP C 286 37.72 -13.40 -6.63
N TYR C 287 36.46 -13.58 -6.28
CA TYR C 287 35.98 -13.12 -4.98
C TYR C 287 36.86 -13.62 -3.82
N LEU C 288 37.28 -14.88 -3.88
CA LEU C 288 38.07 -15.47 -2.81
C LEU C 288 39.55 -15.05 -2.80
N GLY C 289 39.99 -14.29 -3.79
CA GLY C 289 41.41 -13.93 -3.87
C GLY C 289 42.29 -14.79 -4.76
N GLU C 290 41.74 -15.82 -5.41
CA GLU C 290 42.49 -16.63 -6.39
C GLU C 290 42.31 -16.11 -7.82
N LYS C 291 42.91 -14.96 -8.09
CA LYS C 291 42.66 -14.23 -9.34
C LYS C 291 43.33 -14.91 -10.52
N GLU C 292 44.55 -15.37 -10.31
CA GLU C 292 45.27 -16.11 -11.34
C GLU C 292 44.50 -17.37 -11.77
N ALA C 293 44.05 -18.16 -10.80
CA ALA C 293 43.25 -19.34 -11.09
C ALA C 293 41.95 -18.98 -11.84
N ALA C 294 41.35 -17.86 -11.46
CA ALA C 294 40.14 -17.38 -12.11
C ALA C 294 40.39 -17.03 -13.58
N LYS C 295 41.45 -16.29 -13.86
CA LYS C 295 41.89 -16.04 -15.23
C LYS C 295 42.16 -17.31 -16.02
N ARG C 296 42.79 -18.31 -15.40
CA ARG C 296 43.10 -19.57 -16.08
C ARG C 296 41.81 -20.30 -16.46
N VAL C 297 40.82 -20.29 -15.57
CA VAL C 297 39.52 -20.89 -15.87
C VAL C 297 38.83 -20.18 -17.06
N GLU C 298 38.81 -18.84 -17.04
CA GLU C 298 38.19 -18.08 -18.12
C GLU C 298 38.87 -18.32 -19.48
N LYS C 299 40.19 -18.43 -19.45
CA LYS C 299 41.01 -18.70 -20.63
C LYS C 299 40.70 -20.09 -21.23
N ALA C 300 40.72 -21.11 -20.37
CA ALA C 300 40.32 -22.46 -20.78
C ALA C 300 38.97 -22.44 -21.50
N VAL C 301 37.98 -21.82 -20.86
CA VAL C 301 36.66 -21.64 -21.46
C VAL C 301 36.72 -20.95 -22.84
N ASP C 302 37.38 -19.79 -22.97
CA ASP C 302 37.53 -19.12 -24.29
C ASP C 302 38.23 -19.99 -25.34
N LEU C 303 39.25 -20.74 -24.93
CA LEU C 303 39.87 -21.71 -25.83
C LEU C 303 38.86 -22.73 -26.40
N VAL C 304 38.06 -23.33 -25.52
CA VAL C 304 37.08 -24.30 -25.96
C VAL C 304 35.95 -23.66 -26.79
N LEU C 305 35.54 -22.45 -26.41
CA LEU C 305 34.49 -21.75 -27.17
C LEU C 305 34.94 -21.44 -28.59
N GLU C 306 36.19 -21.01 -28.73
CA GLU C 306 36.71 -20.71 -30.04
C GLU C 306 36.94 -21.95 -30.92
N ARG C 307 37.50 -23.01 -30.37
CA ARG C 307 37.92 -24.11 -31.21
C ARG C 307 37.00 -25.32 -31.15
N GLY C 308 35.91 -25.24 -30.37
CA GLY C 308 35.00 -26.37 -30.18
C GLY C 308 35.61 -27.38 -29.23
N PRO C 309 34.84 -28.39 -28.80
CA PRO C 309 33.46 -28.69 -29.21
C PRO C 309 32.44 -27.74 -28.58
N ARG C 310 31.26 -27.68 -29.19
CA ARG C 310 30.24 -26.77 -28.76
C ARG C 310 28.92 -27.46 -28.53
N THR C 311 28.22 -27.00 -27.49
CA THR C 311 26.89 -27.47 -27.15
C THR C 311 25.87 -26.95 -28.18
N PRO C 312 24.67 -27.53 -28.20
CA PRO C 312 23.69 -27.12 -29.25
C PRO C 312 23.25 -25.66 -29.21
N ASP C 313 23.28 -25.03 -28.04
CA ASP C 313 22.96 -23.60 -27.94
C ASP C 313 23.93 -22.73 -28.71
N LEU C 314 25.13 -23.25 -28.95
CA LEU C 314 26.15 -22.54 -29.73
C LEU C 314 26.32 -23.14 -31.13
N GLY C 315 25.37 -23.98 -31.53
CA GLY C 315 25.31 -24.51 -32.88
C GLY C 315 26.11 -25.80 -33.09
N GLY C 316 26.66 -26.36 -32.01
CA GLY C 316 27.36 -27.65 -32.07
C GLY C 316 26.49 -28.82 -31.66
N ASP C 317 27.10 -29.96 -31.38
CA ASP C 317 26.35 -31.14 -30.92
C ASP C 317 27.08 -31.84 -29.78
N ALA C 318 27.87 -31.09 -29.02
CA ALA C 318 28.59 -31.65 -27.91
C ALA C 318 27.67 -31.82 -26.72
N THR C 319 27.93 -32.85 -25.93
CA THR C 319 27.25 -33.01 -24.67
C THR C 319 27.87 -32.08 -23.62
N THR C 320 27.12 -31.86 -22.54
CA THR C 320 27.62 -31.13 -21.40
C THR C 320 28.96 -31.73 -20.92
N GLU C 321 29.02 -33.04 -20.74
CA GLU C 321 30.28 -33.65 -20.26
C GLU C 321 31.43 -33.58 -21.28
N ALA C 322 31.14 -33.72 -22.56
CA ALA C 322 32.18 -33.59 -23.56
C ALA C 322 32.78 -32.18 -23.54
N PHE C 323 31.92 -31.17 -23.42
CA PHE C 323 32.37 -29.77 -23.33
C PHE C 323 33.22 -29.53 -22.08
N THR C 324 32.73 -30.03 -20.96
CA THR C 324 33.43 -29.94 -19.69
C THR C 324 34.81 -30.57 -19.79
N GLU C 325 34.89 -31.75 -20.41
CA GLU C 325 36.19 -32.43 -20.57
C GLU C 325 37.15 -31.62 -21.42
N ALA C 326 36.63 -30.97 -22.47
CA ALA C 326 37.45 -30.06 -23.27
C ALA C 326 37.98 -28.89 -22.42
N VAL C 327 37.17 -28.35 -21.51
CA VAL C 327 37.62 -27.24 -20.66
C VAL C 327 38.66 -27.72 -19.62
N VAL C 328 38.43 -28.87 -19.01
CA VAL C 328 39.40 -29.44 -18.07
C VAL C 328 40.75 -29.68 -18.77
N GLU C 329 40.69 -30.24 -19.97
CA GLU C 329 41.90 -30.50 -20.75
C GLU C 329 42.64 -29.19 -21.07
N ALA C 330 41.90 -28.16 -21.48
CA ALA C 330 42.51 -26.87 -21.80
C ALA C 330 43.08 -26.19 -20.55
N LEU C 331 42.34 -26.26 -19.45
CA LEU C 331 42.82 -25.74 -18.19
C LEU C 331 44.17 -26.37 -17.81
N LYS C 332 44.26 -27.69 -17.87
CA LYS C 332 45.48 -28.40 -17.48
C LYS C 332 46.67 -28.10 -18.41
N SER C 333 46.42 -27.70 -19.66
CA SER C 333 47.49 -27.35 -20.58
C SER C 333 48.01 -25.94 -20.35
N LEU C 334 47.27 -25.11 -19.63
CA LEU C 334 47.77 -23.78 -19.25
C LEU C 334 48.80 -23.91 -18.14
N ALA D 2 -15.33 13.50 -44.65
CA ALA D 2 -14.30 14.45 -44.10
C ALA D 2 -13.84 13.93 -42.75
N TYR D 3 -12.63 13.41 -42.67
CA TYR D 3 -12.07 12.91 -41.39
C TYR D 3 -11.49 14.06 -40.59
N ARG D 4 -11.97 14.26 -39.38
CA ARG D 4 -11.33 15.15 -38.41
C ARG D 4 -10.16 14.47 -37.68
N ILE D 5 -8.95 15.00 -37.91
CA ILE D 5 -7.73 14.52 -37.26
C ILE D 5 -7.21 15.54 -36.25
N CYS D 6 -7.06 15.12 -34.99
CA CYS D 6 -6.44 15.97 -33.98
C CYS D 6 -4.91 15.83 -34.04
N LEU D 7 -4.23 16.97 -34.18
CA LEU D 7 -2.79 16.98 -34.27
C LEU D 7 -2.27 17.63 -33.04
N ILE D 8 -1.35 16.95 -32.35
CA ILE D 8 -0.74 17.44 -31.12
C ILE D 8 0.75 17.23 -31.24
N GLU D 9 1.51 18.31 -31.23
CA GLU D 9 2.97 18.24 -31.45
C GLU D 9 3.76 17.76 -30.22
N GLY D 10 3.47 18.40 -29.09
CA GLY D 10 4.20 18.15 -27.87
C GLY D 10 5.47 18.94 -27.80
N ASP D 11 6.53 18.32 -27.26
CA ASP D 11 7.84 18.96 -27.03
C ASP D 11 8.89 18.36 -27.95
N GLY D 12 10.06 18.99 -27.97
CA GLY D 12 11.24 18.48 -28.69
C GLY D 12 10.97 18.09 -30.13
N ILE D 13 11.35 16.87 -30.52
CA ILE D 13 11.19 16.48 -31.91
C ILE D 13 9.72 16.36 -32.33
N GLY D 14 8.79 16.40 -31.36
CA GLY D 14 7.37 16.52 -31.70
C GLY D 14 7.08 17.65 -32.70
N HIS D 15 7.74 18.79 -32.52
CA HIS D 15 7.60 19.95 -33.41
C HIS D 15 8.13 19.72 -34.83
N GLU D 16 8.88 18.64 -35.00
CA GLU D 16 9.53 18.36 -36.27
C GLU D 16 8.85 17.21 -37.02
N VAL D 17 8.47 16.14 -36.31
CA VAL D 17 7.96 14.92 -36.97
C VAL D 17 6.46 14.93 -37.19
N ILE D 18 5.73 15.69 -36.39
CA ILE D 18 4.29 15.80 -36.59
C ILE D 18 3.95 16.63 -37.84
N PRO D 19 4.63 17.77 -38.07
CA PRO D 19 4.35 18.44 -39.37
C PRO D 19 4.73 17.58 -40.58
N ALA D 20 5.76 16.75 -40.43
CA ALA D 20 6.14 15.86 -41.50
C ALA D 20 5.02 14.85 -41.76
N ALA D 21 4.48 14.27 -40.69
CA ALA D 21 3.42 13.28 -40.82
C ALA D 21 2.21 13.93 -41.49
N ARG D 22 1.88 15.14 -41.05
CA ARG D 22 0.78 15.87 -41.66
C ARG D 22 0.97 16.03 -43.17
N ARG D 23 2.17 16.41 -43.61
CA ARG D 23 2.44 16.61 -45.03
C ARG D 23 2.23 15.34 -45.83
N VAL D 24 2.59 14.20 -45.24
CA VAL D 24 2.36 12.92 -45.88
C VAL D 24 0.88 12.54 -45.91
N LEU D 25 0.16 12.76 -44.81
CA LEU D 25 -1.28 12.52 -44.80
C LEU D 25 -1.93 13.38 -45.89
N GLU D 26 -1.52 14.63 -46.01
CA GLU D 26 -2.09 15.54 -47.02
C GLU D 26 -1.93 14.96 -48.41
N ALA D 27 -0.79 14.31 -48.66
CA ALA D 27 -0.47 13.76 -49.96
C ALA D 27 -1.20 12.46 -50.29
N THR D 28 -2.01 11.92 -49.37
CA THR D 28 -2.85 10.77 -49.74
C THR D 28 -4.00 11.18 -50.67
N GLY D 29 -4.36 12.46 -50.67
CA GLY D 29 -5.60 12.88 -51.32
C GLY D 29 -6.86 12.73 -50.47
N LEU D 30 -6.81 11.95 -49.38
CA LEU D 30 -7.99 11.80 -48.53
C LEU D 30 -8.52 13.14 -48.05
N PRO D 31 -9.83 13.22 -47.80
CA PRO D 31 -10.42 14.43 -47.22
C PRO D 31 -10.14 14.47 -45.72
N LEU D 32 -9.32 15.44 -45.31
CA LEU D 32 -8.83 15.49 -43.95
C LEU D 32 -8.94 16.91 -43.43
N GLU D 33 -9.55 17.06 -42.26
CA GLU D 33 -9.62 18.34 -41.62
C GLU D 33 -8.76 18.24 -40.34
N PHE D 34 -7.70 19.03 -40.26
CA PHE D 34 -6.81 18.98 -39.09
C PHE D 34 -7.20 19.96 -38.01
N VAL D 35 -7.24 19.46 -36.77
CA VAL D 35 -7.58 20.26 -35.61
C VAL D 35 -6.37 20.24 -34.65
N GLU D 36 -5.74 21.39 -34.43
CA GLU D 36 -4.55 21.49 -33.57
C GLU D 36 -4.92 21.61 -32.10
N ALA D 37 -4.13 20.95 -31.24
CA ALA D 37 -4.28 21.02 -29.80
C ALA D 37 -2.92 20.88 -29.13
N GLU D 38 -2.89 21.17 -27.83
CA GLU D 38 -1.64 21.30 -27.07
C GLU D 38 -1.52 20.28 -25.96
N ALA D 39 -0.35 19.70 -25.80
CA ALA D 39 -0.05 19.00 -24.56
C ALA D 39 1.44 18.92 -24.38
N GLY D 40 1.86 18.72 -23.13
CA GLY D 40 3.24 18.44 -22.82
C GLY D 40 3.85 19.45 -21.87
N TRP D 41 5.17 19.45 -21.78
CA TRP D 41 5.87 20.36 -20.88
C TRP D 41 5.72 21.84 -21.25
N GLU D 42 5.86 22.16 -22.53
CA GLU D 42 5.77 23.54 -22.95
C GLU D 42 4.35 24.08 -22.68
N THR D 43 3.34 23.22 -22.83
CA THR D 43 1.98 23.56 -22.53
C THR D 43 1.78 23.78 -21.02
N PHE D 44 2.42 22.97 -20.20
CA PHE D 44 2.40 23.19 -18.76
C PHE D 44 2.98 24.56 -18.41
N GLU D 45 4.04 24.95 -19.10
CA GLU D 45 4.69 26.24 -18.82
C GLU D 45 3.83 27.41 -19.24
N ARG D 46 3.12 27.30 -20.37
CA ARG D 46 2.35 28.42 -20.86
C ARG D 46 0.92 28.42 -20.27
N ARG D 47 0.24 27.27 -20.14
CA ARG D 47 -1.15 27.23 -19.61
C ARG D 47 -1.33 26.76 -18.14
N GLY D 48 -0.27 26.31 -17.47
CA GLY D 48 -0.40 25.85 -16.06
C GLY D 48 -0.80 24.39 -15.89
N THR D 49 -1.09 23.70 -16.99
CA THR D 49 -1.37 22.30 -16.96
C THR D 49 -0.83 21.68 -18.24
N SER D 50 -0.30 20.45 -18.13
CA SER D 50 0.24 19.74 -19.27
C SER D 50 -0.83 19.28 -20.27
N VAL D 51 -2.07 19.12 -19.79
CA VAL D 51 -3.18 18.75 -20.67
C VAL D 51 -4.39 19.65 -20.39
N PRO D 52 -4.53 20.75 -21.13
CA PRO D 52 -5.71 21.59 -20.93
C PRO D 52 -6.97 20.83 -21.24
N GLU D 53 -8.04 21.18 -20.55
CA GLU D 53 -9.33 20.52 -20.78
C GLU D 53 -9.74 20.65 -22.24
N GLU D 54 -9.51 21.82 -22.83
CA GLU D 54 -9.70 22.02 -24.27
C GLU D 54 -9.12 20.91 -25.14
N THR D 55 -7.94 20.43 -24.78
CA THR D 55 -7.27 19.40 -25.56
C THR D 55 -8.03 18.08 -25.50
N VAL D 56 -8.57 17.74 -24.34
CA VAL D 56 -9.41 16.55 -24.21
C VAL D 56 -10.65 16.69 -25.10
N GLU D 57 -11.30 17.86 -25.05
CA GLU D 57 -12.49 18.14 -25.86
C GLU D 57 -12.23 17.95 -27.33
N LYS D 58 -11.14 18.54 -27.80
CA LYS D 58 -10.75 18.44 -29.21
C LYS D 58 -10.42 17.02 -29.64
N ILE D 59 -9.69 16.27 -28.82
CA ILE D 59 -9.47 14.85 -29.11
C ILE D 59 -10.79 14.08 -29.28
N LEU D 60 -11.71 14.30 -28.34
CA LEU D 60 -13.00 13.61 -28.35
C LEU D 60 -13.86 14.07 -29.49
N SER D 61 -13.69 15.31 -29.93
CA SER D 61 -14.41 15.81 -31.06
C SER D 61 -13.87 15.30 -32.38
N CYS D 62 -12.76 14.56 -32.39
CA CYS D 62 -12.18 14.07 -33.65
C CYS D 62 -12.35 12.57 -33.83
N HIS D 63 -12.13 12.09 -35.05
CA HIS D 63 -12.13 10.63 -35.34
C HIS D 63 -10.91 9.88 -34.83
N ALA D 64 -9.80 10.61 -34.72
CA ALA D 64 -8.53 10.10 -34.23
C ALA D 64 -7.56 11.25 -34.01
N THR D 65 -6.52 10.95 -33.27
CA THR D 65 -5.51 11.94 -32.93
C THR D 65 -4.14 11.38 -33.26
N LEU D 66 -3.25 12.27 -33.69
CA LEU D 66 -1.86 11.94 -33.88
C LEU D 66 -1.08 12.82 -32.94
N PHE D 67 -0.31 12.18 -32.06
CA PHE D 67 0.52 12.85 -31.05
C PHE D 67 2.00 12.65 -31.37
N GLY D 68 2.80 13.69 -31.18
CA GLY D 68 4.25 13.61 -31.31
C GLY D 68 4.87 13.01 -30.07
N ALA D 69 5.21 13.86 -29.11
CA ALA D 69 5.84 13.41 -27.85
C ALA D 69 5.89 14.53 -26.84
N ALA D 70 6.05 14.17 -25.56
CA ALA D 70 6.15 15.17 -24.51
C ALA D 70 7.26 14.81 -23.53
N THR D 71 7.99 15.81 -23.06
CA THR D 71 9.03 15.61 -22.08
C THR D 71 8.46 15.57 -20.67
N SER D 72 9.04 14.72 -19.84
CA SER D 72 8.65 14.55 -18.46
C SER D 72 9.87 14.78 -17.59
N PRO D 73 9.73 15.51 -16.48
CA PRO D 73 10.83 15.57 -15.53
C PRO D 73 11.04 14.22 -14.86
N THR D 74 12.21 14.04 -14.27
CA THR D 74 12.50 12.87 -13.45
C THR D 74 12.35 13.15 -11.94
N ARG D 75 11.44 14.02 -11.59
CA ARG D 75 11.18 14.40 -10.21
C ARG D 75 9.82 15.07 -10.12
N LYS D 76 9.37 15.34 -8.90
CA LYS D 76 8.07 15.98 -8.68
C LYS D 76 8.19 17.44 -9.11
N VAL D 77 7.25 17.92 -9.89
CA VAL D 77 7.18 19.35 -10.21
C VAL D 77 5.75 19.81 -9.96
N PRO D 78 5.55 20.71 -8.99
CA PRO D 78 4.20 21.08 -8.54
C PRO D 78 3.29 21.48 -9.70
N GLY D 79 2.12 20.85 -9.76
CA GLY D 79 1.16 21.10 -10.83
C GLY D 79 1.41 20.30 -12.10
N PHE D 80 2.57 19.62 -12.21
CA PHE D 80 2.88 18.87 -13.42
C PHE D 80 2.57 17.40 -13.31
N PHE D 81 1.87 16.90 -14.32
CA PHE D 81 1.71 15.48 -14.53
C PHE D 81 1.99 15.18 -16.00
N GLY D 82 2.42 13.94 -16.25
CA GLY D 82 2.79 13.46 -17.58
C GLY D 82 1.61 13.46 -18.50
N ALA D 83 1.77 14.13 -19.64
CA ALA D 83 0.67 14.41 -20.54
C ALA D 83 0.12 13.17 -21.19
N ILE D 84 0.94 12.39 -21.88
CA ILE D 84 0.41 11.21 -22.58
C ILE D 84 -0.13 10.18 -21.58
N ARG D 85 0.54 10.03 -20.44
CA ARG D 85 0.04 9.10 -19.45
C ARG D 85 -1.32 9.52 -18.94
N TYR D 86 -1.47 10.82 -18.69
CA TYR D 86 -2.76 11.36 -18.32
C TYR D 86 -3.82 11.00 -19.38
N LEU D 87 -3.52 11.25 -20.65
CA LEU D 87 -4.48 10.96 -21.70
C LEU D 87 -4.85 9.49 -21.80
N ARG D 88 -3.87 8.62 -21.56
CA ARG D 88 -4.10 7.20 -21.63
C ARG D 88 -5.13 6.73 -20.60
N ARG D 89 -5.02 7.23 -19.37
CA ARG D 89 -5.90 6.78 -18.29
C ARG D 89 -7.27 7.46 -18.38
N ARG D 90 -7.27 8.73 -18.75
CA ARG D 90 -8.51 9.52 -18.78
C ARG D 90 -9.42 9.10 -19.92
N LEU D 91 -8.87 8.84 -21.11
CA LEU D 91 -9.67 8.41 -22.27
C LEU D 91 -9.75 6.90 -22.34
N ASP D 92 -9.20 6.24 -21.33
CA ASP D 92 -9.23 4.78 -21.25
C ASP D 92 -8.72 4.12 -22.52
N LEU D 93 -7.51 4.52 -22.93
CA LEU D 93 -6.88 3.99 -24.13
C LEU D 93 -6.06 2.76 -23.74
N TYR D 94 -6.77 1.70 -23.40
CA TYR D 94 -6.20 0.58 -22.64
C TYR D 94 -5.27 -0.34 -23.41
N ALA D 95 -5.27 -0.23 -24.73
CA ALA D 95 -4.44 -1.08 -25.56
C ALA D 95 -3.37 -0.25 -26.26
N ASN D 96 -2.10 -0.55 -25.96
CA ASN D 96 -0.99 0.08 -26.66
C ASN D 96 -0.38 -0.91 -27.67
N VAL D 97 -0.63 -0.65 -28.95
CA VAL D 97 -0.31 -1.59 -30.00
C VAL D 97 0.96 -1.13 -30.68
N ARG D 98 1.99 -1.98 -30.59
CA ARG D 98 3.37 -1.64 -30.96
C ARG D 98 4.00 -2.71 -31.87
N PRO D 99 3.88 -2.52 -33.20
CA PRO D 99 4.43 -3.51 -34.14
C PRO D 99 5.89 -3.28 -34.39
N ALA D 100 6.63 -4.38 -34.59
CA ALA D 100 8.04 -4.30 -34.94
C ALA D 100 8.27 -5.14 -36.16
N LYS D 101 8.55 -4.48 -37.27
CA LYS D 101 8.73 -5.14 -38.57
C LYS D 101 10.07 -4.80 -39.21
N SER D 102 10.75 -5.80 -39.74
CA SER D 102 11.96 -5.55 -40.52
C SER D 102 11.73 -4.55 -41.65
N ARG D 103 12.72 -3.70 -41.87
CA ARG D 103 12.64 -2.72 -42.94
C ARG D 103 13.99 -2.67 -43.62
N PRO D 104 14.02 -2.19 -44.87
CA PRO D 104 15.23 -2.37 -45.63
C PRO D 104 16.24 -1.26 -45.35
N VAL D 105 16.84 -1.29 -44.14
CA VAL D 105 17.86 -0.36 -43.70
C VAL D 105 19.01 -1.14 -43.07
N PRO D 106 20.24 -0.58 -43.04
CA PRO D 106 21.39 -1.35 -42.54
C PRO D 106 21.22 -1.85 -41.10
N GLY D 107 20.65 -1.05 -40.22
CA GLY D 107 20.50 -1.44 -38.81
C GLY D 107 19.39 -2.43 -38.43
N SER D 108 18.83 -3.17 -39.39
CA SER D 108 17.60 -3.93 -39.17
C SER D 108 17.83 -5.41 -39.33
N ARG D 109 17.37 -6.18 -38.37
CA ARG D 109 17.40 -7.61 -38.46
C ARG D 109 16.33 -7.99 -39.44
N PRO D 110 16.62 -8.95 -40.32
CA PRO D 110 15.63 -9.41 -41.29
C PRO D 110 14.69 -10.42 -40.62
N GLY D 111 13.54 -10.66 -41.23
CA GLY D 111 12.66 -11.77 -40.82
C GLY D 111 11.74 -11.48 -39.64
N VAL D 112 11.68 -10.22 -39.19
CA VAL D 112 10.95 -9.84 -37.99
C VAL D 112 9.61 -9.20 -38.33
N ASP D 113 8.57 -9.70 -37.71
CA ASP D 113 7.23 -9.15 -37.86
C ASP D 113 6.43 -9.56 -36.66
N LEU D 114 6.39 -8.68 -35.66
CA LEU D 114 5.70 -8.99 -34.41
C LEU D 114 4.88 -7.79 -33.96
N VAL D 115 3.98 -8.04 -33.03
CA VAL D 115 3.26 -6.96 -32.41
C VAL D 115 3.29 -7.16 -30.91
N ILE D 116 3.65 -6.08 -30.21
CA ILE D 116 3.57 -6.03 -28.79
C ILE D 116 2.31 -5.28 -28.42
N VAL D 117 1.56 -5.86 -27.49
CA VAL D 117 0.28 -5.31 -27.07
C VAL D 117 0.47 -5.08 -25.58
N ARG D 118 0.60 -3.80 -25.21
CA ARG D 118 0.87 -3.47 -23.83
C ARG D 118 -0.33 -2.88 -23.11
N GLU D 119 -0.63 -3.45 -21.95
CA GLU D 119 -1.67 -2.90 -21.13
C GLU D 119 -1.23 -1.47 -20.77
N ASN D 120 -2.18 -0.55 -20.87
CA ASN D 120 -1.88 0.88 -20.97
C ASN D 120 -2.55 1.76 -19.92
N THR D 121 -3.17 1.14 -18.91
CA THR D 121 -3.87 1.90 -17.87
C THR D 121 -3.39 1.61 -16.46
N GLU D 122 -2.85 0.42 -16.18
CA GLU D 122 -2.54 0.07 -14.79
C GLU D 122 -1.10 -0.43 -14.58
N GLY D 123 -0.91 -1.39 -13.70
CA GLY D 123 0.43 -1.78 -13.32
C GLY D 123 1.05 -0.74 -12.41
N LEU D 124 2.34 -0.50 -12.61
CA LEU D 124 3.06 0.57 -11.93
C LEU D 124 2.56 1.92 -12.40
N TYR D 125 1.92 1.95 -13.58
CA TYR D 125 1.54 3.24 -14.20
C TYR D 125 0.30 3.86 -13.56
N VAL D 126 -0.22 3.18 -12.55
CA VAL D 126 -1.26 3.69 -11.67
C VAL D 126 -0.78 4.91 -10.89
N GLU D 127 0.53 5.02 -10.77
CA GLU D 127 1.22 6.13 -10.14
C GLU D 127 0.65 6.58 -8.80
N GLN D 128 0.77 5.70 -7.83
CA GLN D 128 0.27 5.94 -6.50
C GLN D 128 1.45 5.63 -5.58
N GLU D 129 2.24 6.67 -5.38
CA GLU D 129 3.50 6.60 -4.67
C GLU D 129 3.44 7.44 -3.41
N ARG D 130 4.18 7.01 -2.40
CA ARG D 130 4.27 7.73 -1.16
C ARG D 130 5.68 7.65 -0.68
N ARG D 131 6.08 8.68 0.08
CA ARG D 131 7.34 8.64 0.78
C ARG D 131 7.20 8.84 2.28
N TYR D 132 7.76 7.91 3.04
CA TYR D 132 7.73 7.97 4.48
C TYR D 132 9.15 7.94 4.96
N LEU D 133 9.64 9.07 5.47
CA LEU D 133 11.02 9.18 5.90
C LEU D 133 11.93 8.82 4.72
N ASP D 134 12.69 7.74 4.79
CA ASP D 134 13.60 7.43 3.71
C ASP D 134 13.19 6.15 2.97
N VAL D 135 11.89 5.92 2.95
CA VAL D 135 11.31 4.78 2.28
C VAL D 135 10.24 5.31 1.35
N ALA D 136 10.31 4.90 0.08
CA ALA D 136 9.30 5.21 -0.90
C ALA D 136 8.61 3.91 -1.32
N ILE D 137 7.29 3.98 -1.55
CA ILE D 137 6.44 2.84 -1.95
C ILE D 137 5.58 3.28 -3.12
N ALA D 138 5.44 2.39 -4.09
CA ALA D 138 4.51 2.58 -5.20
C ALA D 138 3.61 1.36 -5.34
N ASP D 139 2.32 1.59 -5.61
CA ASP D 139 1.42 0.48 -5.94
C ASP D 139 1.72 -0.07 -7.35
N ALA D 140 1.82 -1.38 -7.47
CA ALA D 140 1.72 -2.05 -8.74
C ALA D 140 0.40 -2.79 -8.72
N VAL D 141 -0.53 -2.39 -9.58
CA VAL D 141 -1.90 -2.87 -9.54
C VAL D 141 -2.29 -3.65 -10.78
N ILE D 142 -2.79 -4.86 -10.58
CA ILE D 142 -3.33 -5.66 -11.67
C ILE D 142 -4.78 -6.02 -11.34
N SER D 143 -5.69 -5.66 -12.24
CA SER D 143 -7.08 -6.02 -12.07
C SER D 143 -7.49 -7.05 -13.11
N LYS D 144 -8.43 -7.90 -12.74
CA LYS D 144 -8.98 -8.91 -13.65
C LYS D 144 -9.59 -8.26 -14.88
N LYS D 145 -10.37 -7.22 -14.66
CA LYS D 145 -11.03 -6.47 -15.73
C LYS D 145 -10.07 -6.01 -16.83
N ALA D 146 -9.00 -5.35 -16.42
CA ALA D 146 -8.09 -4.76 -17.40
C ALA D 146 -7.32 -5.86 -18.12
N SER D 147 -7.05 -6.95 -17.40
CA SER D 147 -6.37 -8.09 -17.98
C SER D 147 -7.21 -8.79 -19.04
N GLU D 148 -8.53 -8.84 -18.82
CA GLU D 148 -9.45 -9.42 -19.77
C GLU D 148 -9.49 -8.57 -21.02
N ARG D 149 -9.55 -7.26 -20.86
CA ARG D 149 -9.66 -6.36 -22.00
C ARG D 149 -8.37 -6.36 -22.84
N ILE D 150 -7.20 -6.24 -22.19
CA ILE D 150 -5.94 -6.28 -22.92
C ILE D 150 -5.72 -7.64 -23.57
N GLY D 151 -6.09 -8.71 -22.87
CA GLY D 151 -6.00 -10.08 -23.42
C GLY D 151 -6.85 -10.26 -24.66
N ARG D 152 -8.11 -9.86 -24.56
CA ARG D 152 -9.03 -9.96 -25.67
C ARG D 152 -8.51 -9.14 -26.87
N ALA D 153 -8.04 -7.93 -26.61
CA ALA D 153 -7.44 -7.13 -27.67
C ALA D 153 -6.28 -7.86 -28.39
N ALA D 154 -5.38 -8.46 -27.63
CA ALA D 154 -4.23 -9.15 -28.18
C ALA D 154 -4.64 -10.41 -28.95
N LEU D 155 -5.63 -11.11 -28.42
CA LEU D 155 -6.14 -12.30 -29.06
C LEU D 155 -6.77 -11.97 -30.38
N ARG D 156 -7.53 -10.89 -30.45
CA ARG D 156 -8.13 -10.50 -31.73
C ARG D 156 -7.04 -10.25 -32.76
N ILE D 157 -6.01 -9.53 -32.33
CA ILE D 157 -4.93 -9.15 -33.23
C ILE D 157 -4.23 -10.40 -33.76
N ALA D 158 -3.97 -11.37 -32.89
CA ALA D 158 -3.28 -12.60 -33.29
C ALA D 158 -4.14 -13.49 -34.22
N GLU D 159 -5.43 -13.58 -33.90
CA GLU D 159 -6.42 -14.29 -34.71
C GLU D 159 -6.47 -13.70 -36.12
N GLY D 160 -6.37 -12.39 -36.22
CA GLY D 160 -6.31 -11.70 -37.51
C GLY D 160 -4.98 -11.78 -38.28
N ARG D 161 -3.96 -12.46 -37.74
CA ARG D 161 -2.65 -12.50 -38.37
C ARG D 161 -2.28 -13.91 -38.86
N PRO D 162 -1.40 -14.00 -39.86
CA PRO D 162 -1.07 -15.28 -40.49
C PRO D 162 -0.65 -16.37 -39.51
N ARG D 163 0.21 -16.06 -38.55
CA ARG D 163 0.74 -17.12 -37.68
C ARG D 163 -0.14 -17.46 -36.44
N LYS D 164 -1.11 -16.62 -36.10
CA LYS D 164 -2.02 -16.93 -34.99
C LYS D 164 -1.33 -17.39 -33.70
N THR D 165 -0.27 -16.68 -33.31
CA THR D 165 0.50 -17.05 -32.12
C THR D 165 0.57 -15.88 -31.14
N LEU D 166 0.32 -16.18 -29.86
CA LEU D 166 0.34 -15.17 -28.81
C LEU D 166 1.21 -15.64 -27.67
N HIS D 167 2.19 -14.81 -27.31
CA HIS D 167 3.02 -15.06 -26.13
C HIS D 167 2.59 -14.11 -25.04
N ILE D 168 2.36 -14.65 -23.85
CA ILE D 168 2.08 -13.82 -22.68
C ILE D 168 3.38 -13.66 -21.89
N ALA D 169 3.93 -12.45 -21.89
CA ALA D 169 5.15 -12.15 -21.12
C ALA D 169 4.79 -11.66 -19.74
N HIS D 170 5.43 -12.22 -18.71
CA HIS D 170 5.03 -11.99 -17.33
C HIS D 170 6.15 -12.25 -16.32
N LYS D 171 5.93 -11.89 -15.04
CA LYS D 171 6.79 -12.30 -13.87
C LYS D 171 5.97 -12.92 -12.75
N ALA D 172 5.17 -13.91 -13.11
CA ALA D 172 4.23 -14.52 -12.19
C ALA D 172 4.97 -15.34 -11.17
N ASN D 173 6.11 -15.88 -11.58
CA ASN D 173 7.00 -16.67 -10.70
C ASN D 173 7.51 -15.91 -9.50
N VAL D 174 7.64 -14.59 -9.63
CA VAL D 174 8.02 -13.69 -8.54
C VAL D 174 6.81 -12.97 -7.96
N LEU D 175 5.81 -12.65 -8.80
CA LEU D 175 4.62 -11.92 -8.36
C LEU D 175 3.33 -12.66 -8.73
N PRO D 176 3.03 -13.76 -8.00
CA PRO D 176 1.91 -14.63 -8.40
C PRO D 176 0.52 -14.03 -8.21
N LEU D 177 0.38 -13.09 -7.29
CA LEU D 177 -0.90 -12.40 -7.15
C LEU D 177 -1.13 -11.33 -8.25
N THR D 178 -0.14 -10.51 -8.57
CA THR D 178 -0.37 -9.48 -9.58
C THR D 178 -0.11 -10.02 -10.98
N GLN D 179 1.14 -10.39 -11.24
CA GLN D 179 1.50 -10.98 -12.51
C GLN D 179 0.76 -12.31 -12.77
N GLY D 180 0.50 -13.08 -11.72
CA GLY D 180 -0.28 -14.33 -11.85
C GLY D 180 -1.74 -14.12 -12.25
N LEU D 181 -2.40 -13.12 -11.69
CA LEU D 181 -3.77 -12.74 -12.11
C LEU D 181 -3.80 -12.37 -13.59
N PHE D 182 -2.79 -11.61 -14.02
CA PHE D 182 -2.69 -11.21 -15.43
C PHE D 182 -2.55 -12.43 -16.34
N LEU D 183 -1.57 -13.28 -16.03
CA LEU D 183 -1.32 -14.52 -16.77
C LEU D 183 -2.60 -15.37 -16.89
N ASP D 184 -3.22 -15.68 -15.75
CA ASP D 184 -4.34 -16.61 -15.71
C ASP D 184 -5.56 -16.03 -16.40
N THR D 185 -5.78 -14.73 -16.23
CA THR D 185 -6.92 -14.10 -16.87
C THR D 185 -6.79 -14.14 -18.39
N VAL D 186 -5.60 -13.87 -18.93
CA VAL D 186 -5.41 -13.91 -20.37
C VAL D 186 -5.59 -15.33 -20.89
N LYS D 187 -5.03 -16.32 -20.19
CA LYS D 187 -5.26 -17.72 -20.55
C LYS D 187 -6.74 -18.14 -20.50
N GLU D 188 -7.49 -17.57 -19.56
CA GLU D 188 -8.92 -17.79 -19.46
C GLU D 188 -9.66 -17.25 -20.69
N VAL D 189 -9.41 -16.01 -21.07
CA VAL D 189 -10.10 -15.46 -22.22
C VAL D 189 -9.64 -16.11 -23.54
N ALA D 190 -8.43 -16.68 -23.55
CA ALA D 190 -7.93 -17.39 -24.71
C ALA D 190 -8.84 -18.56 -25.13
N LYS D 191 -9.62 -19.09 -24.19
CA LYS D 191 -10.57 -20.15 -24.50
C LYS D 191 -11.61 -19.76 -25.55
N ASP D 192 -11.90 -18.48 -25.70
CA ASP D 192 -12.76 -18.03 -26.79
C ASP D 192 -12.06 -17.84 -28.14
N PHE D 193 -10.77 -18.19 -28.21
CA PHE D 193 -9.99 -18.05 -29.44
C PHE D 193 -9.22 -19.35 -29.71
N PRO D 194 -9.94 -20.44 -30.05
CA PRO D 194 -9.26 -21.73 -30.27
C PRO D 194 -8.33 -21.75 -31.50
N LEU D 195 -8.47 -20.78 -32.40
CA LEU D 195 -7.53 -20.63 -33.52
C LEU D 195 -6.15 -20.13 -33.07
N VAL D 196 -6.11 -19.38 -31.98
CA VAL D 196 -4.84 -18.84 -31.48
C VAL D 196 -4.07 -19.84 -30.60
N ASN D 197 -2.79 -19.97 -30.90
CA ASN D 197 -1.88 -20.75 -30.10
C ASN D 197 -1.28 -19.83 -29.02
N VAL D 198 -1.50 -20.19 -27.76
CA VAL D 198 -1.12 -19.34 -26.64
C VAL D 198 0.02 -19.98 -25.87
N GLN D 199 1.03 -19.18 -25.59
CA GLN D 199 2.24 -19.63 -24.87
C GLN D 199 2.53 -18.62 -23.79
N ASP D 200 3.20 -19.03 -22.72
CA ASP D 200 3.65 -18.03 -21.76
C ASP D 200 5.13 -18.02 -21.65
N ILE D 201 5.68 -16.87 -21.33
CA ILE D 201 7.13 -16.73 -21.25
C ILE D 201 7.44 -15.76 -20.13
N ILE D 202 8.37 -16.13 -19.27
CA ILE D 202 8.83 -15.21 -18.24
C ILE D 202 9.55 -14.08 -18.98
N VAL D 203 9.32 -12.85 -18.52
CA VAL D 203 9.66 -11.64 -19.28
C VAL D 203 11.17 -11.44 -19.50
N ASP D 204 11.99 -11.93 -18.60
CA ASP D 204 13.42 -11.82 -18.84
C ASP D 204 13.84 -12.72 -19.99
N ASN D 205 13.35 -13.95 -20.00
CA ASN D 205 13.58 -14.86 -21.10
C ASN D 205 13.05 -14.25 -22.39
N CYS D 206 11.85 -13.68 -22.33
CA CYS D 206 11.29 -13.02 -23.50
C CYS D 206 12.28 -12.02 -24.08
N ALA D 207 12.96 -11.28 -23.21
CA ALA D 207 13.89 -10.25 -23.68
C ALA D 207 15.13 -10.88 -24.30
N MET D 208 15.65 -11.94 -23.71
CA MET D 208 16.74 -12.68 -24.37
C MET D 208 16.31 -13.29 -25.71
N GLN D 209 15.10 -13.83 -25.79
CA GLN D 209 14.60 -14.42 -27.04
C GLN D 209 14.42 -13.37 -28.14
N LEU D 210 13.95 -12.18 -27.77
CA LEU D 210 13.82 -11.07 -28.72
C LEU D 210 15.17 -10.63 -29.34
N VAL D 211 16.22 -10.68 -28.54
CA VAL D 211 17.56 -10.34 -28.99
C VAL D 211 18.06 -11.43 -29.94
N MET D 212 17.92 -12.68 -29.55
CA MET D 212 18.53 -13.79 -30.29
C MET D 212 17.68 -14.28 -31.44
N ARG D 213 16.36 -14.32 -31.28
CA ARG D 213 15.51 -14.91 -32.31
C ARG D 213 14.13 -14.25 -32.42
N PRO D 214 14.15 -12.94 -32.71
CA PRO D 214 12.90 -12.21 -32.75
C PRO D 214 11.94 -12.76 -33.79
N GLU D 215 12.48 -13.42 -34.81
CA GLU D 215 11.65 -14.03 -35.85
C GLU D 215 10.63 -15.05 -35.32
N ARG D 216 10.83 -15.55 -34.11
CA ARG D 216 9.94 -16.55 -33.53
C ARG D 216 8.63 -15.98 -33.03
N PHE D 217 8.54 -14.66 -32.87
CA PHE D 217 7.37 -14.05 -32.25
C PHE D 217 6.39 -13.55 -33.27
N ASP D 218 5.11 -13.68 -32.91
CA ASP D 218 4.02 -13.09 -33.66
C ASP D 218 3.45 -11.96 -32.81
N VAL D 219 2.60 -12.26 -31.83
CA VAL D 219 2.02 -11.24 -30.94
C VAL D 219 2.52 -11.53 -29.53
N ILE D 220 2.92 -10.47 -28.83
CA ILE D 220 3.30 -10.54 -27.41
C ILE D 220 2.36 -9.63 -26.61
N VAL D 221 1.74 -10.17 -25.55
CA VAL D 221 0.92 -9.34 -24.70
C VAL D 221 1.58 -9.27 -23.35
N THR D 222 1.57 -8.09 -22.77
CA THR D 222 2.22 -7.91 -21.48
C THR D 222 1.68 -6.68 -20.77
N THR D 223 2.17 -6.46 -19.56
CA THR D 223 1.70 -5.38 -18.69
C THR D 223 2.44 -4.08 -18.98
N ASN D 224 2.08 -3.02 -18.25
CA ASN D 224 2.44 -1.65 -18.64
C ASN D 224 3.94 -1.35 -18.74
N LEU D 225 4.66 -1.42 -17.61
CA LEU D 225 6.11 -1.19 -17.60
C LEU D 225 6.86 -2.24 -18.44
N LEU D 226 6.47 -3.50 -18.32
CA LEU D 226 7.12 -4.55 -19.09
C LEU D 226 7.03 -4.24 -20.59
N GLY D 227 5.88 -3.77 -21.03
CA GLY D 227 5.68 -3.46 -22.44
C GLY D 227 6.49 -2.25 -22.89
N ASP D 228 6.60 -1.26 -22.01
CA ASP D 228 7.46 -0.09 -22.26
C ASP D 228 8.88 -0.53 -22.66
N ILE D 229 9.43 -1.44 -21.84
CA ILE D 229 10.77 -1.93 -22.03
C ILE D 229 10.89 -2.78 -23.27
N LEU D 230 10.06 -3.82 -23.40
CA LEU D 230 10.18 -4.73 -24.54
C LEU D 230 9.95 -4.05 -25.88
N SER D 231 9.23 -2.94 -25.89
CA SER D 231 8.92 -2.29 -27.15
C SER D 231 10.07 -1.39 -27.65
N ASP D 232 10.81 -0.76 -26.73
CA ASP D 232 12.05 -0.06 -27.14
C ASP D 232 13.12 -1.07 -27.59
N LEU D 233 13.24 -2.18 -26.86
CA LEU D 233 14.15 -3.26 -27.28
C LEU D 233 13.85 -3.70 -28.72
N ALA D 234 12.59 -4.01 -29.00
CA ALA D 234 12.19 -4.49 -30.31
C ALA D 234 12.46 -3.45 -31.39
N ALA D 235 12.23 -2.18 -31.08
CA ALA D 235 12.56 -1.14 -32.04
C ALA D 235 14.03 -1.20 -32.40
N GLY D 236 14.89 -1.46 -31.42
CA GLY D 236 16.33 -1.56 -31.66
C GLY D 236 16.68 -2.66 -32.65
N LEU D 237 15.88 -3.71 -32.67
CA LEU D 237 16.08 -4.83 -33.59
C LEU D 237 15.77 -4.51 -35.04
N VAL D 238 14.93 -3.51 -35.31
CA VAL D 238 14.51 -3.23 -36.67
C VAL D 238 14.79 -1.80 -37.12
N GLY D 239 15.94 -1.24 -36.74
CA GLY D 239 16.36 0.08 -37.23
C GLY D 239 16.27 1.25 -36.26
N GLY D 240 15.63 1.04 -35.11
CA GLY D 240 15.63 2.00 -34.02
C GLY D 240 14.35 2.79 -33.81
N LEU D 241 14.38 3.74 -32.87
CA LEU D 241 13.21 4.57 -32.54
C LEU D 241 12.79 5.53 -33.67
N GLY D 242 13.72 5.78 -34.60
CA GLY D 242 13.39 6.48 -35.83
C GLY D 242 12.22 5.92 -36.61
N LEU D 243 11.92 4.63 -36.44
CA LEU D 243 10.93 3.92 -37.28
C LEU D 243 9.70 3.34 -36.56
N ALA D 244 9.67 3.40 -35.24
CA ALA D 244 8.74 2.59 -34.45
C ALA D 244 7.42 3.31 -34.15
N PRO D 245 6.30 2.76 -34.64
CA PRO D 245 5.02 3.42 -34.45
C PRO D 245 4.18 2.80 -33.35
N SER D 246 3.14 3.51 -32.92
CA SER D 246 2.19 2.92 -32.01
C SER D 246 0.81 3.54 -32.06
N GLY D 247 -0.14 2.78 -31.52
CA GLY D 247 -1.50 3.24 -31.28
C GLY D 247 -1.94 2.97 -29.84
N ASN D 248 -2.41 4.03 -29.19
CA ASN D 248 -3.08 3.96 -27.91
C ASN D 248 -4.57 3.85 -28.22
N ILE D 249 -5.09 2.64 -28.16
CA ILE D 249 -6.44 2.40 -28.65
C ILE D 249 -7.40 1.97 -27.54
N GLY D 250 -8.49 2.73 -27.41
CA GLY D 250 -9.62 2.36 -26.58
C GLY D 250 -10.85 2.00 -27.40
N ASP D 251 -11.99 1.95 -26.73
CA ASP D 251 -13.24 1.49 -27.34
C ASP D 251 -13.91 2.55 -28.20
N THR D 252 -13.68 3.82 -27.90
CA THR D 252 -14.30 4.88 -28.68
C THR D 252 -13.31 5.86 -29.32
N THR D 253 -12.08 5.95 -28.80
CA THR D 253 -11.05 6.70 -29.50
C THR D 253 -9.70 6.06 -29.52
N ALA D 254 -8.84 6.65 -30.32
CA ALA D 254 -7.48 6.25 -30.45
C ALA D 254 -6.54 7.48 -30.57
N VAL D 255 -5.38 7.37 -29.93
CA VAL D 255 -4.32 8.36 -30.07
C VAL D 255 -3.08 7.64 -30.60
N PHE D 256 -2.66 8.02 -31.81
CA PHE D 256 -1.52 7.41 -32.48
C PHE D 256 -0.28 8.24 -32.24
N GLU D 257 0.80 7.55 -31.86
CA GLU D 257 2.05 8.24 -31.53
C GLU D 257 3.24 7.32 -31.82
N PRO D 258 4.39 7.93 -32.15
CA PRO D 258 5.62 7.17 -32.22
C PRO D 258 5.98 6.67 -30.84
N VAL D 259 6.62 5.51 -30.78
CA VAL D 259 7.08 4.93 -29.54
C VAL D 259 8.09 5.87 -28.88
N HIS D 260 8.85 6.59 -29.71
CA HIS D 260 9.92 7.45 -29.20
C HIS D 260 9.39 8.65 -28.41
N GLY D 261 10.27 9.29 -27.65
CA GLY D 261 9.95 10.49 -26.90
C GLY D 261 10.36 11.76 -27.57
N SER D 262 10.56 12.80 -26.77
CA SER D 262 10.87 14.12 -27.31
C SER D 262 12.30 14.27 -27.83
N ALA D 263 13.16 13.32 -27.51
CA ALA D 263 14.54 13.27 -28.02
C ALA D 263 15.27 14.61 -27.94
N PRO D 264 15.41 15.14 -26.72
CA PRO D 264 15.99 16.46 -26.57
C PRO D 264 17.44 16.54 -27.01
N ASP D 265 18.13 15.41 -27.08
CA ASP D 265 19.50 15.41 -27.59
C ASP D 265 19.57 15.81 -29.09
N ILE D 266 18.48 15.66 -29.85
CA ILE D 266 18.52 16.05 -31.25
C ILE D 266 17.49 17.09 -31.65
N ALA D 267 16.65 17.53 -30.71
CA ALA D 267 15.63 18.54 -31.02
C ALA D 267 16.32 19.81 -31.43
N GLY D 268 15.89 20.38 -32.56
CA GLY D 268 16.52 21.57 -33.13
C GLY D 268 17.70 21.33 -34.07
N LYS D 269 18.02 20.08 -34.36
CA LYS D 269 19.15 19.76 -35.25
C LYS D 269 18.75 19.54 -36.72
N GLY D 270 17.45 19.47 -36.98
CA GLY D 270 16.93 19.32 -38.32
C GLY D 270 17.05 17.93 -38.91
N ILE D 271 17.29 16.93 -38.07
CA ILE D 271 17.67 15.59 -38.56
C ILE D 271 16.81 14.43 -38.02
N ALA D 272 15.87 14.70 -37.13
CA ALA D 272 15.01 13.66 -36.58
C ALA D 272 14.33 12.86 -37.69
N ASN D 273 14.27 11.55 -37.50
CA ASN D 273 13.64 10.68 -38.47
C ASN D 273 12.14 10.70 -38.24
N PRO D 274 11.36 11.14 -39.25
CA PRO D 274 9.92 11.28 -39.13
C PRO D 274 9.19 10.00 -39.47
N THR D 275 9.92 8.93 -39.78
CA THR D 275 9.29 7.66 -40.15
C THR D 275 8.33 7.13 -39.07
N ALA D 276 8.74 7.18 -37.81
CA ALA D 276 7.88 6.67 -36.76
C ALA D 276 6.54 7.40 -36.71
N ALA D 277 6.55 8.71 -36.90
CA ALA D 277 5.32 9.50 -36.86
C ALA D 277 4.45 9.27 -38.08
N ILE D 278 5.09 9.08 -39.24
CA ILE D 278 4.39 8.82 -40.48
C ILE D 278 3.74 7.43 -40.48
N LEU D 279 4.44 6.43 -39.98
CA LEU D 279 3.88 5.08 -39.86
C LEU D 279 2.82 5.03 -38.77
N SER D 280 2.96 5.85 -37.75
CA SER D 280 1.85 5.99 -36.78
C SER D 280 0.60 6.56 -37.48
N ALA D 281 0.82 7.49 -38.40
CA ALA D 281 -0.28 8.03 -39.21
C ALA D 281 -0.88 6.94 -40.11
N ALA D 282 -0.05 6.02 -40.59
CA ALA D 282 -0.52 4.89 -41.38
C ALA D 282 -1.42 3.99 -40.53
N MET D 283 -1.00 3.69 -39.31
CA MET D 283 -1.82 2.91 -38.41
C MET D 283 -3.15 3.63 -38.17
N MET D 284 -3.08 4.96 -38.10
CA MET D 284 -4.25 5.81 -37.90
C MET D 284 -5.21 5.68 -39.08
N LEU D 285 -4.68 5.69 -40.30
CA LEU D 285 -5.50 5.53 -41.51
C LEU D 285 -6.16 4.15 -41.51
N ASP D 286 -5.42 3.14 -41.09
CA ASP D 286 -5.96 1.78 -40.95
C ASP D 286 -7.13 1.74 -39.97
N TYR D 287 -6.96 2.40 -38.82
CA TYR D 287 -7.99 2.41 -37.78
C TYR D 287 -9.25 3.10 -38.28
N LEU D 288 -9.10 4.09 -39.14
CA LEU D 288 -10.24 4.82 -39.67
C LEU D 288 -11.00 4.07 -40.78
N GLY D 289 -10.46 2.95 -41.26
CA GLY D 289 -11.07 2.23 -42.37
C GLY D 289 -10.50 2.59 -43.76
N GLU D 290 -9.30 3.17 -43.79
CA GLU D 290 -8.65 3.50 -45.05
C GLU D 290 -7.42 2.63 -45.25
N LYS D 291 -7.65 1.31 -45.28
CA LYS D 291 -6.57 0.32 -45.43
C LYS D 291 -5.68 0.55 -46.66
N GLU D 292 -6.27 0.98 -47.76
CA GLU D 292 -5.50 1.13 -48.99
C GLU D 292 -4.51 2.26 -48.86
N ALA D 293 -4.99 3.40 -48.38
CA ALA D 293 -4.15 4.56 -48.19
C ALA D 293 -3.04 4.25 -47.18
N ALA D 294 -3.39 3.50 -46.13
CA ALA D 294 -2.41 3.08 -45.13
C ALA D 294 -1.27 2.34 -45.78
N LYS D 295 -1.63 1.36 -46.61
CA LYS D 295 -0.63 0.54 -47.27
C LYS D 295 0.23 1.38 -48.23
N ARG D 296 -0.38 2.37 -48.86
CA ARG D 296 0.34 3.22 -49.78
C ARG D 296 1.37 4.05 -49.01
N VAL D 297 0.97 4.55 -47.85
CA VAL D 297 1.89 5.33 -47.02
C VAL D 297 3.08 4.46 -46.60
N GLU D 298 2.80 3.22 -46.20
CA GLU D 298 3.84 2.31 -45.77
C GLU D 298 4.79 1.95 -46.90
N LYS D 299 4.21 1.65 -48.07
CA LYS D 299 4.96 1.43 -49.32
C LYS D 299 5.91 2.57 -49.65
N ALA D 300 5.39 3.80 -49.58
CA ALA D 300 6.15 5.01 -49.88
C ALA D 300 7.37 5.14 -48.95
N VAL D 301 7.13 4.89 -47.67
CA VAL D 301 8.18 4.95 -46.67
C VAL D 301 9.25 3.91 -46.94
N ASP D 302 8.83 2.71 -47.34
CA ASP D 302 9.75 1.60 -47.61
C ASP D 302 10.61 1.82 -48.84
N LEU D 303 10.02 2.41 -49.88
CA LEU D 303 10.75 2.79 -51.08
C LEU D 303 11.91 3.69 -50.68
N VAL D 304 11.61 4.74 -49.93
CA VAL D 304 12.60 5.71 -49.54
C VAL D 304 13.63 5.12 -48.60
N LEU D 305 13.17 4.35 -47.63
CA LEU D 305 14.08 3.68 -46.75
C LEU D 305 15.07 2.82 -47.56
N GLU D 306 14.59 2.19 -48.62
CA GLU D 306 15.45 1.29 -49.36
C GLU D 306 16.48 2.03 -50.20
N ARG D 307 16.06 3.07 -50.90
CA ARG D 307 16.94 3.71 -51.88
C ARG D 307 17.44 5.09 -51.48
N GLY D 308 17.05 5.57 -50.29
CA GLY D 308 17.50 6.87 -49.78
C GLY D 308 16.60 7.98 -50.29
N PRO D 309 16.81 9.21 -49.79
CA PRO D 309 17.81 9.61 -48.79
C PRO D 309 17.47 9.13 -47.37
N ARG D 310 18.48 9.08 -46.50
CA ARG D 310 18.32 8.57 -45.14
C ARG D 310 18.86 9.55 -44.10
N THR D 311 18.15 9.62 -42.98
CA THR D 311 18.54 10.47 -41.88
C THR D 311 19.69 9.81 -41.12
N PRO D 312 20.42 10.59 -40.32
CA PRO D 312 21.63 10.07 -39.67
C PRO D 312 21.43 8.82 -38.81
N ASP D 313 20.26 8.65 -38.21
CA ASP D 313 19.98 7.44 -37.41
C ASP D 313 19.96 6.17 -38.28
N LEU D 314 19.82 6.31 -39.59
CA LEU D 314 19.92 5.20 -40.52
C LEU D 314 21.24 5.22 -41.28
N GLY D 315 22.19 6.03 -40.82
CA GLY D 315 23.53 6.07 -41.40
C GLY D 315 23.65 7.00 -42.59
N GLY D 316 22.61 7.79 -42.86
CA GLY D 316 22.62 8.74 -43.95
C GLY D 316 22.98 10.12 -43.45
N ASP D 317 22.77 11.11 -44.31
CA ASP D 317 23.09 12.49 -43.99
C ASP D 317 21.95 13.43 -44.35
N ALA D 318 20.75 12.88 -44.50
CA ALA D 318 19.61 13.64 -44.97
C ALA D 318 18.95 14.38 -43.82
N THR D 319 18.40 15.54 -44.12
CA THR D 319 17.57 16.27 -43.17
C THR D 319 16.19 15.63 -43.09
N THR D 320 15.45 15.97 -42.04
CA THR D 320 14.05 15.58 -41.87
C THR D 320 13.21 16.03 -43.09
N GLU D 321 13.39 17.29 -43.46
CA GLU D 321 12.74 17.91 -44.62
C GLU D 321 12.98 17.13 -45.93
N ALA D 322 14.23 16.87 -46.24
CA ALA D 322 14.59 16.10 -47.43
C ALA D 322 13.98 14.69 -47.44
N PHE D 323 13.95 14.03 -46.28
CA PHE D 323 13.41 12.68 -46.19
C PHE D 323 11.89 12.70 -46.39
N THR D 324 11.24 13.65 -45.73
CA THR D 324 9.79 13.79 -45.84
C THR D 324 9.37 14.02 -47.28
N GLU D 325 10.07 14.95 -47.95
CA GLU D 325 9.81 15.21 -49.37
C GLU D 325 10.00 13.99 -50.25
N ALA D 326 11.02 13.18 -49.96
CA ALA D 326 11.19 11.95 -50.72
C ALA D 326 9.96 11.05 -50.55
N VAL D 327 9.45 10.96 -49.33
CA VAL D 327 8.29 10.12 -49.05
C VAL D 327 7.02 10.67 -49.71
N VAL D 328 6.85 11.98 -49.71
CA VAL D 328 5.71 12.59 -50.38
C VAL D 328 5.70 12.28 -51.88
N GLU D 329 6.86 12.42 -52.52
CA GLU D 329 6.97 12.13 -53.95
C GLU D 329 6.78 10.65 -54.25
N ALA D 330 7.32 9.78 -53.41
CA ALA D 330 7.10 8.36 -53.58
C ALA D 330 5.60 8.01 -53.49
N LEU D 331 4.91 8.62 -52.53
CA LEU D 331 3.48 8.39 -52.36
C LEU D 331 2.70 8.91 -53.57
N LYS D 332 2.96 10.15 -53.99
CA LYS D 332 2.33 10.72 -55.19
C LYS D 332 2.47 9.81 -56.42
N SER D 333 3.59 9.09 -56.54
CA SER D 333 3.81 8.16 -57.65
C SER D 333 3.08 6.82 -57.50
N LEU D 334 2.45 6.55 -56.38
CA LEU D 334 1.62 5.35 -56.24
C LEU D 334 0.15 5.73 -56.45
#